data_1QDD
# 
_entry.id   1QDD 
# 
_audit_conform.dict_name       mmcif_pdbx.dic 
_audit_conform.dict_version    5.399 
_audit_conform.dict_location   http://mmcif.pdb.org/dictionaries/ascii/mmcif_pdbx.dic 
# 
loop_
_database_2.database_id 
_database_2.database_code 
_database_2.pdbx_database_accession 
_database_2.pdbx_DOI 
PDB   1QDD         pdb_00001qdd 10.2210/pdb1qdd/pdb 
RCSB  RCSB009104   ?            ?                   
WWPDB D_1000009104 ?            ?                   
# 
loop_
_pdbx_audit_revision_history.ordinal 
_pdbx_audit_revision_history.data_content_type 
_pdbx_audit_revision_history.major_revision 
_pdbx_audit_revision_history.minor_revision 
_pdbx_audit_revision_history.revision_date 
1 'Structure model' 1 0 1999-05-28 
2 'Structure model' 1 1 2008-04-27 
3 'Structure model' 1 2 2011-07-13 
4 'Structure model' 2 0 2020-07-29 
5 'Structure model' 2 1 2021-11-03 
6 'Structure model' 2 2 2024-11-20 
# 
loop_
_pdbx_audit_revision_details.ordinal 
_pdbx_audit_revision_details.revision_ordinal 
_pdbx_audit_revision_details.data_content_type 
_pdbx_audit_revision_details.provider 
_pdbx_audit_revision_details.type 
_pdbx_audit_revision_details.description 
_pdbx_audit_revision_details.details 
1 1 'Structure model' repository 'Initial release' ?                          ? 
2 4 'Structure model' repository Remediation       'Carbohydrate remediation' ? 
# 
loop_
_pdbx_audit_revision_group.ordinal 
_pdbx_audit_revision_group.revision_ordinal 
_pdbx_audit_revision_group.data_content_type 
_pdbx_audit_revision_group.group 
1  2 'Structure model' 'Version format compliance' 
2  3 'Structure model' 'Version format compliance' 
3  4 'Structure model' Advisory                    
4  4 'Structure model' 'Atomic model'              
5  4 'Structure model' 'Data collection'           
6  4 'Structure model' 'Derived calculations'      
7  4 'Structure model' 'Structure summary'         
8  5 'Structure model' 'Database references'       
9  5 'Structure model' 'Structure summary'         
10 6 'Structure model' 'Data collection'           
11 6 'Structure model' 'Structure summary'         
# 
loop_
_pdbx_audit_revision_category.ordinal 
_pdbx_audit_revision_category.revision_ordinal 
_pdbx_audit_revision_category.data_content_type 
_pdbx_audit_revision_category.category 
1  4 'Structure model' atom_site                     
2  4 'Structure model' chem_comp                     
3  4 'Structure model' database_PDB_caveat           
4  4 'Structure model' diffrn_source                 
5  4 'Structure model' entity                        
6  4 'Structure model' pdbx_branch_scheme            
7  4 'Structure model' pdbx_chem_comp_identifier     
8  4 'Structure model' pdbx_entity_branch            
9  4 'Structure model' pdbx_entity_branch_descriptor 
10 4 'Structure model' pdbx_entity_branch_link       
11 4 'Structure model' pdbx_entity_branch_list       
12 4 'Structure model' pdbx_entity_nonpoly           
13 4 'Structure model' pdbx_nonpoly_scheme           
14 4 'Structure model' pdbx_struct_assembly_gen      
15 4 'Structure model' pdbx_validate_chiral          
16 4 'Structure model' pdbx_validate_close_contact   
17 4 'Structure model' pdbx_validate_symm_contact    
18 4 'Structure model' struct_asym                   
19 4 'Structure model' struct_conn                   
20 4 'Structure model' struct_site                   
21 4 'Structure model' struct_site_gen               
22 5 'Structure model' chem_comp                     
23 5 'Structure model' database_2                    
24 5 'Structure model' struct_ref_seq_dif            
25 6 'Structure model' chem_comp_atom                
26 6 'Structure model' chem_comp_bond                
27 6 'Structure model' pdbx_entry_details            
28 6 'Structure model' pdbx_modification_feature     
# 
loop_
_pdbx_audit_revision_item.ordinal 
_pdbx_audit_revision_item.revision_ordinal 
_pdbx_audit_revision_item.data_content_type 
_pdbx_audit_revision_item.item 
1  4 'Structure model' '_atom_site.B_iso_or_equiv'                  
2  4 'Structure model' '_atom_site.Cartn_x'                         
3  4 'Structure model' '_atom_site.Cartn_y'                         
4  4 'Structure model' '_atom_site.Cartn_z'                         
5  4 'Structure model' '_atom_site.auth_asym_id'                    
6  4 'Structure model' '_atom_site.auth_atom_id'                    
7  4 'Structure model' '_atom_site.auth_comp_id'                    
8  4 'Structure model' '_atom_site.auth_seq_id'                     
9  4 'Structure model' '_atom_site.label_asym_id'                   
10 4 'Structure model' '_atom_site.label_atom_id'                   
11 4 'Structure model' '_atom_site.label_comp_id'                   
12 4 'Structure model' '_atom_site.label_entity_id'                 
13 4 'Structure model' '_atom_site.type_symbol'                     
14 4 'Structure model' '_chem_comp.name'                            
15 4 'Structure model' '_chem_comp.type'                            
16 4 'Structure model' '_diffrn_source.pdbx_synchrotron_site'       
17 4 'Structure model' '_pdbx_struct_assembly_gen.asym_id_list'     
18 4 'Structure model' '_pdbx_validate_chiral.auth_asym_id'         
19 4 'Structure model' '_pdbx_validate_chiral.auth_seq_id'          
20 4 'Structure model' '_pdbx_validate_symm_contact.auth_asym_id_1' 
21 4 'Structure model' '_pdbx_validate_symm_contact.auth_seq_id_1'  
22 5 'Structure model' '_chem_comp.pdbx_synonyms'                   
23 5 'Structure model' '_database_2.pdbx_DOI'                       
24 5 'Structure model' '_database_2.pdbx_database_accession'        
25 5 'Structure model' '_struct_ref_seq_dif.details'                
# 
_database_PDB_caveat.id     1 
_database_PDB_caveat.text   'SIA B 3 HAS WRONG CHIRALITY AT ATOM C2' 
# 
_pdbx_database_status.status_code                     REL 
_pdbx_database_status.entry_id                        1QDD 
_pdbx_database_status.recvd_initial_deposition_date   1999-05-20 
_pdbx_database_status.deposit_site                    RCSB 
_pdbx_database_status.process_site                    RCSB 
_pdbx_database_status.SG_entry                        . 
_pdbx_database_status.pdb_format_compatible           Y 
_pdbx_database_status.status_code_mr                  ? 
_pdbx_database_status.status_code_sf                  ? 
_pdbx_database_status.status_code_cs                  ? 
_pdbx_database_status.status_code_nmr_data            ? 
_pdbx_database_status.methods_development_category    ? 
# 
_pdbx_database_related.db_name        PDB 
_pdbx_database_related.db_id          1LIT 
_pdbx_database_related.details        'CRYSTAL STRUCTURE OF HUMAN LITHOSTATHINE' 
_pdbx_database_related.content_type   unspecified 
# 
loop_
_audit_author.name 
_audit_author.pdbx_ordinal 
'Gerbaud, V.'            1 
'Pignol, D.'             2 
'Loret, E.'              3 
'Bertrand, J.A.'         4 
'Berland, Y.'            5 
'Fontecilla-Camps, J.C.' 6 
'Canselier, J.P.'        7 
'Gabas, N.'              8 
'Verdier, J.M.'          9 
# 
loop_
_citation.id 
_citation.title 
_citation.journal_abbrev 
_citation.journal_volume 
_citation.page_first 
_citation.page_last 
_citation.year 
_citation.journal_id_ASTM 
_citation.country 
_citation.journal_id_ISSN 
_citation.journal_id_CSD 
_citation.book_publisher 
_citation.pdbx_database_id_PubMed 
_citation.pdbx_database_id_DOI 
primary 'Mechanism of calcite crystal growth inhibition by the N-terminal undecapeptide of lithostathine.' J.Biol.Chem. 275 1057 
1064 2000 JBCHA3 US 0021-9258 0071 ? 10625646 10.1074/jbc.275.2.1057 
1       'Crystal structure of human lithostathine, the pancreatic inhibitor of stone formation'            'Embo J.'    15  2678 
2684 1996 EMJODG UK 0261-4189 0897 ? ?        ?                      
# 
loop_
_citation_author.citation_id 
_citation_author.name 
_citation_author.ordinal 
_citation_author.identifier_ORCID 
primary 'Gerbaud, V.'            1  ? 
primary 'Pignol, D.'             2  ? 
primary 'Loret, E.'              3  ? 
primary 'Bertrand, J.A.'         4  ? 
primary 'Berland, Y.'            5  ? 
primary 'Fontecilla-Camps, J.C.' 6  ? 
primary 'Canselier, J.P.'        7  ? 
primary 'Gabas, N.'              8  ? 
primary 'Verdier, J.M.'          9  ? 
1       'Bertrand, J.'           10 ? 
1       'Pignol, D.'             11 ? 
1       'Bernard, J.P.'          12 ? 
1       'Verdier, J.M.'          13 ? 
1       'Dagorn, J.C.'           14 ? 
1       'Fontecilla-Camps, J.C.' 15 ? 
# 
loop_
_entity.id 
_entity.type 
_entity.src_method 
_entity.pdbx_description 
_entity.formula_weight 
_entity.pdbx_number_of_molecules 
_entity.pdbx_ec 
_entity.pdbx_mutation 
_entity.pdbx_fragment 
_entity.details 
1 polymer  nat LITHOSTATHINE                                                                                                  
16204.920 1   ? ALA88ARG ? ? 
2 branched man 'beta-D-galactopyranose-(1-3)-[N-acetyl-alpha-neuraminic acid-(2-6)]2-acetamido-2-deoxy-alpha-D-glucopyranose' 
674.604   1   ? ?        ? ? 
3 water    nat water                                                                                                          
18.015    135 ? ?        ? ? 
# 
_entity_name_com.entity_id   1 
_entity_name_com.name        'PANCREATIC STONE PROTEIN, PSP' 
# 
_entity_poly.entity_id                      1 
_entity_poly.type                           'polypeptide(L)' 
_entity_poly.nstd_linkage                   no 
_entity_poly.nstd_monomer                   no 
_entity_poly.pdbx_seq_one_letter_code       
;QEAQTELPQARISCPEGTNAYRSYCYYFNEDRETWVDADLYCQNMNSGNLVSVLTQAEGAFVASLIKESGTDDFNVWIGL
HDPKKNRAWHWSSGSLVSYKSWGIGAPSSVNPGYCVSLTSSTGFQKWKDVPCEDKFSFVCKFKN
;
_entity_poly.pdbx_seq_one_letter_code_can   
;QEAQTELPQARISCPEGTNAYRSYCYYFNEDRETWVDADLYCQNMNSGNLVSVLTQAEGAFVASLIKESGTDDFNVWIGL
HDPKKNRAWHWSSGSLVSYKSWGIGAPSSVNPGYCVSLTSSTGFQKWKDVPCEDKFSFVCKFKN
;
_entity_poly.pdbx_strand_id                 A 
_entity_poly.pdbx_target_identifier         ? 
# 
_pdbx_entity_nonpoly.entity_id   3 
_pdbx_entity_nonpoly.name        water 
_pdbx_entity_nonpoly.comp_id     HOH 
# 
loop_
_entity_poly_seq.entity_id 
_entity_poly_seq.num 
_entity_poly_seq.mon_id 
_entity_poly_seq.hetero 
1 1   GLN n 
1 2   GLU n 
1 3   ALA n 
1 4   GLN n 
1 5   THR n 
1 6   GLU n 
1 7   LEU n 
1 8   PRO n 
1 9   GLN n 
1 10  ALA n 
1 11  ARG n 
1 12  ILE n 
1 13  SER n 
1 14  CYS n 
1 15  PRO n 
1 16  GLU n 
1 17  GLY n 
1 18  THR n 
1 19  ASN n 
1 20  ALA n 
1 21  TYR n 
1 22  ARG n 
1 23  SER n 
1 24  TYR n 
1 25  CYS n 
1 26  TYR n 
1 27  TYR n 
1 28  PHE n 
1 29  ASN n 
1 30  GLU n 
1 31  ASP n 
1 32  ARG n 
1 33  GLU n 
1 34  THR n 
1 35  TRP n 
1 36  VAL n 
1 37  ASP n 
1 38  ALA n 
1 39  ASP n 
1 40  LEU n 
1 41  TYR n 
1 42  CYS n 
1 43  GLN n 
1 44  ASN n 
1 45  MET n 
1 46  ASN n 
1 47  SER n 
1 48  GLY n 
1 49  ASN n 
1 50  LEU n 
1 51  VAL n 
1 52  SER n 
1 53  VAL n 
1 54  LEU n 
1 55  THR n 
1 56  GLN n 
1 57  ALA n 
1 58  GLU n 
1 59  GLY n 
1 60  ALA n 
1 61  PHE n 
1 62  VAL n 
1 63  ALA n 
1 64  SER n 
1 65  LEU n 
1 66  ILE n 
1 67  LYS n 
1 68  GLU n 
1 69  SER n 
1 70  GLY n 
1 71  THR n 
1 72  ASP n 
1 73  ASP n 
1 74  PHE n 
1 75  ASN n 
1 76  VAL n 
1 77  TRP n 
1 78  ILE n 
1 79  GLY n 
1 80  LEU n 
1 81  HIS n 
1 82  ASP n 
1 83  PRO n 
1 84  LYS n 
1 85  LYS n 
1 86  ASN n 
1 87  ARG n 
1 88  ALA n 
1 89  TRP n 
1 90  HIS n 
1 91  TRP n 
1 92  SER n 
1 93  SER n 
1 94  GLY n 
1 95  SER n 
1 96  LEU n 
1 97  VAL n 
1 98  SER n 
1 99  TYR n 
1 100 LYS n 
1 101 SER n 
1 102 TRP n 
1 103 GLY n 
1 104 ILE n 
1 105 GLY n 
1 106 ALA n 
1 107 PRO n 
1 108 SER n 
1 109 SER n 
1 110 VAL n 
1 111 ASN n 
1 112 PRO n 
1 113 GLY n 
1 114 TYR n 
1 115 CYS n 
1 116 VAL n 
1 117 SER n 
1 118 LEU n 
1 119 THR n 
1 120 SER n 
1 121 SER n 
1 122 THR n 
1 123 GLY n 
1 124 PHE n 
1 125 GLN n 
1 126 LYS n 
1 127 TRP n 
1 128 LYS n 
1 129 ASP n 
1 130 VAL n 
1 131 PRO n 
1 132 CYS n 
1 133 GLU n 
1 134 ASP n 
1 135 LYS n 
1 136 PHE n 
1 137 SER n 
1 138 PHE n 
1 139 VAL n 
1 140 CYS n 
1 141 LYS n 
1 142 PHE n 
1 143 LYS n 
1 144 ASN n 
# 
_entity_src_nat.entity_id                  1 
_entity_src_nat.pdbx_src_id                1 
_entity_src_nat.pdbx_alt_source_flag       sample 
_entity_src_nat.pdbx_beg_seq_num           ? 
_entity_src_nat.pdbx_end_seq_num           ? 
_entity_src_nat.common_name                human 
_entity_src_nat.pdbx_organism_scientific   'Homo sapiens' 
_entity_src_nat.pdbx_ncbi_taxonomy_id      9606 
_entity_src_nat.genus                      Homo 
_entity_src_nat.species                    ? 
_entity_src_nat.strain                     ? 
_entity_src_nat.tissue                     ? 
_entity_src_nat.tissue_fraction            ? 
_entity_src_nat.pdbx_secretion             ? 
_entity_src_nat.pdbx_fragment              ? 
_entity_src_nat.pdbx_variant               ? 
_entity_src_nat.pdbx_cell_line             ? 
_entity_src_nat.pdbx_atcc                  ? 
_entity_src_nat.pdbx_cellular_location     ? 
_entity_src_nat.pdbx_organ                 ? 
_entity_src_nat.pdbx_organelle             ? 
_entity_src_nat.pdbx_cell                  ? 
_entity_src_nat.pdbx_plasmid_name          ? 
_entity_src_nat.pdbx_plasmid_details       ? 
_entity_src_nat.details                    ? 
# 
_pdbx_entity_branch.entity_id   2 
_pdbx_entity_branch.type        oligosaccharide 
# 
loop_
_pdbx_entity_branch_descriptor.ordinal 
_pdbx_entity_branch_descriptor.entity_id 
_pdbx_entity_branch_descriptor.descriptor 
_pdbx_entity_branch_descriptor.type 
_pdbx_entity_branch_descriptor.program 
_pdbx_entity_branch_descriptor.program_version 
1 2 'DGalpb1-3[DNeup5Aca2-6]DGlcpNAca1-'                                                                     
'Glycam Condensed Sequence' GMML       1.0   
2 2 'WURCS=2.0/3,3,2/[a2122h-1a_1-5_2*NCC/3=O][a2112h-1b_1-5][Aad21122h-2a_2-6_5*NCC/3=O]/1-2-3/a3-b1_a6-c2' WURCS PDB2Glycan 
1.1.0 
3 2 '[]{[(3+1)][a-D-GlcpNAc]{[(3+1)][b-D-Galp]{}[(6+2)][a-D-Neup5Ac]{}}}'                                    LINUCS PDB-CARE   ? 
# 
loop_
_pdbx_entity_branch_link.link_id 
_pdbx_entity_branch_link.entity_id 
_pdbx_entity_branch_link.entity_branch_list_num_1 
_pdbx_entity_branch_link.comp_id_1 
_pdbx_entity_branch_link.atom_id_1 
_pdbx_entity_branch_link.leaving_atom_id_1 
_pdbx_entity_branch_link.entity_branch_list_num_2 
_pdbx_entity_branch_link.comp_id_2 
_pdbx_entity_branch_link.atom_id_2 
_pdbx_entity_branch_link.leaving_atom_id_2 
_pdbx_entity_branch_link.value_order 
_pdbx_entity_branch_link.details 
1 2 2 GAL C1 O1 1 NDG O3 HO3 sing ? 
2 2 3 SIA C2 O2 1 NDG O6 HO6 sing ? 
# 
loop_
_chem_comp.id 
_chem_comp.type 
_chem_comp.mon_nstd_flag 
_chem_comp.name 
_chem_comp.pdbx_synonyms 
_chem_comp.formula 
_chem_comp.formula_weight 
ALA 'L-peptide linking'           y ALANINE                                   ? 'C3 H7 N O2'     89.093  
ARG 'L-peptide linking'           y ARGININE                                  ? 'C6 H15 N4 O2 1' 175.209 
ASN 'L-peptide linking'           y ASPARAGINE                                ? 'C4 H8 N2 O3'    132.118 
ASP 'L-peptide linking'           y 'ASPARTIC ACID'                           ? 'C4 H7 N O4'     133.103 
CYS 'L-peptide linking'           y CYSTEINE                                  ? 'C3 H7 N O2 S'   121.158 
GAL 'D-saccharide, beta linking'  . beta-D-galactopyranose                    'beta-D-galactose; D-galactose; galactose' 
'C6 H12 O6'      180.156 
GLN 'L-peptide linking'           y GLUTAMINE                                 ? 'C5 H10 N2 O3'   146.144 
GLU 'L-peptide linking'           y 'GLUTAMIC ACID'                           ? 'C5 H9 N O4'     147.129 
GLY 'peptide linking'             y GLYCINE                                   ? 'C2 H5 N O2'     75.067  
HIS 'L-peptide linking'           y HISTIDINE                                 ? 'C6 H10 N3 O2 1' 156.162 
HOH non-polymer                   . WATER                                     ? 'H2 O'           18.015  
ILE 'L-peptide linking'           y ISOLEUCINE                                ? 'C6 H13 N O2'    131.173 
LEU 'L-peptide linking'           y LEUCINE                                   ? 'C6 H13 N O2'    131.173 
LYS 'L-peptide linking'           y LYSINE                                    ? 'C6 H15 N2 O2 1' 147.195 
MET 'L-peptide linking'           y METHIONINE                                ? 'C5 H11 N O2 S'  149.211 
NDG 'D-saccharide, alpha linking' . 2-acetamido-2-deoxy-alpha-D-glucopyranose 
;N-acetyl-alpha-D-glucosamine; 2-acetamido-2-deoxy-alpha-D-glucose; 2-acetamido-2-deoxy-D-glucose; 2-acetamido-2-deoxy-glucose; 2-(ACETYLAMINO)-2-DEOXY-A-D-GLUCOPYRANOSE
;
'C8 H15 N O6'    221.208 
PHE 'L-peptide linking'           y PHENYLALANINE                             ? 'C9 H11 N O2'    165.189 
PRO 'L-peptide linking'           y PROLINE                                   ? 'C5 H9 N O2'     115.130 
SER 'L-peptide linking'           y SERINE                                    ? 'C3 H7 N O3'     105.093 
SIA 'D-saccharide, alpha linking' . 'N-acetyl-alpha-neuraminic acid'          
'N-acetylneuraminic acid; sialic acid; alpha-sialic acid; O-SIALIC ACID' 'C11 H19 N O9'   309.270 
THR 'L-peptide linking'           y THREONINE                                 ? 'C4 H9 N O3'     119.119 
TRP 'L-peptide linking'           y TRYPTOPHAN                                ? 'C11 H12 N2 O2'  204.225 
TYR 'L-peptide linking'           y TYROSINE                                  ? 'C9 H11 N O3'    181.189 
VAL 'L-peptide linking'           y VALINE                                    ? 'C5 H11 N O2'    117.146 
# 
loop_
_pdbx_chem_comp_identifier.comp_id 
_pdbx_chem_comp_identifier.type 
_pdbx_chem_comp_identifier.program 
_pdbx_chem_comp_identifier.program_version 
_pdbx_chem_comp_identifier.identifier 
GAL 'CONDENSED IUPAC CARBOHYDRATE SYMBOL' GMML     1.0 DGalpb                         
GAL 'COMMON NAME'                         GMML     1.0 b-D-galactopyranose            
GAL 'IUPAC CARBOHYDRATE SYMBOL'           PDB-CARE 1.0 b-D-Galp                       
GAL 'SNFG CARBOHYDRATE SYMBOL'            GMML     1.0 Gal                            
NDG 'CONDENSED IUPAC CARBOHYDRATE SYMBOL' GMML     1.0 DGlcpNAca                      
NDG 'COMMON NAME'                         GMML     1.0 N-acetyl-a-D-glucopyranosamine 
NDG 'IUPAC CARBOHYDRATE SYMBOL'           PDB-CARE 1.0 a-D-GlcpNAc                    
NDG 'SNFG CARBOHYDRATE SYMBOL'            GMML     1.0 GlcNAc                         
SIA 'CONDENSED IUPAC CARBOHYDRATE SYMBOL' GMML     1.0 DNeup5Aca                      
SIA 'COMMON NAME'                         GMML     1.0 'N-acetyl-a-D-neuraminic acid' 
SIA 'IUPAC CARBOHYDRATE SYMBOL'           PDB-CARE 1.0 a-D-Neup5Ac                    
SIA 'SNFG CARBOHYDRATE SYMBOL'            GMML     1.0 Neu5Ac                         
# 
loop_
_pdbx_poly_seq_scheme.asym_id 
_pdbx_poly_seq_scheme.entity_id 
_pdbx_poly_seq_scheme.seq_id 
_pdbx_poly_seq_scheme.mon_id 
_pdbx_poly_seq_scheme.ndb_seq_num 
_pdbx_poly_seq_scheme.pdb_seq_num 
_pdbx_poly_seq_scheme.auth_seq_num 
_pdbx_poly_seq_scheme.pdb_mon_id 
_pdbx_poly_seq_scheme.auth_mon_id 
_pdbx_poly_seq_scheme.pdb_strand_id 
_pdbx_poly_seq_scheme.pdb_ins_code 
_pdbx_poly_seq_scheme.hetero 
A 1 1   GLN 1   1   1   GLN GLN A . n 
A 1 2   GLU 2   2   2   GLU GLU A . n 
A 1 3   ALA 3   3   3   ALA ALA A . n 
A 1 4   GLN 4   4   4   GLN GLN A . n 
A 1 5   THR 5   5   5   THR THR A . n 
A 1 6   GLU 6   6   6   GLU GLU A . n 
A 1 7   LEU 7   7   7   LEU LEU A . n 
A 1 8   PRO 8   8   8   PRO PRO A . n 
A 1 9   GLN 9   9   9   GLN GLN A . n 
A 1 10  ALA 10  10  10  ALA ALA A . n 
A 1 11  ARG 11  11  11  ARG ARG A . n 
A 1 12  ILE 12  12  12  ILE ILE A . n 
A 1 13  SER 13  13  13  SER SER A . n 
A 1 14  CYS 14  14  14  CYS CYS A . n 
A 1 15  PRO 15  15  15  PRO PRO A . n 
A 1 16  GLU 16  16  16  GLU GLU A . n 
A 1 17  GLY 17  17  17  GLY GLY A . n 
A 1 18  THR 18  18  18  THR THR A . n 
A 1 19  ASN 19  19  19  ASN ASN A . n 
A 1 20  ALA 20  20  20  ALA ALA A . n 
A 1 21  TYR 21  21  21  TYR TYR A . n 
A 1 22  ARG 22  22  22  ARG ARG A . n 
A 1 23  SER 23  23  23  SER SER A . n 
A 1 24  TYR 24  24  24  TYR TYR A . n 
A 1 25  CYS 25  25  25  CYS CYS A . n 
A 1 26  TYR 26  26  26  TYR TYR A . n 
A 1 27  TYR 27  27  27  TYR TYR A . n 
A 1 28  PHE 28  28  28  PHE PHE A . n 
A 1 29  ASN 29  29  29  ASN ASN A . n 
A 1 30  GLU 30  30  30  GLU GLU A . n 
A 1 31  ASP 31  31  31  ASP ASP A . n 
A 1 32  ARG 32  32  32  ARG ARG A . n 
A 1 33  GLU 33  33  33  GLU GLU A . n 
A 1 34  THR 34  34  34  THR THR A . n 
A 1 35  TRP 35  35  35  TRP TRP A . n 
A 1 36  VAL 36  36  36  VAL VAL A . n 
A 1 37  ASP 37  37  37  ASP ASP A . n 
A 1 38  ALA 38  38  38  ALA ALA A . n 
A 1 39  ASP 39  39  39  ASP ASP A . n 
A 1 40  LEU 40  40  40  LEU LEU A . n 
A 1 41  TYR 41  41  41  TYR TYR A . n 
A 1 42  CYS 42  42  42  CYS CYS A . n 
A 1 43  GLN 43  43  43  GLN GLN A . n 
A 1 44  ASN 44  44  44  ASN ASN A . n 
A 1 45  MET 45  45  45  MET MET A . n 
A 1 46  ASN 46  46  46  ASN ASN A . n 
A 1 47  SER 47  47  47  SER SER A . n 
A 1 48  GLY 48  48  48  GLY GLY A . n 
A 1 49  ASN 49  49  49  ASN ASN A . n 
A 1 50  LEU 50  50  50  LEU LEU A . n 
A 1 51  VAL 51  51  51  VAL VAL A . n 
A 1 52  SER 52  52  52  SER SER A . n 
A 1 53  VAL 53  53  53  VAL VAL A . n 
A 1 54  LEU 54  54  54  LEU LEU A . n 
A 1 55  THR 55  55  55  THR THR A . n 
A 1 56  GLN 56  56  56  GLN GLN A . n 
A 1 57  ALA 57  57  57  ALA ALA A . n 
A 1 58  GLU 58  58  58  GLU GLU A . n 
A 1 59  GLY 59  59  59  GLY GLY A . n 
A 1 60  ALA 60  60  60  ALA ALA A . n 
A 1 61  PHE 61  61  61  PHE PHE A . n 
A 1 62  VAL 62  62  62  VAL VAL A . n 
A 1 63  ALA 63  63  63  ALA ALA A . n 
A 1 64  SER 64  64  64  SER SER A . n 
A 1 65  LEU 65  65  65  LEU LEU A . n 
A 1 66  ILE 66  66  66  ILE ILE A . n 
A 1 67  LYS 67  67  67  LYS LYS A . n 
A 1 68  GLU 68  68  68  GLU GLU A . n 
A 1 69  SER 69  69  69  SER SER A . n 
A 1 70  GLY 70  70  70  GLY GLY A . n 
A 1 71  THR 71  71  71  THR THR A . n 
A 1 72  ASP 72  72  72  ASP ASP A . n 
A 1 73  ASP 73  73  73  ASP ASP A . n 
A 1 74  PHE 74  74  74  PHE PHE A . n 
A 1 75  ASN 75  75  75  ASN ASN A . n 
A 1 76  VAL 76  76  76  VAL VAL A . n 
A 1 77  TRP 77  77  77  TRP TRP A . n 
A 1 78  ILE 78  78  78  ILE ILE A . n 
A 1 79  GLY 79  79  79  GLY GLY A . n 
A 1 80  LEU 80  80  80  LEU LEU A . n 
A 1 81  HIS 81  81  81  HIS HIS A . n 
A 1 82  ASP 82  82  82  ASP ASP A . n 
A 1 83  PRO 83  83  83  PRO PRO A . n 
A 1 84  LYS 84  84  84  LYS LYS A . n 
A 1 85  LYS 85  85  85  LYS LYS A . n 
A 1 86  ASN 86  86  86  ASN ASN A . n 
A 1 87  ARG 87  87  87  ARG ARG A . n 
A 1 88  ALA 88  88  88  ALA ALA A . n 
A 1 89  TRP 89  89  89  TRP TRP A . n 
A 1 90  HIS 90  90  90  HIS HIS A . n 
A 1 91  TRP 91  91  91  TRP TRP A . n 
A 1 92  SER 92  92  92  SER SER A . n 
A 1 93  SER 93  93  93  SER SER A . n 
A 1 94  GLY 94  94  94  GLY GLY A . n 
A 1 95  SER 95  95  95  SER SER A . n 
A 1 96  LEU 96  96  96  LEU LEU A . n 
A 1 97  VAL 97  97  97  VAL VAL A . n 
A 1 98  SER 98  98  98  SER SER A . n 
A 1 99  TYR 99  99  99  TYR TYR A . n 
A 1 100 LYS 100 100 100 LYS LYS A . n 
A 1 101 SER 101 101 101 SER SER A . n 
A 1 102 TRP 102 102 102 TRP TRP A . n 
A 1 103 GLY 103 103 103 GLY GLY A . n 
A 1 104 ILE 104 104 104 ILE ILE A . n 
A 1 105 GLY 105 105 105 GLY GLY A . n 
A 1 106 ALA 106 106 106 ALA ALA A . n 
A 1 107 PRO 107 107 107 PRO PRO A . n 
A 1 108 SER 108 108 108 SER SER A . n 
A 1 109 SER 109 109 109 SER SER A . n 
A 1 110 VAL 110 110 110 VAL VAL A . n 
A 1 111 ASN 111 111 111 ASN ASN A . n 
A 1 112 PRO 112 112 112 PRO PRO A . n 
A 1 113 GLY 113 113 113 GLY GLY A . n 
A 1 114 TYR 114 114 114 TYR TYR A . n 
A 1 115 CYS 115 115 115 CYS CYS A . n 
A 1 116 VAL 116 116 116 VAL VAL A . n 
A 1 117 SER 117 117 117 SER SER A . n 
A 1 118 LEU 118 118 118 LEU LEU A . n 
A 1 119 THR 119 119 119 THR THR A . n 
A 1 120 SER 120 120 120 SER SER A . n 
A 1 121 SER 121 121 121 SER SER A . n 
A 1 122 THR 122 122 122 THR THR A . n 
A 1 123 GLY 123 123 123 GLY GLY A . n 
A 1 124 PHE 124 124 124 PHE PHE A . n 
A 1 125 GLN 125 125 125 GLN GLN A . n 
A 1 126 LYS 126 126 126 LYS LYS A . n 
A 1 127 TRP 127 127 127 TRP TRP A . n 
A 1 128 LYS 128 128 128 LYS LYS A . n 
A 1 129 ASP 129 129 129 ASP ASP A . n 
A 1 130 VAL 130 130 130 VAL VAL A . n 
A 1 131 PRO 131 131 131 PRO PRO A . n 
A 1 132 CYS 132 132 132 CYS CYS A . n 
A 1 133 GLU 133 133 133 GLU GLU A . n 
A 1 134 ASP 134 134 134 ASP ASP A . n 
A 1 135 LYS 135 135 135 LYS LYS A . n 
A 1 136 PHE 136 136 136 PHE PHE A . n 
A 1 137 SER 137 137 137 SER SER A . n 
A 1 138 PHE 138 138 138 PHE PHE A . n 
A 1 139 VAL 139 139 139 VAL VAL A . n 
A 1 140 CYS 140 140 140 CYS CYS A . n 
A 1 141 LYS 141 141 141 LYS LYS A . n 
A 1 142 PHE 142 142 142 PHE PHE A . n 
A 1 143 LYS 143 143 143 LYS LYS A . n 
A 1 144 ASN 144 144 144 ASN ASN A . n 
# 
loop_
_pdbx_branch_scheme.asym_id 
_pdbx_branch_scheme.entity_id 
_pdbx_branch_scheme.mon_id 
_pdbx_branch_scheme.num 
_pdbx_branch_scheme.pdb_asym_id 
_pdbx_branch_scheme.pdb_mon_id 
_pdbx_branch_scheme.pdb_seq_num 
_pdbx_branch_scheme.auth_asym_id 
_pdbx_branch_scheme.auth_mon_id 
_pdbx_branch_scheme.auth_seq_num 
_pdbx_branch_scheme.hetero 
B 2 NDG 1 B NDG 1 ? NAG 601 n 
B 2 GAL 2 B GAL 2 ? GAL 602 n 
B 2 SIA 3 B SIA 3 ? SIA 600 n 
# 
loop_
_pdbx_nonpoly_scheme.asym_id 
_pdbx_nonpoly_scheme.entity_id 
_pdbx_nonpoly_scheme.mon_id 
_pdbx_nonpoly_scheme.ndb_seq_num 
_pdbx_nonpoly_scheme.pdb_seq_num 
_pdbx_nonpoly_scheme.auth_seq_num 
_pdbx_nonpoly_scheme.pdb_mon_id 
_pdbx_nonpoly_scheme.auth_mon_id 
_pdbx_nonpoly_scheme.pdb_strand_id 
_pdbx_nonpoly_scheme.pdb_ins_code 
C 3 HOH 1   200 200 HOH WAT A . 
C 3 HOH 2   201 201 HOH WAT A . 
C 3 HOH 3   202 202 HOH WAT A . 
C 3 HOH 4   203 203 HOH WAT A . 
C 3 HOH 5   204 204 HOH WAT A . 
C 3 HOH 6   205 205 HOH WAT A . 
C 3 HOH 7   206 206 HOH WAT A . 
C 3 HOH 8   207 207 HOH WAT A . 
C 3 HOH 9   208 208 HOH WAT A . 
C 3 HOH 10  209 209 HOH WAT A . 
C 3 HOH 11  210 210 HOH WAT A . 
C 3 HOH 12  211 211 HOH WAT A . 
C 3 HOH 13  212 212 HOH WAT A . 
C 3 HOH 14  213 213 HOH WAT A . 
C 3 HOH 15  214 214 HOH WAT A . 
C 3 HOH 16  215 215 HOH WAT A . 
C 3 HOH 17  216 216 HOH WAT A . 
C 3 HOH 18  217 217 HOH WAT A . 
C 3 HOH 19  218 218 HOH WAT A . 
C 3 HOH 20  219 219 HOH WAT A . 
C 3 HOH 21  220 220 HOH WAT A . 
C 3 HOH 22  221 221 HOH WAT A . 
C 3 HOH 23  222 222 HOH WAT A . 
C 3 HOH 24  223 223 HOH WAT A . 
C 3 HOH 25  224 224 HOH WAT A . 
C 3 HOH 26  225 225 HOH WAT A . 
C 3 HOH 27  226 226 HOH WAT A . 
C 3 HOH 28  227 227 HOH WAT A . 
C 3 HOH 29  228 228 HOH WAT A . 
C 3 HOH 30  229 229 HOH WAT A . 
C 3 HOH 31  230 230 HOH WAT A . 
C 3 HOH 32  231 231 HOH WAT A . 
C 3 HOH 33  233 233 HOH WAT A . 
C 3 HOH 34  234 234 HOH WAT A . 
C 3 HOH 35  235 235 HOH WAT A . 
C 3 HOH 36  236 236 HOH WAT A . 
C 3 HOH 37  237 237 HOH WAT A . 
C 3 HOH 38  238 238 HOH WAT A . 
C 3 HOH 39  239 239 HOH WAT A . 
C 3 HOH 40  240 240 HOH WAT A . 
C 3 HOH 41  241 241 HOH WAT A . 
C 3 HOH 42  242 242 HOH WAT A . 
C 3 HOH 43  243 243 HOH WAT A . 
C 3 HOH 44  244 244 HOH WAT A . 
C 3 HOH 45  245 245 HOH WAT A . 
C 3 HOH 46  246 246 HOH WAT A . 
C 3 HOH 47  247 247 HOH WAT A . 
C 3 HOH 48  248 248 HOH WAT A . 
C 3 HOH 49  249 249 HOH WAT A . 
C 3 HOH 50  250 250 HOH WAT A . 
C 3 HOH 51  251 251 HOH WAT A . 
C 3 HOH 52  252 252 HOH WAT A . 
C 3 HOH 53  253 253 HOH WAT A . 
C 3 HOH 54  254 254 HOH WAT A . 
C 3 HOH 55  257 257 HOH WAT A . 
C 3 HOH 56  258 258 HOH WAT A . 
C 3 HOH 57  259 259 HOH WAT A . 
C 3 HOH 58  260 260 HOH WAT A . 
C 3 HOH 59  261 261 HOH WAT A . 
C 3 HOH 60  262 262 HOH WAT A . 
C 3 HOH 61  263 263 HOH WAT A . 
C 3 HOH 62  264 264 HOH WAT A . 
C 3 HOH 63  265 265 HOH WAT A . 
C 3 HOH 64  266 266 HOH WAT A . 
C 3 HOH 65  268 268 HOH WAT A . 
C 3 HOH 66  270 270 HOH WAT A . 
C 3 HOH 67  271 271 HOH WAT A . 
C 3 HOH 68  272 272 HOH WAT A . 
C 3 HOH 69  273 273 HOH WAT A . 
C 3 HOH 70  276 276 HOH WAT A . 
C 3 HOH 71  277 277 HOH WAT A . 
C 3 HOH 72  280 280 HOH WAT A . 
C 3 HOH 73  281 281 HOH WAT A . 
C 3 HOH 74  282 282 HOH WAT A . 
C 3 HOH 75  289 289 HOH WAT A . 
C 3 HOH 76  290 290 HOH WAT A . 
C 3 HOH 77  291 291 HOH WAT A . 
C 3 HOH 78  292 292 HOH WAT A . 
C 3 HOH 79  297 297 HOH WAT A . 
C 3 HOH 80  301 301 HOH WAT A . 
C 3 HOH 81  303 303 HOH WAT A . 
C 3 HOH 82  304 304 HOH WAT A . 
C 3 HOH 83  305 305 HOH WAT A . 
C 3 HOH 84  306 306 HOH WAT A . 
C 3 HOH 85  307 307 HOH WAT A . 
C 3 HOH 86  312 312 HOH WAT A . 
C 3 HOH 87  313 313 HOH WAT A . 
C 3 HOH 88  314 314 HOH WAT A . 
C 3 HOH 89  316 316 HOH WAT A . 
C 3 HOH 90  319 319 HOH WAT A . 
C 3 HOH 91  321 321 HOH WAT A . 
C 3 HOH 92  323 323 HOH WAT A . 
C 3 HOH 93  324 324 HOH WAT A . 
C 3 HOH 94  325 325 HOH WAT A . 
C 3 HOH 95  326 326 HOH WAT A . 
C 3 HOH 96  327 327 HOH WAT A . 
C 3 HOH 97  328 328 HOH WAT A . 
C 3 HOH 98  330 330 HOH WAT A . 
C 3 HOH 99  331 331 HOH WAT A . 
C 3 HOH 100 332 332 HOH WAT A . 
C 3 HOH 101 333 333 HOH WAT A . 
C 3 HOH 102 334 334 HOH WAT A . 
C 3 HOH 103 336 336 HOH WAT A . 
C 3 HOH 104 337 337 HOH WAT A . 
C 3 HOH 105 340 340 HOH WAT A . 
C 3 HOH 106 343 343 HOH WAT A . 
C 3 HOH 107 344 344 HOH WAT A . 
C 3 HOH 108 346 346 HOH WAT A . 
C 3 HOH 109 349 349 HOH WAT A . 
C 3 HOH 110 350 350 HOH WAT A . 
C 3 HOH 111 354 354 HOH WAT A . 
C 3 HOH 112 355 355 HOH WAT A . 
C 3 HOH 113 356 356 HOH WAT A . 
C 3 HOH 114 362 362 HOH WAT A . 
C 3 HOH 115 367 367 HOH WAT A . 
C 3 HOH 116 369 369 HOH WAT A . 
C 3 HOH 117 373 373 HOH WAT A . 
C 3 HOH 118 374 374 HOH WAT A . 
C 3 HOH 119 375 375 HOH WAT A . 
C 3 HOH 120 376 376 HOH WAT A . 
C 3 HOH 121 378 378 HOH WAT A . 
C 3 HOH 122 380 380 HOH WAT A . 
C 3 HOH 123 381 381 HOH WAT A . 
C 3 HOH 124 383 383 HOH WAT A . 
C 3 HOH 125 385 385 HOH WAT A . 
C 3 HOH 126 386 386 HOH WAT A . 
C 3 HOH 127 389 389 HOH WAT A . 
C 3 HOH 128 391 391 HOH WAT A . 
C 3 HOH 129 397 397 HOH WAT A . 
C 3 HOH 130 401 401 HOH WAT A . 
C 3 HOH 131 402 402 HOH WAT A . 
C 3 HOH 132 403 403 HOH WAT A . 
C 3 HOH 133 404 404 HOH WAT A . 
C 3 HOH 134 409 409 HOH WAT A . 
C 3 HOH 135 410 410 HOH WAT A . 
# 
loop_
_pdbx_unobs_or_zero_occ_atoms.id 
_pdbx_unobs_or_zero_occ_atoms.PDB_model_num 
_pdbx_unobs_or_zero_occ_atoms.polymer_flag 
_pdbx_unobs_or_zero_occ_atoms.occupancy_flag 
_pdbx_unobs_or_zero_occ_atoms.auth_asym_id 
_pdbx_unobs_or_zero_occ_atoms.auth_comp_id 
_pdbx_unobs_or_zero_occ_atoms.auth_seq_id 
_pdbx_unobs_or_zero_occ_atoms.PDB_ins_code 
_pdbx_unobs_or_zero_occ_atoms.auth_atom_id 
_pdbx_unobs_or_zero_occ_atoms.label_alt_id 
_pdbx_unobs_or_zero_occ_atoms.label_asym_id 
_pdbx_unobs_or_zero_occ_atoms.label_comp_id 
_pdbx_unobs_or_zero_occ_atoms.label_seq_id 
_pdbx_unobs_or_zero_occ_atoms.label_atom_id 
1  1 Y 1 A GLU 2  ? CG  ? A GLU 2  CG  
2  1 Y 1 A GLU 2  ? CD  ? A GLU 2  CD  
3  1 Y 1 A GLU 2  ? OE1 ? A GLU 2  OE1 
4  1 Y 1 A GLU 2  ? OE2 ? A GLU 2  OE2 
5  1 Y 1 A GLN 4  ? CG  ? A GLN 4  CG  
6  1 Y 1 A GLN 4  ? CD  ? A GLN 4  CD  
7  1 Y 1 A GLN 4  ? OE1 ? A GLN 4  OE1 
8  1 Y 1 A GLN 4  ? NE2 ? A GLN 4  NE2 
9  1 Y 1 A GLN 9  ? CG  ? A GLN 9  CG  
10 1 Y 1 A GLN 9  ? CD  ? A GLN 9  CD  
11 1 Y 1 A GLN 9  ? OE1 ? A GLN 9  OE1 
12 1 Y 1 A GLN 9  ? NE2 ? A GLN 9  NE2 
13 1 Y 1 A ARG 11 ? CG  ? A ARG 11 CG  
14 1 Y 1 A ARG 11 ? CD  ? A ARG 11 CD  
15 1 Y 1 A ARG 11 ? NE  ? A ARG 11 NE  
16 1 Y 1 A ARG 11 ? CZ  ? A ARG 11 CZ  
17 1 Y 1 A ARG 11 ? NH1 ? A ARG 11 NH1 
18 1 Y 1 A ARG 11 ? NH2 ? A ARG 11 NH2 
19 1 Y 1 A ILE 12 ? CG1 ? A ILE 12 CG1 
20 1 Y 1 A ILE 12 ? CG2 ? A ILE 12 CG2 
21 1 Y 1 A ILE 12 ? CD1 ? A ILE 12 CD1 
# 
loop_
_software.name 
_software.classification 
_software.version 
_software.citation_id 
_software.pdbx_ordinal 
DENZO     'data reduction' .         ? 1 
SCALA     'data scaling'   .         ? 2 
AMoRE     phasing          .         ? 3 
SHELXL-97 refinement       .         ? 4 
CCP4      'data scaling'   '(SCALA)' ? 5 
# 
_cell.entry_id           1QDD 
_cell.length_a           48.0 
_cell.length_b           48.0 
_cell.length_c           111.0 
_cell.angle_alpha        90.0 
_cell.angle_beta         90.0 
_cell.angle_gamma        120.0 
_cell.Z_PDB              6 
_cell.pdbx_unique_axis   ? 
# 
_symmetry.entry_id                         1QDD 
_symmetry.space_group_name_H-M             'P 65' 
_symmetry.pdbx_full_space_group_name_H-M   ? 
_symmetry.cell_setting                     hexagonal 
_symmetry.Int_Tables_number                170 
# 
_exptl.entry_id          1QDD 
_exptl.method            'X-RAY DIFFRACTION' 
_exptl.crystals_number   1 
# 
_exptl_crystal.id                    1 
_exptl_crystal.density_meas          ? 
_exptl_crystal.density_Matthews      2.28 
_exptl_crystal.density_percent_sol   45.98 
_exptl_crystal.description           ? 
# 
_exptl_crystal_grow.crystal_id      1 
_exptl_crystal_grow.method          'VAPOR DIFFUSION, HANGING DROP' 
_exptl_crystal_grow.temp            293 
_exptl_crystal_grow.temp_details    ? 
_exptl_crystal_grow.pH              4.0 
_exptl_crystal_grow.pdbx_details    'PEG 4000, pH 4.0, VAPOR DIFFUSION, HANGING DROP, temperature 293K' 
_exptl_crystal_grow.pdbx_pH_range   ? 
# 
_diffrn.id                     1 
_diffrn.ambient_temp           298 
_diffrn.ambient_temp_details   ? 
_diffrn.crystal_id             1 
# 
_diffrn_detector.diffrn_id              1 
_diffrn_detector.detector               'IMAGE PLATE' 
_diffrn_detector.type                   MARRESEARCH 
_diffrn_detector.pdbx_collection_date   ? 
_diffrn_detector.details                ? 
# 
_diffrn_radiation.diffrn_id                        1 
_diffrn_radiation.wavelength_id                    1 
_diffrn_radiation.pdbx_monochromatic_or_laue_m_l   M 
_diffrn_radiation.monochromator                    ? 
_diffrn_radiation.pdbx_diffrn_protocol             'SINGLE WAVELENGTH' 
_diffrn_radiation.pdbx_scattering_type             x-ray 
# 
_diffrn_radiation_wavelength.id           1 
_diffrn_radiation_wavelength.wavelength   1.000 
_diffrn_radiation_wavelength.wt           1.0 
# 
_diffrn_source.diffrn_id                   1 
_diffrn_source.source                      SYNCHROTRON 
_diffrn_source.type                        'EMBL/DESY, HAMBURG BEAMLINE X31' 
_diffrn_source.pdbx_synchrotron_site       'EMBL/DESY, HAMBURG' 
_diffrn_source.pdbx_synchrotron_beamline   X31 
_diffrn_source.pdbx_wavelength             1.000 
_diffrn_source.pdbx_wavelength_list        ? 
# 
_reflns.entry_id                     1QDD 
_reflns.observed_criterion_sigma_I   ? 
_reflns.observed_criterion_sigma_F   ? 
_reflns.d_resolution_low             20 
_reflns.d_resolution_high            1.3 
_reflns.number_obs                   32253 
_reflns.number_all                   32253 
_reflns.percent_possible_obs         95.4 
_reflns.pdbx_Rmerge_I_obs            0.084 
_reflns.pdbx_Rsym_value              ? 
_reflns.pdbx_netI_over_sigmaI        ? 
_reflns.B_iso_Wilson_estimate        ? 
_reflns.pdbx_redundancy              ? 
_reflns.R_free_details               ? 
_reflns.limit_h_max                  ? 
_reflns.limit_h_min                  ? 
_reflns.limit_k_max                  ? 
_reflns.limit_k_min                  ? 
_reflns.limit_l_max                  ? 
_reflns.limit_l_min                  ? 
_reflns.observed_criterion_F_max     ? 
_reflns.observed_criterion_F_min     ? 
_reflns.pdbx_diffrn_id               1 
_reflns.pdbx_ordinal                 1 
# 
_reflns_shell.d_res_high             1.30 
_reflns_shell.d_res_low              ? 
_reflns_shell.percent_possible_all   96.2 
_reflns_shell.Rmerge_I_obs           0.28 
_reflns_shell.pdbx_Rsym_value        ? 
_reflns_shell.meanI_over_sigI_obs    ? 
_reflns_shell.pdbx_redundancy        2.4 
_reflns_shell.percent_possible_obs   ? 
_reflns_shell.number_unique_all      ? 
_reflns_shell.pdbx_diffrn_id         ? 
_reflns_shell.pdbx_ordinal           1 
# 
_refine.entry_id                                 1QDD 
_refine.ls_number_reflns_obs                     33253 
_refine.ls_number_reflns_all                     33253 
_refine.pdbx_ls_sigma_I                          0 
_refine.pdbx_ls_sigma_F                          0 
_refine.pdbx_data_cutoff_high_absF               ? 
_refine.pdbx_data_cutoff_low_absF                ? 
_refine.pdbx_data_cutoff_high_rms_absF           ? 
_refine.ls_d_res_low                             20.0 
_refine.ls_d_res_high                            1.30 
_refine.ls_percent_reflns_obs                    ? 
_refine.ls_R_factor_obs                          0.132 
_refine.ls_R_factor_all                          0.132 
_refine.ls_R_factor_R_work                       ? 
_refine.ls_R_factor_R_free                       0.159 
_refine.ls_R_factor_R_free_error                 ? 
_refine.ls_R_factor_R_free_error_details         ? 
_refine.ls_percent_reflns_R_free                 ? 
_refine.ls_number_reflns_R_free                  1660 
_refine.ls_number_parameters                     ? 
_refine.ls_number_restraints                     ? 
_refine.occupancy_min                            ? 
_refine.occupancy_max                            ? 
_refine.B_iso_mean                               ? 
_refine.aniso_B[1][1]                            ? 
_refine.aniso_B[2][2]                            ? 
_refine.aniso_B[3][3]                            ? 
_refine.aniso_B[1][2]                            ? 
_refine.aniso_B[1][3]                            ? 
_refine.aniso_B[2][3]                            ? 
_refine.solvent_model_details                    ? 
_refine.solvent_model_param_ksol                 ? 
_refine.solvent_model_param_bsol                 ? 
_refine.pdbx_ls_cross_valid_method               ? 
_refine.details                                  ? 
_refine.pdbx_starting_model                      ? 
_refine.pdbx_method_to_determine_struct          ? 
_refine.pdbx_isotropic_thermal_model             ? 
_refine.pdbx_stereochemistry_target_values       'ENGH & HUBER' 
_refine.pdbx_stereochem_target_val_spec_case     ? 
_refine.pdbx_R_Free_selection_details            ? 
_refine.pdbx_overall_ESU_R                       ? 
_refine.pdbx_overall_ESU_R_Free                  ? 
_refine.overall_SU_ML                            ? 
_refine.overall_SU_B                             ? 
_refine.ls_redundancy_reflns_obs                 ? 
_refine.B_iso_min                                ? 
_refine.B_iso_max                                ? 
_refine.correlation_coeff_Fo_to_Fc               ? 
_refine.correlation_coeff_Fo_to_Fc_free          ? 
_refine.overall_SU_R_Cruickshank_DPI             ? 
_refine.overall_SU_R_free                        ? 
_refine.pdbx_refine_id                           'X-RAY DIFFRACTION' 
_refine.pdbx_diffrn_id                           1 
_refine.pdbx_TLS_residual_ADP_flag               ? 
_refine.pdbx_solvent_vdw_probe_radii             ? 
_refine.pdbx_solvent_ion_probe_radii             ? 
_refine.pdbx_solvent_shrinkage_radii             ? 
_refine.pdbx_overall_phase_error                 ? 
_refine.pdbx_overall_SU_R_free_Cruickshank_DPI   ? 
_refine.pdbx_overall_SU_R_Blow_DPI               ? 
_refine.pdbx_overall_SU_R_free_Blow_DPI          ? 
# 
_refine_hist.pdbx_refine_id                   'X-RAY DIFFRACTION' 
_refine_hist.cycle_id                         LAST 
_refine_hist.pdbx_number_atoms_protein        1119 
_refine_hist.pdbx_number_atoms_nucleic_acid   0 
_refine_hist.pdbx_number_atoms_ligand         45 
_refine_hist.number_atoms_solvent             135 
_refine_hist.number_atoms_total               1299 
_refine_hist.d_res_high                       1.30 
_refine_hist.d_res_low                        20.0 
# 
_struct.entry_id                  1QDD 
_struct.title                     'CRYSTAL STRUCTURE OF HUMAN LITHOSTATHINE TO 1.3 A RESOLUTION' 
_struct.pdbx_model_details        ? 
_struct.pdbx_CASP_flag            ? 
_struct.pdbx_model_type_details   ? 
# 
_struct_keywords.entry_id        1QDD 
_struct_keywords.pdbx_keywords   'METAL BINDING PROTEIN' 
_struct_keywords.text            'Pancreatic Stone Inhibitor, Lithostathine, METAL BINDING PROTEIN' 
# 
loop_
_struct_asym.id 
_struct_asym.pdbx_blank_PDB_chainid_flag 
_struct_asym.pdbx_modified 
_struct_asym.entity_id 
_struct_asym.details 
A N N 1 ? 
B N N 2 ? 
C N N 3 ? 
# 
_struct_ref.id                         1 
_struct_ref.db_name                    UNP 
_struct_ref.db_code                    LITA_HUMAN 
_struct_ref.entity_id                  1 
_struct_ref.pdbx_db_accession          P05451 
_struct_ref.pdbx_align_begin           ? 
_struct_ref.pdbx_seq_one_letter_code   ? 
_struct_ref.pdbx_db_isoform            ? 
# 
_struct_ref_seq.align_id                      1 
_struct_ref_seq.ref_id                        1 
_struct_ref_seq.pdbx_PDB_id_code              1QDD 
_struct_ref_seq.pdbx_strand_id                A 
_struct_ref_seq.seq_align_beg                 1 
_struct_ref_seq.pdbx_seq_align_beg_ins_code   ? 
_struct_ref_seq.seq_align_end                 144 
_struct_ref_seq.pdbx_seq_align_end_ins_code   ? 
_struct_ref_seq.pdbx_db_accession             P05451 
_struct_ref_seq.db_align_beg                  23 
_struct_ref_seq.pdbx_db_align_beg_ins_code    ? 
_struct_ref_seq.db_align_end                  166 
_struct_ref_seq.pdbx_db_align_end_ins_code    ? 
_struct_ref_seq.pdbx_auth_seq_align_beg       1 
_struct_ref_seq.pdbx_auth_seq_align_end       144 
# 
_struct_ref_seq_dif.align_id                     1 
_struct_ref_seq_dif.pdbx_pdb_id_code             1QDD 
_struct_ref_seq_dif.mon_id                       ALA 
_struct_ref_seq_dif.pdbx_pdb_strand_id           A 
_struct_ref_seq_dif.seq_num                      88 
_struct_ref_seq_dif.pdbx_pdb_ins_code            ? 
_struct_ref_seq_dif.pdbx_seq_db_name             UNP 
_struct_ref_seq_dif.pdbx_seq_db_accession_code   P05451 
_struct_ref_seq_dif.db_mon_id                    ARG 
_struct_ref_seq_dif.pdbx_seq_db_seq_num          110 
_struct_ref_seq_dif.details                      'engineered mutation' 
_struct_ref_seq_dif.pdbx_auth_seq_num            88 
_struct_ref_seq_dif.pdbx_ordinal                 1 
# 
_pdbx_struct_assembly.id                   1 
_pdbx_struct_assembly.details              author_defined_assembly 
_pdbx_struct_assembly.method_details       ? 
_pdbx_struct_assembly.oligomeric_details   monomeric 
_pdbx_struct_assembly.oligomeric_count     1 
# 
_pdbx_struct_assembly_gen.assembly_id       1 
_pdbx_struct_assembly_gen.oper_expression   1 
_pdbx_struct_assembly_gen.asym_id_list      A,B,C 
# 
_pdbx_struct_oper_list.id                   1 
_pdbx_struct_oper_list.type                 'identity operation' 
_pdbx_struct_oper_list.name                 1_555 
_pdbx_struct_oper_list.symmetry_operation   x,y,z 
_pdbx_struct_oper_list.matrix[1][1]         1.0000000000 
_pdbx_struct_oper_list.matrix[1][2]         0.0000000000 
_pdbx_struct_oper_list.matrix[1][3]         0.0000000000 
_pdbx_struct_oper_list.vector[1]            0.0000000000 
_pdbx_struct_oper_list.matrix[2][1]         0.0000000000 
_pdbx_struct_oper_list.matrix[2][2]         1.0000000000 
_pdbx_struct_oper_list.matrix[2][3]         0.0000000000 
_pdbx_struct_oper_list.vector[2]            0.0000000000 
_pdbx_struct_oper_list.matrix[3][1]         0.0000000000 
_pdbx_struct_oper_list.matrix[3][2]         0.0000000000 
_pdbx_struct_oper_list.matrix[3][3]         1.0000000000 
_pdbx_struct_oper_list.vector[3]            0.0000000000 
# 
_struct_biol.id                    1 
_struct_biol.pdbx_parent_biol_id   ? 
_struct_biol.details               ? 
# 
loop_
_struct_conf.conf_type_id 
_struct_conf.id 
_struct_conf.pdbx_PDB_helix_id 
_struct_conf.beg_label_comp_id 
_struct_conf.beg_label_asym_id 
_struct_conf.beg_label_seq_id 
_struct_conf.pdbx_beg_PDB_ins_code 
_struct_conf.end_label_comp_id 
_struct_conf.end_label_asym_id 
_struct_conf.end_label_seq_id 
_struct_conf.pdbx_end_PDB_ins_code 
_struct_conf.beg_auth_comp_id 
_struct_conf.beg_auth_asym_id 
_struct_conf.beg_auth_seq_id 
_struct_conf.end_auth_comp_id 
_struct_conf.end_auth_asym_id 
_struct_conf.end_auth_seq_id 
_struct_conf.pdbx_PDB_helix_class 
_struct_conf.details 
_struct_conf.pdbx_PDB_helix_length 
HELX_P HELX_P1 1 PRO A 8   ? ILE A 12  ? PRO A 8   ILE A 12  5 ? 5  
HELX_P HELX_P2 2 THR A 34  ? MET A 45  ? THR A 34  MET A 45  1 ? 12 
HELX_P HELX_P3 3 THR A 55  ? SER A 69  ? THR A 55  SER A 69  1 ? 15 
HELX_P HELX_P4 4 SER A 121 ? GLY A 123 ? SER A 121 GLY A 123 5 ? 3  
# 
_struct_conf_type.id          HELX_P 
_struct_conf_type.criteria    ? 
_struct_conf_type.reference   ? 
# 
loop_
_struct_conn.id 
_struct_conn.conn_type_id 
_struct_conn.pdbx_leaving_atom_flag 
_struct_conn.pdbx_PDB_id 
_struct_conn.ptnr1_label_asym_id 
_struct_conn.ptnr1_label_comp_id 
_struct_conn.ptnr1_label_seq_id 
_struct_conn.ptnr1_label_atom_id 
_struct_conn.pdbx_ptnr1_label_alt_id 
_struct_conn.pdbx_ptnr1_PDB_ins_code 
_struct_conn.pdbx_ptnr1_standard_comp_id 
_struct_conn.ptnr1_symmetry 
_struct_conn.ptnr2_label_asym_id 
_struct_conn.ptnr2_label_comp_id 
_struct_conn.ptnr2_label_seq_id 
_struct_conn.ptnr2_label_atom_id 
_struct_conn.pdbx_ptnr2_label_alt_id 
_struct_conn.pdbx_ptnr2_PDB_ins_code 
_struct_conn.ptnr1_auth_asym_id 
_struct_conn.ptnr1_auth_comp_id 
_struct_conn.ptnr1_auth_seq_id 
_struct_conn.ptnr2_auth_asym_id 
_struct_conn.ptnr2_auth_comp_id 
_struct_conn.ptnr2_auth_seq_id 
_struct_conn.ptnr2_symmetry 
_struct_conn.pdbx_ptnr3_label_atom_id 
_struct_conn.pdbx_ptnr3_label_seq_id 
_struct_conn.pdbx_ptnr3_label_comp_id 
_struct_conn.pdbx_ptnr3_label_asym_id 
_struct_conn.pdbx_ptnr3_label_alt_id 
_struct_conn.pdbx_ptnr3_PDB_ins_code 
_struct_conn.details 
_struct_conn.pdbx_dist_value 
_struct_conn.pdbx_value_order 
_struct_conn.pdbx_role 
disulf1 disulf ?    ? A CYS 14  SG  ? ? ? 1_555 A CYS 25  SG ? ? A CYS 14  A CYS 25  1_555 ? ? ? ? ? ? ? 2.040 ? ?               
disulf2 disulf ?    ? A CYS 42  SG  ? ? ? 1_555 A CYS 140 SG ? ? A CYS 42  A CYS 140 1_555 ? ? ? ? ? ? ? 2.043 ? ?               
disulf3 disulf ?    ? A CYS 115 SG  ? ? ? 1_555 A CYS 132 SG ? ? A CYS 115 A CYS 132 1_555 ? ? ? ? ? ? ? 2.028 ? ?               
covale1 covale one  ? A THR 5   OG1 ? ? ? 1_555 B NDG .   C1 ? ? A THR 5   B NDG 1   1_555 ? ? ? ? ? ? ? 1.474 ? O-Glycosylation 
covale2 covale both ? B NDG .   O3  ? ? ? 1_555 B GAL .   C1 ? ? B NDG 1   B GAL 2   1_555 ? ? ? ? ? ? ? 1.448 ? ?               
covale3 covale both ? B NDG .   O6  ? ? ? 1_555 B SIA .   C2 ? ? B NDG 1   B SIA 3   1_555 ? ? ? ? ? ? ? 1.641 ? ?               
# 
loop_
_struct_conn_type.id 
_struct_conn_type.criteria 
_struct_conn_type.reference 
disulf ? ? 
covale ? ? 
# 
loop_
_pdbx_modification_feature.ordinal 
_pdbx_modification_feature.label_comp_id 
_pdbx_modification_feature.label_asym_id 
_pdbx_modification_feature.label_seq_id 
_pdbx_modification_feature.label_alt_id 
_pdbx_modification_feature.modified_residue_label_comp_id 
_pdbx_modification_feature.modified_residue_label_asym_id 
_pdbx_modification_feature.modified_residue_label_seq_id 
_pdbx_modification_feature.modified_residue_label_alt_id 
_pdbx_modification_feature.auth_comp_id 
_pdbx_modification_feature.auth_asym_id 
_pdbx_modification_feature.auth_seq_id 
_pdbx_modification_feature.PDB_ins_code 
_pdbx_modification_feature.symmetry 
_pdbx_modification_feature.modified_residue_auth_comp_id 
_pdbx_modification_feature.modified_residue_auth_asym_id 
_pdbx_modification_feature.modified_residue_auth_seq_id 
_pdbx_modification_feature.modified_residue_PDB_ins_code 
_pdbx_modification_feature.modified_residue_symmetry 
_pdbx_modification_feature.comp_id_linking_atom 
_pdbx_modification_feature.modified_residue_id_linking_atom 
_pdbx_modification_feature.modified_residue_id 
_pdbx_modification_feature.ref_pcm_id 
_pdbx_modification_feature.ref_comp_id 
_pdbx_modification_feature.type 
_pdbx_modification_feature.category 
1 NDG B .   ? THR A 5   ? NDG B 1   ? 1_555 THR A 5   ? 1_555 C1 OG1 THR 1 NDG O-Glycosylation Carbohydrate       
2 CYS A 14  ? CYS A 25  ? CYS A 14  ? 1_555 CYS A 25  ? 1_555 SG SG  .   . .   None            'Disulfide bridge' 
3 CYS A 42  ? CYS A 140 ? CYS A 42  ? 1_555 CYS A 140 ? 1_555 SG SG  .   . .   None            'Disulfide bridge' 
4 CYS A 115 ? CYS A 132 ? CYS A 115 ? 1_555 CYS A 132 ? 1_555 SG SG  .   . .   None            'Disulfide bridge' 
# 
_struct_mon_prot_cis.pdbx_id                1 
_struct_mon_prot_cis.label_comp_id          ALA 
_struct_mon_prot_cis.label_seq_id           106 
_struct_mon_prot_cis.label_asym_id          A 
_struct_mon_prot_cis.label_alt_id           . 
_struct_mon_prot_cis.pdbx_PDB_ins_code      ? 
_struct_mon_prot_cis.auth_comp_id           ALA 
_struct_mon_prot_cis.auth_seq_id            106 
_struct_mon_prot_cis.auth_asym_id           A 
_struct_mon_prot_cis.pdbx_label_comp_id_2   PRO 
_struct_mon_prot_cis.pdbx_label_seq_id_2    107 
_struct_mon_prot_cis.pdbx_label_asym_id_2   A 
_struct_mon_prot_cis.pdbx_PDB_ins_code_2    ? 
_struct_mon_prot_cis.pdbx_auth_comp_id_2    PRO 
_struct_mon_prot_cis.pdbx_auth_seq_id_2     107 
_struct_mon_prot_cis.pdbx_auth_asym_id_2    A 
_struct_mon_prot_cis.pdbx_PDB_model_num     1 
_struct_mon_prot_cis.pdbx_omega_angle       -16.69 
# 
loop_
_struct_sheet.id 
_struct_sheet.type 
_struct_sheet.number_strands 
_struct_sheet.details 
A ? 5 ? 
B ? 5 ? 
# 
loop_
_struct_sheet_order.sheet_id 
_struct_sheet_order.range_id_1 
_struct_sheet_order.range_id_2 
_struct_sheet_order.offset 
_struct_sheet_order.sense 
A 1 2 ? anti-parallel 
A 2 3 ? anti-parallel 
A 3 4 ? parallel      
A 4 5 ? anti-parallel 
B 1 2 ? anti-parallel 
B 2 3 ? parallel      
B 3 4 ? anti-parallel 
B 4 5 ? anti-parallel 
# 
loop_
_struct_sheet_range.sheet_id 
_struct_sheet_range.id 
_struct_sheet_range.beg_label_comp_id 
_struct_sheet_range.beg_label_asym_id 
_struct_sheet_range.beg_label_seq_id 
_struct_sheet_range.pdbx_beg_PDB_ins_code 
_struct_sheet_range.end_label_comp_id 
_struct_sheet_range.end_label_asym_id 
_struct_sheet_range.end_label_seq_id 
_struct_sheet_range.pdbx_end_PDB_ins_code 
_struct_sheet_range.beg_auth_comp_id 
_struct_sheet_range.beg_auth_asym_id 
_struct_sheet_range.beg_auth_seq_id 
_struct_sheet_range.end_auth_comp_id 
_struct_sheet_range.end_auth_asym_id 
_struct_sheet_range.end_auth_seq_id 
A 1 ASN A 19  ? TYR A 21  ? ASN A 19  TYR A 21  
A 2 TYR A 24  ? GLU A 33  ? TYR A 24  GLU A 33  
A 3 PHE A 136 ? LYS A 143 ? PHE A 136 LYS A 143 
A 4 ASN A 75  ? HIS A 81  ? ASN A 75  HIS A 81  
A 5 HIS A 90  ? TRP A 91  ? HIS A 90  TRP A 91  
B 1 ASN A 49  ? LEU A 50  ? ASN A 49  LEU A 50  
B 2 PHE A 136 ? LYS A 143 ? PHE A 136 LYS A 143 
B 3 ASN A 75  ? HIS A 81  ? ASN A 75  HIS A 81  
B 4 CYS A 115 ? THR A 119 ? CYS A 115 THR A 119 
B 5 TRP A 127 ? VAL A 130 ? TRP A 127 VAL A 130 
# 
loop_
_pdbx_struct_sheet_hbond.sheet_id 
_pdbx_struct_sheet_hbond.range_id_1 
_pdbx_struct_sheet_hbond.range_id_2 
_pdbx_struct_sheet_hbond.range_1_label_atom_id 
_pdbx_struct_sheet_hbond.range_1_label_comp_id 
_pdbx_struct_sheet_hbond.range_1_label_asym_id 
_pdbx_struct_sheet_hbond.range_1_label_seq_id 
_pdbx_struct_sheet_hbond.range_1_PDB_ins_code 
_pdbx_struct_sheet_hbond.range_1_auth_atom_id 
_pdbx_struct_sheet_hbond.range_1_auth_comp_id 
_pdbx_struct_sheet_hbond.range_1_auth_asym_id 
_pdbx_struct_sheet_hbond.range_1_auth_seq_id 
_pdbx_struct_sheet_hbond.range_2_label_atom_id 
_pdbx_struct_sheet_hbond.range_2_label_comp_id 
_pdbx_struct_sheet_hbond.range_2_label_asym_id 
_pdbx_struct_sheet_hbond.range_2_label_seq_id 
_pdbx_struct_sheet_hbond.range_2_PDB_ins_code 
_pdbx_struct_sheet_hbond.range_2_auth_atom_id 
_pdbx_struct_sheet_hbond.range_2_auth_comp_id 
_pdbx_struct_sheet_hbond.range_2_auth_asym_id 
_pdbx_struct_sheet_hbond.range_2_auth_seq_id 
A 1 2 N ASN A 19  ? N ASN A 19  O TYR A 26  ? O TYR A 26  
A 2 3 N ASN A 29  ? N ASN A 29  O PHE A 138 ? O PHE A 138 
A 3 4 O SER A 137 ? O SER A 137 N TRP A 77  ? N TRP A 77  
A 4 5 N HIS A 81  ? N HIS A 81  O HIS A 90  ? O HIS A 90  
B 1 2 N ASN A 49  ? N ASN A 49  O LYS A 141 ? O LYS A 141 
B 2 3 O SER A 137 ? O SER A 137 N TRP A 77  ? N TRP A 77  
B 3 4 N VAL A 76  ? N VAL A 76  O LEU A 118 ? O LEU A 118 
B 4 5 N CYS A 115 ? N CYS A 115 O VAL A 130 ? O VAL A 130 
# 
_pdbx_entry_details.entry_id                   1QDD 
_pdbx_entry_details.compound_details           ? 
_pdbx_entry_details.source_details             ? 
_pdbx_entry_details.nonpolymer_details         ? 
_pdbx_entry_details.sequence_details           ? 
_pdbx_entry_details.has_ligand_of_interest     ? 
_pdbx_entry_details.has_protein_modification   Y 
# 
_pdbx_validate_close_contact.id               1 
_pdbx_validate_close_contact.PDB_model_num    1 
_pdbx_validate_close_contact.auth_atom_id_1   O6 
_pdbx_validate_close_contact.auth_asym_id_1   B 
_pdbx_validate_close_contact.auth_comp_id_1   NDG 
_pdbx_validate_close_contact.auth_seq_id_1    1 
_pdbx_validate_close_contact.PDB_ins_code_1   ? 
_pdbx_validate_close_contact.label_alt_id_1   ? 
_pdbx_validate_close_contact.auth_atom_id_2   O6 
_pdbx_validate_close_contact.auth_asym_id_2   B 
_pdbx_validate_close_contact.auth_comp_id_2   SIA 
_pdbx_validate_close_contact.auth_seq_id_2    3 
_pdbx_validate_close_contact.PDB_ins_code_2   ? 
_pdbx_validate_close_contact.label_alt_id_2   ? 
_pdbx_validate_close_contact.dist             2.05 
# 
loop_
_pdbx_validate_symm_contact.id 
_pdbx_validate_symm_contact.PDB_model_num 
_pdbx_validate_symm_contact.auth_atom_id_1 
_pdbx_validate_symm_contact.auth_asym_id_1 
_pdbx_validate_symm_contact.auth_comp_id_1 
_pdbx_validate_symm_contact.auth_seq_id_1 
_pdbx_validate_symm_contact.PDB_ins_code_1 
_pdbx_validate_symm_contact.label_alt_id_1 
_pdbx_validate_symm_contact.site_symmetry_1 
_pdbx_validate_symm_contact.auth_atom_id_2 
_pdbx_validate_symm_contact.auth_asym_id_2 
_pdbx_validate_symm_contact.auth_comp_id_2 
_pdbx_validate_symm_contact.auth_seq_id_2 
_pdbx_validate_symm_contact.PDB_ins_code_2 
_pdbx_validate_symm_contact.label_alt_id_2 
_pdbx_validate_symm_contact.site_symmetry_2 
_pdbx_validate_symm_contact.dist 
1 1 NE2 A HIS 90 ? ? 1_555 O A HOH 218 ? ? 2_654 2.17 
2 1 O4  B SIA 3  ? ? 1_555 O A HOH 337 ? ? 6_644 2.18 
# 
loop_
_pdbx_validate_rmsd_angle.id 
_pdbx_validate_rmsd_angle.PDB_model_num 
_pdbx_validate_rmsd_angle.auth_atom_id_1 
_pdbx_validate_rmsd_angle.auth_asym_id_1 
_pdbx_validate_rmsd_angle.auth_comp_id_1 
_pdbx_validate_rmsd_angle.auth_seq_id_1 
_pdbx_validate_rmsd_angle.PDB_ins_code_1 
_pdbx_validate_rmsd_angle.label_alt_id_1 
_pdbx_validate_rmsd_angle.auth_atom_id_2 
_pdbx_validate_rmsd_angle.auth_asym_id_2 
_pdbx_validate_rmsd_angle.auth_comp_id_2 
_pdbx_validate_rmsd_angle.auth_seq_id_2 
_pdbx_validate_rmsd_angle.PDB_ins_code_2 
_pdbx_validate_rmsd_angle.label_alt_id_2 
_pdbx_validate_rmsd_angle.auth_atom_id_3 
_pdbx_validate_rmsd_angle.auth_asym_id_3 
_pdbx_validate_rmsd_angle.auth_comp_id_3 
_pdbx_validate_rmsd_angle.auth_seq_id_3 
_pdbx_validate_rmsd_angle.PDB_ins_code_3 
_pdbx_validate_rmsd_angle.label_alt_id_3 
_pdbx_validate_rmsd_angle.angle_value 
_pdbx_validate_rmsd_angle.angle_target_value 
_pdbx_validate_rmsd_angle.angle_deviation 
_pdbx_validate_rmsd_angle.angle_standard_deviation 
_pdbx_validate_rmsd_angle.linker_flag 
1 1 CD A ARG 22  ? ? NE A ARG 22  ? ? CZ  A ARG 22  ? ? 134.18 123.60 10.58  1.40 N 
2 1 NE A ARG 22  ? ? CZ A ARG 22  ? ? NH1 A ARG 22  ? ? 125.15 120.30 4.85   0.50 N 
3 1 CG A ARG 87  ? ? CD A ARG 87  ? ? NE  A ARG 87  ? ? 94.13  111.80 -17.67 2.10 N 
4 1 CA A ASN 144 ? ? CB A ASN 144 ? ? CG  A ASN 144 ? ? 94.62  113.40 -18.78 2.20 N 
# 
loop_
_pdbx_validate_torsion.id 
_pdbx_validate_torsion.PDB_model_num 
_pdbx_validate_torsion.auth_comp_id 
_pdbx_validate_torsion.auth_asym_id 
_pdbx_validate_torsion.auth_seq_id 
_pdbx_validate_torsion.PDB_ins_code 
_pdbx_validate_torsion.label_alt_id 
_pdbx_validate_torsion.phi 
_pdbx_validate_torsion.psi 
1 1 GLU A 2   ? ? -104.19 -76.30 
2 1 SER A 101 ? ? -148.62 54.34  
3 1 ASN A 111 ? ? -158.93 70.97  
# 
_pdbx_validate_chiral.id              1 
_pdbx_validate_chiral.PDB_model_num   1 
_pdbx_validate_chiral.auth_atom_id    C2 
_pdbx_validate_chiral.label_alt_id    ? 
_pdbx_validate_chiral.auth_asym_id    B 
_pdbx_validate_chiral.auth_comp_id    SIA 
_pdbx_validate_chiral.auth_seq_id     3 
_pdbx_validate_chiral.PDB_ins_code    ? 
_pdbx_validate_chiral.details         PLANAR 
_pdbx_validate_chiral.omega           . 
# 
_pdbx_struct_mod_residue.id               1 
_pdbx_struct_mod_residue.label_asym_id    A 
_pdbx_struct_mod_residue.label_comp_id    THR 
_pdbx_struct_mod_residue.label_seq_id     5 
_pdbx_struct_mod_residue.auth_asym_id     A 
_pdbx_struct_mod_residue.auth_comp_id     THR 
_pdbx_struct_mod_residue.auth_seq_id      5 
_pdbx_struct_mod_residue.PDB_ins_code     ? 
_pdbx_struct_mod_residue.parent_comp_id   THR 
_pdbx_struct_mod_residue.details          'GLYCOSYLATION SITE' 
# 
loop_
_chem_comp_atom.comp_id 
_chem_comp_atom.atom_id 
_chem_comp_atom.type_symbol 
_chem_comp_atom.pdbx_aromatic_flag 
_chem_comp_atom.pdbx_stereo_config 
_chem_comp_atom.pdbx_ordinal 
ALA N    N N N 1   
ALA CA   C N S 2   
ALA C    C N N 3   
ALA O    O N N 4   
ALA CB   C N N 5   
ALA OXT  O N N 6   
ALA H    H N N 7   
ALA H2   H N N 8   
ALA HA   H N N 9   
ALA HB1  H N N 10  
ALA HB2  H N N 11  
ALA HB3  H N N 12  
ALA HXT  H N N 13  
ARG N    N N N 14  
ARG CA   C N S 15  
ARG C    C N N 16  
ARG O    O N N 17  
ARG CB   C N N 18  
ARG CG   C N N 19  
ARG CD   C N N 20  
ARG NE   N N N 21  
ARG CZ   C N N 22  
ARG NH1  N N N 23  
ARG NH2  N N N 24  
ARG OXT  O N N 25  
ARG H    H N N 26  
ARG H2   H N N 27  
ARG HA   H N N 28  
ARG HB2  H N N 29  
ARG HB3  H N N 30  
ARG HG2  H N N 31  
ARG HG3  H N N 32  
ARG HD2  H N N 33  
ARG HD3  H N N 34  
ARG HE   H N N 35  
ARG HH11 H N N 36  
ARG HH12 H N N 37  
ARG HH21 H N N 38  
ARG HH22 H N N 39  
ARG HXT  H N N 40  
ASN N    N N N 41  
ASN CA   C N S 42  
ASN C    C N N 43  
ASN O    O N N 44  
ASN CB   C N N 45  
ASN CG   C N N 46  
ASN OD1  O N N 47  
ASN ND2  N N N 48  
ASN OXT  O N N 49  
ASN H    H N N 50  
ASN H2   H N N 51  
ASN HA   H N N 52  
ASN HB2  H N N 53  
ASN HB3  H N N 54  
ASN HD21 H N N 55  
ASN HD22 H N N 56  
ASN HXT  H N N 57  
ASP N    N N N 58  
ASP CA   C N S 59  
ASP C    C N N 60  
ASP O    O N N 61  
ASP CB   C N N 62  
ASP CG   C N N 63  
ASP OD1  O N N 64  
ASP OD2  O N N 65  
ASP OXT  O N N 66  
ASP H    H N N 67  
ASP H2   H N N 68  
ASP HA   H N N 69  
ASP HB2  H N N 70  
ASP HB3  H N N 71  
ASP HD2  H N N 72  
ASP HXT  H N N 73  
CYS N    N N N 74  
CYS CA   C N R 75  
CYS C    C N N 76  
CYS O    O N N 77  
CYS CB   C N N 78  
CYS SG   S N N 79  
CYS OXT  O N N 80  
CYS H    H N N 81  
CYS H2   H N N 82  
CYS HA   H N N 83  
CYS HB2  H N N 84  
CYS HB3  H N N 85  
CYS HG   H N N 86  
CYS HXT  H N N 87  
GAL C1   C N R 88  
GAL C2   C N R 89  
GAL C3   C N S 90  
GAL C4   C N R 91  
GAL C5   C N R 92  
GAL C6   C N N 93  
GAL O1   O N N 94  
GAL O2   O N N 95  
GAL O3   O N N 96  
GAL O4   O N N 97  
GAL O5   O N N 98  
GAL O6   O N N 99  
GAL H1   H N N 100 
GAL H2   H N N 101 
GAL H3   H N N 102 
GAL H4   H N N 103 
GAL H5   H N N 104 
GAL H61  H N N 105 
GAL H62  H N N 106 
GAL HO1  H N N 107 
GAL HO2  H N N 108 
GAL HO3  H N N 109 
GAL HO4  H N N 110 
GAL HO6  H N N 111 
GLN N    N N N 112 
GLN CA   C N S 113 
GLN C    C N N 114 
GLN O    O N N 115 
GLN CB   C N N 116 
GLN CG   C N N 117 
GLN CD   C N N 118 
GLN OE1  O N N 119 
GLN NE2  N N N 120 
GLN OXT  O N N 121 
GLN H    H N N 122 
GLN H2   H N N 123 
GLN HA   H N N 124 
GLN HB2  H N N 125 
GLN HB3  H N N 126 
GLN HG2  H N N 127 
GLN HG3  H N N 128 
GLN HE21 H N N 129 
GLN HE22 H N N 130 
GLN HXT  H N N 131 
GLU N    N N N 132 
GLU CA   C N S 133 
GLU C    C N N 134 
GLU O    O N N 135 
GLU CB   C N N 136 
GLU CG   C N N 137 
GLU CD   C N N 138 
GLU OE1  O N N 139 
GLU OE2  O N N 140 
GLU OXT  O N N 141 
GLU H    H N N 142 
GLU H2   H N N 143 
GLU HA   H N N 144 
GLU HB2  H N N 145 
GLU HB3  H N N 146 
GLU HG2  H N N 147 
GLU HG3  H N N 148 
GLU HE2  H N N 149 
GLU HXT  H N N 150 
GLY N    N N N 151 
GLY CA   C N N 152 
GLY C    C N N 153 
GLY O    O N N 154 
GLY OXT  O N N 155 
GLY H    H N N 156 
GLY H2   H N N 157 
GLY HA2  H N N 158 
GLY HA3  H N N 159 
GLY HXT  H N N 160 
HIS N    N N N 161 
HIS CA   C N S 162 
HIS C    C N N 163 
HIS O    O N N 164 
HIS CB   C N N 165 
HIS CG   C Y N 166 
HIS ND1  N Y N 167 
HIS CD2  C Y N 168 
HIS CE1  C Y N 169 
HIS NE2  N Y N 170 
HIS OXT  O N N 171 
HIS H    H N N 172 
HIS H2   H N N 173 
HIS HA   H N N 174 
HIS HB2  H N N 175 
HIS HB3  H N N 176 
HIS HD1  H N N 177 
HIS HD2  H N N 178 
HIS HE1  H N N 179 
HIS HE2  H N N 180 
HIS HXT  H N N 181 
HOH O    O N N 182 
HOH H1   H N N 183 
HOH H2   H N N 184 
ILE N    N N N 185 
ILE CA   C N S 186 
ILE C    C N N 187 
ILE O    O N N 188 
ILE CB   C N S 189 
ILE CG1  C N N 190 
ILE CG2  C N N 191 
ILE CD1  C N N 192 
ILE OXT  O N N 193 
ILE H    H N N 194 
ILE H2   H N N 195 
ILE HA   H N N 196 
ILE HB   H N N 197 
ILE HG12 H N N 198 
ILE HG13 H N N 199 
ILE HG21 H N N 200 
ILE HG22 H N N 201 
ILE HG23 H N N 202 
ILE HD11 H N N 203 
ILE HD12 H N N 204 
ILE HD13 H N N 205 
ILE HXT  H N N 206 
LEU N    N N N 207 
LEU CA   C N S 208 
LEU C    C N N 209 
LEU O    O N N 210 
LEU CB   C N N 211 
LEU CG   C N N 212 
LEU CD1  C N N 213 
LEU CD2  C N N 214 
LEU OXT  O N N 215 
LEU H    H N N 216 
LEU H2   H N N 217 
LEU HA   H N N 218 
LEU HB2  H N N 219 
LEU HB3  H N N 220 
LEU HG   H N N 221 
LEU HD11 H N N 222 
LEU HD12 H N N 223 
LEU HD13 H N N 224 
LEU HD21 H N N 225 
LEU HD22 H N N 226 
LEU HD23 H N N 227 
LEU HXT  H N N 228 
LYS N    N N N 229 
LYS CA   C N S 230 
LYS C    C N N 231 
LYS O    O N N 232 
LYS CB   C N N 233 
LYS CG   C N N 234 
LYS CD   C N N 235 
LYS CE   C N N 236 
LYS NZ   N N N 237 
LYS OXT  O N N 238 
LYS H    H N N 239 
LYS H2   H N N 240 
LYS HA   H N N 241 
LYS HB2  H N N 242 
LYS HB3  H N N 243 
LYS HG2  H N N 244 
LYS HG3  H N N 245 
LYS HD2  H N N 246 
LYS HD3  H N N 247 
LYS HE2  H N N 248 
LYS HE3  H N N 249 
LYS HZ1  H N N 250 
LYS HZ2  H N N 251 
LYS HZ3  H N N 252 
LYS HXT  H N N 253 
MET N    N N N 254 
MET CA   C N S 255 
MET C    C N N 256 
MET O    O N N 257 
MET CB   C N N 258 
MET CG   C N N 259 
MET SD   S N N 260 
MET CE   C N N 261 
MET OXT  O N N 262 
MET H    H N N 263 
MET H2   H N N 264 
MET HA   H N N 265 
MET HB2  H N N 266 
MET HB3  H N N 267 
MET HG2  H N N 268 
MET HG3  H N N 269 
MET HE1  H N N 270 
MET HE2  H N N 271 
MET HE3  H N N 272 
MET HXT  H N N 273 
NDG C1   C N S 274 
NDG C2   C N R 275 
NDG C3   C N R 276 
NDG C4   C N S 277 
NDG C5   C N R 278 
NDG C6   C N N 279 
NDG C7   C N N 280 
NDG C8   C N N 281 
NDG O5   O N N 282 
NDG O3   O N N 283 
NDG O4   O N N 284 
NDG O6   O N N 285 
NDG O7   O N N 286 
NDG N2   N N N 287 
NDG O1   O N N 288 
NDG H1   H N N 289 
NDG H2   H N N 290 
NDG H3   H N N 291 
NDG H4   H N N 292 
NDG H5   H N N 293 
NDG H61  H N N 294 
NDG H62  H N N 295 
NDG H81  H N N 296 
NDG H82  H N N 297 
NDG H83  H N N 298 
NDG HO3  H N N 299 
NDG HO4  H N N 300 
NDG HO6  H N N 301 
NDG HN2  H N N 302 
NDG HO1  H N N 303 
PHE N    N N N 304 
PHE CA   C N S 305 
PHE C    C N N 306 
PHE O    O N N 307 
PHE CB   C N N 308 
PHE CG   C Y N 309 
PHE CD1  C Y N 310 
PHE CD2  C Y N 311 
PHE CE1  C Y N 312 
PHE CE2  C Y N 313 
PHE CZ   C Y N 314 
PHE OXT  O N N 315 
PHE H    H N N 316 
PHE H2   H N N 317 
PHE HA   H N N 318 
PHE HB2  H N N 319 
PHE HB3  H N N 320 
PHE HD1  H N N 321 
PHE HD2  H N N 322 
PHE HE1  H N N 323 
PHE HE2  H N N 324 
PHE HZ   H N N 325 
PHE HXT  H N N 326 
PRO N    N N N 327 
PRO CA   C N S 328 
PRO C    C N N 329 
PRO O    O N N 330 
PRO CB   C N N 331 
PRO CG   C N N 332 
PRO CD   C N N 333 
PRO OXT  O N N 334 
PRO H    H N N 335 
PRO HA   H N N 336 
PRO HB2  H N N 337 
PRO HB3  H N N 338 
PRO HG2  H N N 339 
PRO HG3  H N N 340 
PRO HD2  H N N 341 
PRO HD3  H N N 342 
PRO HXT  H N N 343 
SER N    N N N 344 
SER CA   C N S 345 
SER C    C N N 346 
SER O    O N N 347 
SER CB   C N N 348 
SER OG   O N N 349 
SER OXT  O N N 350 
SER H    H N N 351 
SER H2   H N N 352 
SER HA   H N N 353 
SER HB2  H N N 354 
SER HB3  H N N 355 
SER HG   H N N 356 
SER HXT  H N N 357 
SIA C1   C N N 358 
SIA C2   C N R 359 
SIA C3   C N N 360 
SIA C4   C N S 361 
SIA C5   C N R 362 
SIA C6   C N R 363 
SIA C7   C N R 364 
SIA C8   C N R 365 
SIA C9   C N N 366 
SIA C10  C N N 367 
SIA C11  C N N 368 
SIA N5   N N N 369 
SIA O1A  O N N 370 
SIA O1B  O N N 371 
SIA O2   O N N 372 
SIA O4   O N N 373 
SIA O6   O N N 374 
SIA O7   O N N 375 
SIA O8   O N N 376 
SIA O9   O N N 377 
SIA O10  O N N 378 
SIA H32  H N N 379 
SIA H31  H N N 380 
SIA H4   H N N 381 
SIA H5   H N N 382 
SIA H6   H N N 383 
SIA H7   H N N 384 
SIA H8   H N N 385 
SIA H92  H N N 386 
SIA H91  H N N 387 
SIA H111 H N N 388 
SIA H113 H N N 389 
SIA H112 H N N 390 
SIA HN5  H N N 391 
SIA HO1B H N N 392 
SIA HO2  H N N 393 
SIA HO4  H N N 394 
SIA HO7  H N N 395 
SIA HO8  H N N 396 
SIA HO9  H N N 397 
THR N    N N N 398 
THR CA   C N S 399 
THR C    C N N 400 
THR O    O N N 401 
THR CB   C N R 402 
THR OG1  O N N 403 
THR CG2  C N N 404 
THR OXT  O N N 405 
THR H    H N N 406 
THR H2   H N N 407 
THR HA   H N N 408 
THR HB   H N N 409 
THR HG1  H N N 410 
THR HG21 H N N 411 
THR HG22 H N N 412 
THR HG23 H N N 413 
THR HXT  H N N 414 
TRP N    N N N 415 
TRP CA   C N S 416 
TRP C    C N N 417 
TRP O    O N N 418 
TRP CB   C N N 419 
TRP CG   C Y N 420 
TRP CD1  C Y N 421 
TRP CD2  C Y N 422 
TRP NE1  N Y N 423 
TRP CE2  C Y N 424 
TRP CE3  C Y N 425 
TRP CZ2  C Y N 426 
TRP CZ3  C Y N 427 
TRP CH2  C Y N 428 
TRP OXT  O N N 429 
TRP H    H N N 430 
TRP H2   H N N 431 
TRP HA   H N N 432 
TRP HB2  H N N 433 
TRP HB3  H N N 434 
TRP HD1  H N N 435 
TRP HE1  H N N 436 
TRP HE3  H N N 437 
TRP HZ2  H N N 438 
TRP HZ3  H N N 439 
TRP HH2  H N N 440 
TRP HXT  H N N 441 
TYR N    N N N 442 
TYR CA   C N S 443 
TYR C    C N N 444 
TYR O    O N N 445 
TYR CB   C N N 446 
TYR CG   C Y N 447 
TYR CD1  C Y N 448 
TYR CD2  C Y N 449 
TYR CE1  C Y N 450 
TYR CE2  C Y N 451 
TYR CZ   C Y N 452 
TYR OH   O N N 453 
TYR OXT  O N N 454 
TYR H    H N N 455 
TYR H2   H N N 456 
TYR HA   H N N 457 
TYR HB2  H N N 458 
TYR HB3  H N N 459 
TYR HD1  H N N 460 
TYR HD2  H N N 461 
TYR HE1  H N N 462 
TYR HE2  H N N 463 
TYR HH   H N N 464 
TYR HXT  H N N 465 
VAL N    N N N 466 
VAL CA   C N S 467 
VAL C    C N N 468 
VAL O    O N N 469 
VAL CB   C N N 470 
VAL CG1  C N N 471 
VAL CG2  C N N 472 
VAL OXT  O N N 473 
VAL H    H N N 474 
VAL H2   H N N 475 
VAL HA   H N N 476 
VAL HB   H N N 477 
VAL HG11 H N N 478 
VAL HG12 H N N 479 
VAL HG13 H N N 480 
VAL HG21 H N N 481 
VAL HG22 H N N 482 
VAL HG23 H N N 483 
VAL HXT  H N N 484 
# 
loop_
_chem_comp_bond.comp_id 
_chem_comp_bond.atom_id_1 
_chem_comp_bond.atom_id_2 
_chem_comp_bond.value_order 
_chem_comp_bond.pdbx_aromatic_flag 
_chem_comp_bond.pdbx_stereo_config 
_chem_comp_bond.pdbx_ordinal 
ALA N   CA   sing N N 1   
ALA N   H    sing N N 2   
ALA N   H2   sing N N 3   
ALA CA  C    sing N N 4   
ALA CA  CB   sing N N 5   
ALA CA  HA   sing N N 6   
ALA C   O    doub N N 7   
ALA C   OXT  sing N N 8   
ALA CB  HB1  sing N N 9   
ALA CB  HB2  sing N N 10  
ALA CB  HB3  sing N N 11  
ALA OXT HXT  sing N N 12  
ARG N   CA   sing N N 13  
ARG N   H    sing N N 14  
ARG N   H2   sing N N 15  
ARG CA  C    sing N N 16  
ARG CA  CB   sing N N 17  
ARG CA  HA   sing N N 18  
ARG C   O    doub N N 19  
ARG C   OXT  sing N N 20  
ARG CB  CG   sing N N 21  
ARG CB  HB2  sing N N 22  
ARG CB  HB3  sing N N 23  
ARG CG  CD   sing N N 24  
ARG CG  HG2  sing N N 25  
ARG CG  HG3  sing N N 26  
ARG CD  NE   sing N N 27  
ARG CD  HD2  sing N N 28  
ARG CD  HD3  sing N N 29  
ARG NE  CZ   sing N N 30  
ARG NE  HE   sing N N 31  
ARG CZ  NH1  sing N N 32  
ARG CZ  NH2  doub N N 33  
ARG NH1 HH11 sing N N 34  
ARG NH1 HH12 sing N N 35  
ARG NH2 HH21 sing N N 36  
ARG NH2 HH22 sing N N 37  
ARG OXT HXT  sing N N 38  
ASN N   CA   sing N N 39  
ASN N   H    sing N N 40  
ASN N   H2   sing N N 41  
ASN CA  C    sing N N 42  
ASN CA  CB   sing N N 43  
ASN CA  HA   sing N N 44  
ASN C   O    doub N N 45  
ASN C   OXT  sing N N 46  
ASN CB  CG   sing N N 47  
ASN CB  HB2  sing N N 48  
ASN CB  HB3  sing N N 49  
ASN CG  OD1  doub N N 50  
ASN CG  ND2  sing N N 51  
ASN ND2 HD21 sing N N 52  
ASN ND2 HD22 sing N N 53  
ASN OXT HXT  sing N N 54  
ASP N   CA   sing N N 55  
ASP N   H    sing N N 56  
ASP N   H2   sing N N 57  
ASP CA  C    sing N N 58  
ASP CA  CB   sing N N 59  
ASP CA  HA   sing N N 60  
ASP C   O    doub N N 61  
ASP C   OXT  sing N N 62  
ASP CB  CG   sing N N 63  
ASP CB  HB2  sing N N 64  
ASP CB  HB3  sing N N 65  
ASP CG  OD1  doub N N 66  
ASP CG  OD2  sing N N 67  
ASP OD2 HD2  sing N N 68  
ASP OXT HXT  sing N N 69  
CYS N   CA   sing N N 70  
CYS N   H    sing N N 71  
CYS N   H2   sing N N 72  
CYS CA  C    sing N N 73  
CYS CA  CB   sing N N 74  
CYS CA  HA   sing N N 75  
CYS C   O    doub N N 76  
CYS C   OXT  sing N N 77  
CYS CB  SG   sing N N 78  
CYS CB  HB2  sing N N 79  
CYS CB  HB3  sing N N 80  
CYS SG  HG   sing N N 81  
CYS OXT HXT  sing N N 82  
GAL C1  C2   sing N N 83  
GAL C1  O1   sing N N 84  
GAL C1  O5   sing N N 85  
GAL C1  H1   sing N N 86  
GAL C2  C3   sing N N 87  
GAL C2  O2   sing N N 88  
GAL C2  H2   sing N N 89  
GAL C3  C4   sing N N 90  
GAL C3  O3   sing N N 91  
GAL C3  H3   sing N N 92  
GAL C4  C5   sing N N 93  
GAL C4  O4   sing N N 94  
GAL C4  H4   sing N N 95  
GAL C5  C6   sing N N 96  
GAL C5  O5   sing N N 97  
GAL C5  H5   sing N N 98  
GAL C6  O6   sing N N 99  
GAL C6  H61  sing N N 100 
GAL C6  H62  sing N N 101 
GAL O1  HO1  sing N N 102 
GAL O2  HO2  sing N N 103 
GAL O3  HO3  sing N N 104 
GAL O4  HO4  sing N N 105 
GAL O6  HO6  sing N N 106 
GLN N   CA   sing N N 107 
GLN N   H    sing N N 108 
GLN N   H2   sing N N 109 
GLN CA  C    sing N N 110 
GLN CA  CB   sing N N 111 
GLN CA  HA   sing N N 112 
GLN C   O    doub N N 113 
GLN C   OXT  sing N N 114 
GLN CB  CG   sing N N 115 
GLN CB  HB2  sing N N 116 
GLN CB  HB3  sing N N 117 
GLN CG  CD   sing N N 118 
GLN CG  HG2  sing N N 119 
GLN CG  HG3  sing N N 120 
GLN CD  OE1  doub N N 121 
GLN CD  NE2  sing N N 122 
GLN NE2 HE21 sing N N 123 
GLN NE2 HE22 sing N N 124 
GLN OXT HXT  sing N N 125 
GLU N   CA   sing N N 126 
GLU N   H    sing N N 127 
GLU N   H2   sing N N 128 
GLU CA  C    sing N N 129 
GLU CA  CB   sing N N 130 
GLU CA  HA   sing N N 131 
GLU C   O    doub N N 132 
GLU C   OXT  sing N N 133 
GLU CB  CG   sing N N 134 
GLU CB  HB2  sing N N 135 
GLU CB  HB3  sing N N 136 
GLU CG  CD   sing N N 137 
GLU CG  HG2  sing N N 138 
GLU CG  HG3  sing N N 139 
GLU CD  OE1  doub N N 140 
GLU CD  OE2  sing N N 141 
GLU OE2 HE2  sing N N 142 
GLU OXT HXT  sing N N 143 
GLY N   CA   sing N N 144 
GLY N   H    sing N N 145 
GLY N   H2   sing N N 146 
GLY CA  C    sing N N 147 
GLY CA  HA2  sing N N 148 
GLY CA  HA3  sing N N 149 
GLY C   O    doub N N 150 
GLY C   OXT  sing N N 151 
GLY OXT HXT  sing N N 152 
HIS N   CA   sing N N 153 
HIS N   H    sing N N 154 
HIS N   H2   sing N N 155 
HIS CA  C    sing N N 156 
HIS CA  CB   sing N N 157 
HIS CA  HA   sing N N 158 
HIS C   O    doub N N 159 
HIS C   OXT  sing N N 160 
HIS CB  CG   sing N N 161 
HIS CB  HB2  sing N N 162 
HIS CB  HB3  sing N N 163 
HIS CG  ND1  sing Y N 164 
HIS CG  CD2  doub Y N 165 
HIS ND1 CE1  doub Y N 166 
HIS ND1 HD1  sing N N 167 
HIS CD2 NE2  sing Y N 168 
HIS CD2 HD2  sing N N 169 
HIS CE1 NE2  sing Y N 170 
HIS CE1 HE1  sing N N 171 
HIS NE2 HE2  sing N N 172 
HIS OXT HXT  sing N N 173 
HOH O   H1   sing N N 174 
HOH O   H2   sing N N 175 
ILE N   CA   sing N N 176 
ILE N   H    sing N N 177 
ILE N   H2   sing N N 178 
ILE CA  C    sing N N 179 
ILE CA  CB   sing N N 180 
ILE CA  HA   sing N N 181 
ILE C   O    doub N N 182 
ILE C   OXT  sing N N 183 
ILE CB  CG1  sing N N 184 
ILE CB  CG2  sing N N 185 
ILE CB  HB   sing N N 186 
ILE CG1 CD1  sing N N 187 
ILE CG1 HG12 sing N N 188 
ILE CG1 HG13 sing N N 189 
ILE CG2 HG21 sing N N 190 
ILE CG2 HG22 sing N N 191 
ILE CG2 HG23 sing N N 192 
ILE CD1 HD11 sing N N 193 
ILE CD1 HD12 sing N N 194 
ILE CD1 HD13 sing N N 195 
ILE OXT HXT  sing N N 196 
LEU N   CA   sing N N 197 
LEU N   H    sing N N 198 
LEU N   H2   sing N N 199 
LEU CA  C    sing N N 200 
LEU CA  CB   sing N N 201 
LEU CA  HA   sing N N 202 
LEU C   O    doub N N 203 
LEU C   OXT  sing N N 204 
LEU CB  CG   sing N N 205 
LEU CB  HB2  sing N N 206 
LEU CB  HB3  sing N N 207 
LEU CG  CD1  sing N N 208 
LEU CG  CD2  sing N N 209 
LEU CG  HG   sing N N 210 
LEU CD1 HD11 sing N N 211 
LEU CD1 HD12 sing N N 212 
LEU CD1 HD13 sing N N 213 
LEU CD2 HD21 sing N N 214 
LEU CD2 HD22 sing N N 215 
LEU CD2 HD23 sing N N 216 
LEU OXT HXT  sing N N 217 
LYS N   CA   sing N N 218 
LYS N   H    sing N N 219 
LYS N   H2   sing N N 220 
LYS CA  C    sing N N 221 
LYS CA  CB   sing N N 222 
LYS CA  HA   sing N N 223 
LYS C   O    doub N N 224 
LYS C   OXT  sing N N 225 
LYS CB  CG   sing N N 226 
LYS CB  HB2  sing N N 227 
LYS CB  HB3  sing N N 228 
LYS CG  CD   sing N N 229 
LYS CG  HG2  sing N N 230 
LYS CG  HG3  sing N N 231 
LYS CD  CE   sing N N 232 
LYS CD  HD2  sing N N 233 
LYS CD  HD3  sing N N 234 
LYS CE  NZ   sing N N 235 
LYS CE  HE2  sing N N 236 
LYS CE  HE3  sing N N 237 
LYS NZ  HZ1  sing N N 238 
LYS NZ  HZ2  sing N N 239 
LYS NZ  HZ3  sing N N 240 
LYS OXT HXT  sing N N 241 
MET N   CA   sing N N 242 
MET N   H    sing N N 243 
MET N   H2   sing N N 244 
MET CA  C    sing N N 245 
MET CA  CB   sing N N 246 
MET CA  HA   sing N N 247 
MET C   O    doub N N 248 
MET C   OXT  sing N N 249 
MET CB  CG   sing N N 250 
MET CB  HB2  sing N N 251 
MET CB  HB3  sing N N 252 
MET CG  SD   sing N N 253 
MET CG  HG2  sing N N 254 
MET CG  HG3  sing N N 255 
MET SD  CE   sing N N 256 
MET CE  HE1  sing N N 257 
MET CE  HE2  sing N N 258 
MET CE  HE3  sing N N 259 
MET OXT HXT  sing N N 260 
NDG C1  C2   sing N N 261 
NDG C1  O5   sing N N 262 
NDG C1  O1   sing N N 263 
NDG C1  H1   sing N N 264 
NDG C2  C3   sing N N 265 
NDG C2  N2   sing N N 266 
NDG C2  H2   sing N N 267 
NDG C3  C4   sing N N 268 
NDG C3  O3   sing N N 269 
NDG C3  H3   sing N N 270 
NDG C4  C5   sing N N 271 
NDG C4  O4   sing N N 272 
NDG C4  H4   sing N N 273 
NDG C5  C6   sing N N 274 
NDG C5  O5   sing N N 275 
NDG C5  H5   sing N N 276 
NDG C6  O6   sing N N 277 
NDG C6  H61  sing N N 278 
NDG C6  H62  sing N N 279 
NDG C7  C8   sing N N 280 
NDG C7  O7   doub N N 281 
NDG C7  N2   sing N N 282 
NDG C8  H81  sing N N 283 
NDG C8  H82  sing N N 284 
NDG C8  H83  sing N N 285 
NDG O3  HO3  sing N N 286 
NDG O4  HO4  sing N N 287 
NDG O6  HO6  sing N N 288 
NDG N2  HN2  sing N N 289 
NDG O1  HO1  sing N N 290 
PHE N   CA   sing N N 291 
PHE N   H    sing N N 292 
PHE N   H2   sing N N 293 
PHE CA  C    sing N N 294 
PHE CA  CB   sing N N 295 
PHE CA  HA   sing N N 296 
PHE C   O    doub N N 297 
PHE C   OXT  sing N N 298 
PHE CB  CG   sing N N 299 
PHE CB  HB2  sing N N 300 
PHE CB  HB3  sing N N 301 
PHE CG  CD1  doub Y N 302 
PHE CG  CD2  sing Y N 303 
PHE CD1 CE1  sing Y N 304 
PHE CD1 HD1  sing N N 305 
PHE CD2 CE2  doub Y N 306 
PHE CD2 HD2  sing N N 307 
PHE CE1 CZ   doub Y N 308 
PHE CE1 HE1  sing N N 309 
PHE CE2 CZ   sing Y N 310 
PHE CE2 HE2  sing N N 311 
PHE CZ  HZ   sing N N 312 
PHE OXT HXT  sing N N 313 
PRO N   CA   sing N N 314 
PRO N   CD   sing N N 315 
PRO N   H    sing N N 316 
PRO CA  C    sing N N 317 
PRO CA  CB   sing N N 318 
PRO CA  HA   sing N N 319 
PRO C   O    doub N N 320 
PRO C   OXT  sing N N 321 
PRO CB  CG   sing N N 322 
PRO CB  HB2  sing N N 323 
PRO CB  HB3  sing N N 324 
PRO CG  CD   sing N N 325 
PRO CG  HG2  sing N N 326 
PRO CG  HG3  sing N N 327 
PRO CD  HD2  sing N N 328 
PRO CD  HD3  sing N N 329 
PRO OXT HXT  sing N N 330 
SER N   CA   sing N N 331 
SER N   H    sing N N 332 
SER N   H2   sing N N 333 
SER CA  C    sing N N 334 
SER CA  CB   sing N N 335 
SER CA  HA   sing N N 336 
SER C   O    doub N N 337 
SER C   OXT  sing N N 338 
SER CB  OG   sing N N 339 
SER CB  HB2  sing N N 340 
SER CB  HB3  sing N N 341 
SER OG  HG   sing N N 342 
SER OXT HXT  sing N N 343 
SIA C1  C2   sing N N 344 
SIA C1  O1A  doub N N 345 
SIA C1  O1B  sing N N 346 
SIA C2  C3   sing N N 347 
SIA C2  O2   sing N N 348 
SIA C2  O6   sing N N 349 
SIA C3  C4   sing N N 350 
SIA C3  H32  sing N N 351 
SIA C3  H31  sing N N 352 
SIA C4  C5   sing N N 353 
SIA C4  O4   sing N N 354 
SIA C4  H4   sing N N 355 
SIA C5  C6   sing N N 356 
SIA C5  N5   sing N N 357 
SIA C5  H5   sing N N 358 
SIA C6  C7   sing N N 359 
SIA C6  O6   sing N N 360 
SIA C6  H6   sing N N 361 
SIA C7  C8   sing N N 362 
SIA C7  O7   sing N N 363 
SIA C7  H7   sing N N 364 
SIA C8  C9   sing N N 365 
SIA C8  O8   sing N N 366 
SIA C8  H8   sing N N 367 
SIA C9  O9   sing N N 368 
SIA C9  H92  sing N N 369 
SIA C9  H91  sing N N 370 
SIA C10 C11  sing N N 371 
SIA C10 N5   sing N N 372 
SIA C10 O10  doub N N 373 
SIA C11 H111 sing N N 374 
SIA C11 H113 sing N N 375 
SIA C11 H112 sing N N 376 
SIA N5  HN5  sing N N 377 
SIA O1B HO1B sing N N 378 
SIA O2  HO2  sing N N 379 
SIA O4  HO4  sing N N 380 
SIA O7  HO7  sing N N 381 
SIA O8  HO8  sing N N 382 
SIA O9  HO9  sing N N 383 
THR N   CA   sing N N 384 
THR N   H    sing N N 385 
THR N   H2   sing N N 386 
THR CA  C    sing N N 387 
THR CA  CB   sing N N 388 
THR CA  HA   sing N N 389 
THR C   O    doub N N 390 
THR C   OXT  sing N N 391 
THR CB  OG1  sing N N 392 
THR CB  CG2  sing N N 393 
THR CB  HB   sing N N 394 
THR OG1 HG1  sing N N 395 
THR CG2 HG21 sing N N 396 
THR CG2 HG22 sing N N 397 
THR CG2 HG23 sing N N 398 
THR OXT HXT  sing N N 399 
TRP N   CA   sing N N 400 
TRP N   H    sing N N 401 
TRP N   H2   sing N N 402 
TRP CA  C    sing N N 403 
TRP CA  CB   sing N N 404 
TRP CA  HA   sing N N 405 
TRP C   O    doub N N 406 
TRP C   OXT  sing N N 407 
TRP CB  CG   sing N N 408 
TRP CB  HB2  sing N N 409 
TRP CB  HB3  sing N N 410 
TRP CG  CD1  doub Y N 411 
TRP CG  CD2  sing Y N 412 
TRP CD1 NE1  sing Y N 413 
TRP CD1 HD1  sing N N 414 
TRP CD2 CE2  doub Y N 415 
TRP CD2 CE3  sing Y N 416 
TRP NE1 CE2  sing Y N 417 
TRP NE1 HE1  sing N N 418 
TRP CE2 CZ2  sing Y N 419 
TRP CE3 CZ3  doub Y N 420 
TRP CE3 HE3  sing N N 421 
TRP CZ2 CH2  doub Y N 422 
TRP CZ2 HZ2  sing N N 423 
TRP CZ3 CH2  sing Y N 424 
TRP CZ3 HZ3  sing N N 425 
TRP CH2 HH2  sing N N 426 
TRP OXT HXT  sing N N 427 
TYR N   CA   sing N N 428 
TYR N   H    sing N N 429 
TYR N   H2   sing N N 430 
TYR CA  C    sing N N 431 
TYR CA  CB   sing N N 432 
TYR CA  HA   sing N N 433 
TYR C   O    doub N N 434 
TYR C   OXT  sing N N 435 
TYR CB  CG   sing N N 436 
TYR CB  HB2  sing N N 437 
TYR CB  HB3  sing N N 438 
TYR CG  CD1  doub Y N 439 
TYR CG  CD2  sing Y N 440 
TYR CD1 CE1  sing Y N 441 
TYR CD1 HD1  sing N N 442 
TYR CD2 CE2  doub Y N 443 
TYR CD2 HD2  sing N N 444 
TYR CE1 CZ   doub Y N 445 
TYR CE1 HE1  sing N N 446 
TYR CE2 CZ   sing Y N 447 
TYR CE2 HE2  sing N N 448 
TYR CZ  OH   sing N N 449 
TYR OH  HH   sing N N 450 
TYR OXT HXT  sing N N 451 
VAL N   CA   sing N N 452 
VAL N   H    sing N N 453 
VAL N   H2   sing N N 454 
VAL CA  C    sing N N 455 
VAL CA  CB   sing N N 456 
VAL CA  HA   sing N N 457 
VAL C   O    doub N N 458 
VAL C   OXT  sing N N 459 
VAL CB  CG1  sing N N 460 
VAL CB  CG2  sing N N 461 
VAL CB  HB   sing N N 462 
VAL CG1 HG11 sing N N 463 
VAL CG1 HG12 sing N N 464 
VAL CG1 HG13 sing N N 465 
VAL CG2 HG21 sing N N 466 
VAL CG2 HG22 sing N N 467 
VAL CG2 HG23 sing N N 468 
VAL OXT HXT  sing N N 469 
# 
loop_
_pdbx_entity_branch_list.entity_id 
_pdbx_entity_branch_list.comp_id 
_pdbx_entity_branch_list.num 
_pdbx_entity_branch_list.hetero 
2 NDG 1 n 
2 GAL 2 n 
2 SIA 3 n 
# 
_atom_sites.entry_id                    1QDD 
_atom_sites.fract_transf_matrix[1][1]   0.02346128 
_atom_sites.fract_transf_matrix[1][2]   -0.00460459 
_atom_sites.fract_transf_matrix[1][3]   -0.00265570 
_atom_sites.fract_transf_matrix[2][1]   0.01265544 
_atom_sites.fract_transf_matrix[2][2]   -0.00896307 
_atom_sites.fract_transf_matrix[2][3]   0.01839006 
_atom_sites.fract_transf_matrix[3][1]   -0.00195011 
_atom_sites.fract_transf_matrix[3][2]   -0.00836014 
_atom_sites.fract_transf_matrix[3][3]   -0.00273262 
_atom_sites.fract_transf_vector[1]      0.832217 
_atom_sites.fract_transf_vector[2]      0.349818 
_atom_sites.fract_transf_vector[3]      0.578236 
# 
loop_
_atom_type.symbol 
C 
N 
O 
S 
# 
loop_
_atom_site.group_PDB 
_atom_site.id 
_atom_site.type_symbol 
_atom_site.label_atom_id 
_atom_site.label_alt_id 
_atom_site.label_comp_id 
_atom_site.label_asym_id 
_atom_site.label_entity_id 
_atom_site.label_seq_id 
_atom_site.pdbx_PDB_ins_code 
_atom_site.Cartn_x 
_atom_site.Cartn_y 
_atom_site.Cartn_z 
_atom_site.occupancy 
_atom_site.B_iso_or_equiv 
_atom_site.pdbx_formal_charge 
_atom_site.auth_seq_id 
_atom_site.auth_comp_id 
_atom_site.auth_asym_id 
_atom_site.auth_atom_id 
_atom_site.pdbx_PDB_model_num 
ATOM   1    N N   . GLN A 1 1   ? 25.631  24.376  -11.195 1.00 49.65 ? 1   GLN A N   1 
ATOM   2    C CA  . GLN A 1 1   ? 25.548  24.695  -12.649 1.00 48.97 ? 1   GLN A CA  1 
ATOM   3    C C   . GLN A 1 1   ? 26.606  23.945  -13.447 1.00 49.15 ? 1   GLN A C   1 
ATOM   4    O O   . GLN A 1 1   ? 27.239  24.466  -14.363 1.00 49.83 ? 1   GLN A O   1 
ATOM   5    C CB  . GLN A 1 1   ? 25.645  26.201  -12.872 1.00 48.77 ? 1   GLN A CB  1 
ATOM   6    C CG  . GLN A 1 1   ? 24.338  26.819  -13.345 1.00 47.97 ? 1   GLN A CG  1 
ATOM   7    C CD  . GLN A 1 1   ? 24.455  28.322  -13.479 1.00 46.81 ? 1   GLN A CD  1 
ATOM   8    O OE1 . GLN A 1 1   ? 25.350  28.814  -14.165 1.00 47.65 ? 1   GLN A OE1 1 
ATOM   9    N NE2 . GLN A 1 1   ? 23.562  29.043  -12.818 1.00 47.44 ? 1   GLN A NE2 1 
ATOM   10   N N   . GLU A 1 2   ? 26.777  22.683  -13.068 1.00 49.13 ? 2   GLU A N   1 
ATOM   11   C CA  . GLU A 1 2   ? 27.752  21.799  -13.686 1.00 48.17 ? 2   GLU A CA  1 
ATOM   12   C C   . GLU A 1 2   ? 27.125  20.787  -14.631 1.00 46.87 ? 2   GLU A C   1 
ATOM   13   O O   . GLU A 1 2   ? 27.250  20.997  -15.844 1.00 47.86 ? 2   GLU A O   1 
ATOM   14   C CB  . GLU A 1 2   ? 28.550  21.088  -12.599 1.00 48.65 ? 2   GLU A CB  1 
ATOM   15   N N   . ALA A 1 3   ? 26.491  19.730  -14.130 1.00 44.89 ? 3   ALA A N   1 
ATOM   16   C CA  . ALA A 1 3   ? 25.909  18.759  -15.059 1.00 41.54 ? 3   ALA A CA  1 
ATOM   17   C C   . ALA A 1 3   ? 24.428  19.010  -15.305 1.00 38.29 ? 3   ALA A C   1 
ATOM   18   O O   . ALA A 1 3   ? 23.573  18.408  -14.655 1.00 39.21 ? 3   ALA A O   1 
ATOM   19   C CB  . ALA A 1 3   ? 26.165  17.336  -14.600 1.00 42.26 ? 3   ALA A CB  1 
ATOM   20   N N   . GLN A 1 4   ? 24.135  19.863  -16.290 1.00 33.45 ? 4   GLN A N   1 
ATOM   21   C CA  . GLN A 1 4   ? 22.737  20.125  -16.656 1.00 28.47 ? 4   GLN A CA  1 
ATOM   22   C C   . GLN A 1 4   ? 22.381  19.264  -17.861 1.00 24.88 ? 4   GLN A C   1 
ATOM   23   O O   . GLN A 1 4   ? 22.517  19.666  -19.020 1.00 22.75 ? 4   GLN A O   1 
ATOM   24   C CB  . GLN A 1 4   ? 22.511  21.599  -16.933 1.00 29.22 ? 4   GLN A CB  1 
ATOM   25   N N   . THR A 1 5   ? 22.006  18.013  -17.606 1.00 21.20 ? 5   THR A N   1 
ATOM   26   C CA  . THR A 1 5   ? 21.720  17.045  -18.663 1.00 19.72 ? 5   THR A CA  1 
ATOM   27   C C   . THR A 1 5   ? 20.429  16.277  -18.407 1.00 19.94 ? 5   THR A C   1 
ATOM   28   O O   . THR A 1 5   ? 19.820  16.447  -17.341 1.00 20.71 ? 5   THR A O   1 
ATOM   29   C CB  . THR A 1 5   ? 22.907  16.092  -18.772 1.00 18.42 ? 5   THR A CB  1 
ATOM   30   O OG1 . THR A 1 5   ? 23.015  15.409  -17.458 1.00 18.86 ? 5   THR A OG1 1 
ATOM   31   C CG2 . THR A 1 5   ? 24.275  16.654  -19.062 1.00 17.74 ? 5   THR A CG2 1 
ATOM   32   N N   . GLU A 1 6   ? 20.005  15.442  -19.346 1.00 20.89 ? 6   GLU A N   1 
ATOM   33   C CA  . GLU A 1 6   ? 18.766  14.678  -19.230 1.00 23.09 ? 6   GLU A CA  1 
ATOM   34   C C   . GLU A 1 6   ? 18.870  13.494  -18.278 1.00 24.87 ? 6   GLU A C   1 
ATOM   35   O O   . GLU A 1 6   ? 19.961  12.976  -18.039 1.00 24.32 ? 6   GLU A O   1 
ATOM   36   C CB  . GLU A 1 6   ? 18.344  14.209  -20.626 1.00 23.52 ? 6   GLU A CB  1 
ATOM   37   C CG  . GLU A 1 6   ? 18.036  15.315  -21.621 1.00 24.41 ? 6   GLU A CG  1 
ATOM   38   C CD  . GLU A 1 6   ? 16.761  16.066  -21.308 1.00 25.39 ? 6   GLU A CD  1 
ATOM   39   O OE1 . GLU A 1 6   ? 16.781  17.314  -21.340 1.00 25.33 ? 6   GLU A OE1 1 
ATOM   40   O OE2 . GLU A 1 6   ? 15.734  15.419  -21.014 1.00 26.73 ? 6   GLU A OE2 1 
ATOM   41   N N   . LEU A 1 7   ? 17.745  13.052  -17.723 1.00 27.03 ? 7   LEU A N   1 
ATOM   42   C CA  . LEU A 1 7   ? 17.693  11.914  -16.813 1.00 29.88 ? 7   LEU A CA  1 
ATOM   43   C C   . LEU A 1 7   ? 18.171  10.640  -17.508 1.00 31.38 ? 7   LEU A C   1 
ATOM   44   O O   . LEU A 1 7   ? 17.777  10.387  -18.647 1.00 31.97 ? 7   LEU A O   1 
ATOM   45   C CB  . LEU A 1 7   ? 16.259  11.637  -16.347 1.00 30.37 ? 7   LEU A CB  1 
ATOM   46   C CG  . LEU A 1 7   ? 15.423  12.655  -15.596 1.00 31.34 ? 7   LEU A CG  1 
ATOM   47   C CD1 . LEU A 1 7   ? 13.972  12.206  -15.469 1.00 31.81 ? 7   LEU A CD1 1 
ATOM   48   C CD2 . LEU A 1 7   ? 16.009  12.952  -14.226 1.00 31.52 ? 7   LEU A CD2 1 
ATOM   49   N N   . PRO A 1 8   ? 18.904  9.791   -16.806 1.00 33.04 ? 8   PRO A N   1 
ATOM   50   C CA  . PRO A 1 8   ? 19.271  8.482   -17.333 1.00 34.13 ? 8   PRO A CA  1 
ATOM   51   C C   . PRO A 1 8   ? 18.105  7.521   -17.190 1.00 34.99 ? 8   PRO A C   1 
ATOM   52   O O   . PRO A 1 8   ? 17.197  7.762   -16.383 1.00 34.86 ? 8   PRO A O   1 
ATOM   53   C CB  . PRO A 1 8   ? 20.473  8.096   -16.492 1.00 34.14 ? 8   PRO A CB  1 
ATOM   54   C CG  . PRO A 1 8   ? 20.252  8.760   -15.181 1.00 34.01 ? 8   PRO A CG  1 
ATOM   55   C CD  . PRO A 1 8   ? 19.394  9.976   -15.422 1.00 33.51 ? 8   PRO A CD  1 
ATOM   56   N N   . GLN A 1 9   ? 18.108  6.403   -17.898 1.00 35.89 ? 9   GLN A N   1 
ATOM   57   C CA  . GLN A 1 9   ? 17.042  5.415   -17.864 1.00 36.79 ? 9   GLN A CA  1 
ATOM   58   C C   . GLN A 1 9   ? 16.699  4.857   -16.494 1.00 37.65 ? 9   GLN A C   1 
ATOM   59   O O   . GLN A 1 9   ? 15.547  4.461   -16.269 1.00 37.61 ? 9   GLN A O   1 
ATOM   60   C CB  . GLN A 1 9   ? 17.401  4.265   -18.806 1.00 37.24 ? 9   GLN A CB  1 
ATOM   61   N N   . ALA A 1 10  ? 17.619  4.846   -15.540 1.00 38.14 ? 10  ALA A N   1 
ATOM   62   C CA  . ALA A 1 10  ? 17.390  4.372   -14.188 1.00 39.01 ? 10  ALA A CA  1 
ATOM   63   C C   . ALA A 1 10  ? 16.428  5.241   -13.386 1.00 39.57 ? 10  ALA A C   1 
ATOM   64   O O   . ALA A 1 10  ? 15.885  4.785   -12.374 1.00 39.64 ? 10  ALA A O   1 
ATOM   65   C CB  . ALA A 1 10  ? 18.717  4.270   -13.439 1.00 39.28 ? 10  ALA A CB  1 
ATOM   66   N N   . ARG A 1 11  ? 16.198  6.480   -13.798 1.00 39.83 ? 11  ARG A N   1 
ATOM   67   C CA  . ARG A 1 11  ? 15.294  7.393   -13.125 1.00 39.93 ? 11  ARG A CA  1 
ATOM   68   C C   . ARG A 1 11  ? 13.925  7.463   -13.795 1.00 40.14 ? 11  ARG A C   1 
ATOM   69   O O   . ARG A 1 11  ? 13.052  8.203   -13.340 1.00 40.40 ? 11  ARG A O   1 
ATOM   70   C CB  . ARG A 1 11  ? 15.915  8.785   -13.073 1.00 40.28 ? 11  ARG A CB  1 
ATOM   71   N N   . ILE A 1 12  ? 13.739  6.701   -14.868 1.00 39.56 ? 12  ILE A N   1 
ATOM   72   C CA  . ILE A 1 12  ? 12.473  6.676   -15.586 1.00 38.55 ? 12  ILE A CA  1 
ATOM   73   C C   . ILE A 1 12  ? 11.874  5.272   -15.624 1.00 37.34 ? 12  ILE A C   1 
ATOM   74   O O   . ILE A 1 12  ? 10.676  5.114   -15.850 1.00 37.95 ? 12  ILE A O   1 
ATOM   75   C CB  . ILE A 1 12  ? 12.657  7.200   -17.004 1.00 39.32 ? 12  ILE A CB  1 
ATOM   76   N N   . SER A 1 13  ? 12.713  4.261   -15.448 1.00 35.26 ? 13  SER A N   1 
ATOM   77   C CA  . SER A 1 13  ? 12.286  2.869   -15.448 1.00 32.66 ? 13  SER A CA  1 
ATOM   78   C C   . SER A 1 13  ? 12.432  2.255   -14.059 1.00 29.87 ? 13  SER A C   1 
ATOM   79   O O   . SER A 1 13  ? 13.399  2.548   -13.357 1.00 29.92 ? 13  SER A O   1 
ATOM   80   C CB  . SER A 1 13  ? 13.132  2.043   -16.421 1.00 33.46 ? 13  SER A CB  1 
ATOM   81   O OG  . SER A 1 13  ? 12.663  2.182   -17.749 1.00 35.10 ? 13  SER A OG  1 
ATOM   82   N N   . CYS A 1 14  ? 11.530  1.359   -13.693 1.00 25.22 ? 14  CYS A N   1 
ATOM   83   C CA  . CYS A 1 14  ? 11.590  0.682   -12.401 1.00 22.45 ? 14  CYS A CA  1 
ATOM   84   C C   . CYS A 1 14  ? 12.389  -0.613  -12.518 1.00 23.07 ? 14  CYS A C   1 
ATOM   85   O O   . CYS A 1 14  ? 12.341  -1.283  -13.555 1.00 22.74 ? 14  CYS A O   1 
ATOM   86   C CB  . CYS A 1 14  ? 10.166  0.392   -11.923 1.00 19.21 ? 14  CYS A CB  1 
ATOM   87   S SG  . CYS A 1 14  ? 9.149   1.852   -11.583 1.00 15.75 ? 14  CYS A SG  1 
ATOM   88   N N   . PRO A 1 15  ? 13.057  -1.019  -11.448 1.00 23.28 ? 15  PRO A N   1 
ATOM   89   C CA  . PRO A 1 15  ? 13.862  -2.232  -11.459 1.00 23.65 ? 15  PRO A CA  1 
ATOM   90   C C   . PRO A 1 15  ? 13.093  -3.531  -11.614 1.00 23.83 ? 15  PRO A C   1 
ATOM   91   O O   . PRO A 1 15  ? 11.890  -3.605  -11.345 1.00 22.32 ? 15  PRO A O   1 
ATOM   92   C CB  . PRO A 1 15  ? 14.618  -2.191  -10.142 1.00 24.31 ? 15  PRO A CB  1 
ATOM   93   C CG  . PRO A 1 15  ? 13.993  -1.154  -9.292  1.00 24.43 ? 15  PRO A CG  1 
ATOM   94   C CD  . PRO A 1 15  ? 13.183  -0.259  -10.186 1.00 23.64 ? 15  PRO A CD  1 
ATOM   95   N N   . GLU A 1 16  ? 13.785  -4.606  -12.015 1.00 22.42 ? 16  GLU A N   1 
ATOM   96   C CA  . GLU A 1 16  ? 13.194  -5.931  -12.144 1.00 22.26 ? 16  GLU A CA  1 
ATOM   97   C C   . GLU A 1 16  ? 12.405  -6.300  -10.893 1.00 21.01 ? 16  GLU A C   1 
ATOM   98   O O   . GLU A 1 16  ? 12.888  -6.144  -9.776  1.00 21.74 ? 16  GLU A O   1 
ATOM   99   C CB  . GLU A 1 16  ? 14.245  -7.029  -12.397 1.00 23.29 ? 16  GLU A CB  1 
ATOM   100  C CG  . GLU A 1 16  ? 13.722  -8.446  -12.477 1.00 24.40 ? 16  GLU A CG  1 
ATOM   101  C CD  . GLU A 1 16  ? 14.707  -9.574  -12.273 1.00 25.32 ? 16  GLU A CD  1 
ATOM   102  O OE1 . GLU A 1 16  ? 15.889  -9.329  -11.965 1.00 25.99 ? 16  GLU A OE1 1 
ATOM   103  O OE2 . GLU A 1 16  ? 14.299  -10.756 -12.408 1.00 25.42 ? 16  GLU A OE2 1 
ATOM   104  N N   . GLY A 1 17  ? 11.194  -6.811  -11.079 1.00 20.15 ? 17  GLY A N   1 
ATOM   105  C CA  . GLY A 1 17  ? 10.336  -7.210  -9.983  1.00 19.21 ? 17  GLY A CA  1 
ATOM   106  C C   . GLY A 1 17  ? 9.404   -6.115  -9.490  1.00 18.06 ? 17  GLY A C   1 
ATOM   107  O O   . GLY A 1 17  ? 8.565   -6.351  -8.628  1.00 19.82 ? 17  GLY A O   1 
ATOM   108  N N   . THR A 1 18  ? 9.581   -4.894  -9.996  1.00 16.72 ? 18  THR A N   1 
ATOM   109  C CA  . THR A 1 18  ? 8.741   -3.758  -9.603  1.00 15.04 ? 18  THR A CA  1 
ATOM   110  C C   . THR A 1 18  ? 8.083   -3.168  -10.844 1.00 15.41 ? 18  THR A C   1 
ATOM   111  O O   . THR A 1 18  ? 8.536   -3.368  -11.978 1.00 17.93 ? 18  THR A O   1 
ATOM   112  C CB  . THR A 1 18  ? 9.476   -2.688  -8.792  1.00 14.45 ? 18  THR A CB  1 
ATOM   113  O OG1 . THR A 1 18  ? 10.287  -1.867  -9.652  1.00 16.27 ? 18  THR A OG1 1 
ATOM   114  C CG2 . THR A 1 18  ? 10.343  -3.240  -7.676  1.00 14.29 ? 18  THR A CG2 1 
ATOM   115  N N   . ASN A 1 19  ? 6.937   -2.520  -10.666 1.00 15.19 ? 19  ASN A N   1 
ATOM   116  C CA  . ASN A 1 19  ? 6.137   -2.000  -11.768 1.00 15.55 ? 19  ASN A CA  1 
ATOM   117  C C   . ASN A 1 19  ? 5.863   -0.508  -11.634 1.00 14.14 ? 19  ASN A C   1 
ATOM   118  O O   . ASN A 1 19  ? 5.531   -0.012  -10.553 1.00 13.07 ? 19  ASN A O   1 
ATOM   119  C CB  . ASN A 1 19  ? 4.806   -2.754  -11.814 1.00 18.23 ? 19  ASN A CB  1 
ATOM   120  C CG  . ASN A 1 19  ? 4.903   -4.161  -12.365 1.00 21.51 ? 19  ASN A CG  1 
ATOM   121  O OD1 . ASN A 1 19  ? 5.412   -5.059  -11.703 1.00 22.56 ? 19  ASN A OD1 1 
ATOM   122  N ND2 . ASN A 1 19  ? 4.418   -4.368  -13.584 1.00 24.27 ? 19  ASN A ND2 1 
ATOM   123  N N   . ALA A 1 20  ? 5.923   0.196   -12.764 1.00 14.30 ? 20  ALA A N   1 
ATOM   124  C CA  . ALA A 1 20  ? 5.701   1.633   -12.808 1.00 14.45 ? 20  ALA A CA  1 
ATOM   125  C C   . ALA A 1 20  ? 4.241   2.044   -12.930 1.00 14.87 ? 20  ALA A C   1 
ATOM   126  O O   . ALA A 1 20  ? 3.501   1.475   -13.725 1.00 15.27 ? 20  ALA A O   1 
ATOM   127  C CB  . ALA A 1 20  ? 6.463   2.222   -14.004 1.00 16.04 ? 20  ALA A CB  1 
ATOM   128  N N   . TYR A 1 21  ? 3.873   3.119   -12.239 1.00 14.52 ? 21  TYR A N   1 
ATOM   129  C CA  . TYR A 1 21  ? 2.608   3.809   -12.413 1.00 15.28 ? 21  TYR A CA  1 
ATOM   130  C C   . TYR A 1 21  ? 2.817   5.262   -11.982 1.00 15.07 ? 21  TYR A C   1 
ATOM   131  O O   . TYR A 1 21  ? 3.218   5.549   -10.859 1.00 13.45 ? 21  TYR A O   1 
ATOM   132  C CB  . TYR A 1 21  ? 1.463   3.170   -11.619 1.00 15.57 ? 21  TYR A CB  1 
ATOM   133  C CG  . TYR A 1 21  ? 0.139   3.905   -11.732 1.00 17.10 ? 21  TYR A CG  1 
ATOM   134  C CD1 . TYR A 1 21  ? -0.628  3.845   -12.889 1.00 18.96 ? 21  TYR A CD1 1 
ATOM   135  C CD2 . TYR A 1 21  ? -0.331  4.687   -10.685 1.00 17.76 ? 21  TYR A CD2 1 
ATOM   136  C CE1 . TYR A 1 21  ? -1.818  4.548   -12.996 1.00 19.99 ? 21  TYR A CE1 1 
ATOM   137  C CE2 . TYR A 1 21  ? -1.521  5.387   -10.780 1.00 19.53 ? 21  TYR A CE2 1 
ATOM   138  C CZ  . TYR A 1 21  ? -2.267  5.299   -11.935 1.00 19.74 ? 21  TYR A CZ  1 
ATOM   139  O OH  . TYR A 1 21  ? -3.448  6.012   -12.029 1.00 22.54 ? 21  TYR A OH  1 
ATOM   140  N N   . ARG A 1 22  ? 2.660   6.190   -12.924 1.00 18.14 ? 22  ARG A N   1 
ATOM   141  C CA  . ARG A 1 22  ? 2.740   7.615   -12.652 1.00 20.80 ? 22  ARG A CA  1 
ATOM   142  C C   . ARG A 1 22  ? 3.882   8.061   -11.757 1.00 20.30 ? 22  ARG A C   1 
ATOM   143  O O   . ARG A 1 22  ? 3.673   8.625   -10.674 1.00 20.51 ? 22  ARG A O   1 
ATOM   144  C CB  . ARG A 1 22  ? 1.424   8.108   -12.019 1.00 24.32 ? 22  ARG A CB  1 
ATOM   145  C CG  . ARG A 1 22  ? 0.300   8.271   -13.013 1.00 29.29 ? 22  ARG A CG  1 
ATOM   146  C CD  . ARG A 1 22  ? -0.737  9.290   -12.584 1.00 33.00 ? 22  ARG A CD  1 
ATOM   147  N NE  . ARG A 1 22  ? -2.078  8.987   -13.019 1.00 36.50 ? 22  ARG A NE  1 
ATOM   148  C CZ  . ARG A 1 22  ? -2.586  8.220   -13.958 1.00 37.92 ? 22  ARG A CZ  1 
ATOM   149  N NH1 . ARG A 1 22  ? -1.881  7.464   -14.789 1.00 38.82 ? 22  ARG A NH1 1 
ATOM   150  N NH2 . ARG A 1 22  ? -3.912  8.156   -14.091 1.00 38.49 ? 22  ARG A NH2 1 
ATOM   151  N N   . SER A 1 23  ? 5.116   7.842   -12.163 1.00 20.33 ? 23  SER A N   1 
ATOM   152  C CA  . SER A 1 23  ? 6.318   8.303   -11.486 1.00 20.18 ? 23  SER A CA  1 
ATOM   153  C C   . SER A 1 23  ? 6.739   7.551   -10.238 1.00 18.16 ? 23  SER A C   1 
ATOM   154  O O   . SER A 1 23  ? 7.777   7.861   -9.644  1.00 18.97 ? 23  SER A O   1 
ATOM   155  C CB  . SER A 1 23  ? 6.206   9.816   -11.210 1.00 21.82 ? 23  SER A CB  1 
ATOM   156  O OG  . SER A 1 23  ? 5.971   10.506  -12.430 1.00 25.52 ? 23  SER A OG  1 
ATOM   157  N N   . TYR A 1 24  ? 6.010   6.517   -9.819  1.00 14.91 ? 24  TYR A N   1 
ATOM   158  C CA  . TYR A 1 24  ? 6.364   5.694   -8.669  1.00 12.78 ? 24  TYR A CA  1 
ATOM   159  C C   . TYR A 1 24  ? 6.507   4.244   -9.126  1.00 11.59 ? 24  TYR A C   1 
ATOM   160  O O   . TYR A 1 24  ? 6.036   3.841   -10.198 1.00 11.96 ? 24  TYR A O   1 
ATOM   161  C CB  . TYR A 1 24  ? 5.296   5.809   -7.573  1.00 13.58 ? 24  TYR A CB  1 
ATOM   162  C CG  . TYR A 1 24  ? 5.368   7.105   -6.791  1.00 15.37 ? 24  TYR A CG  1 
ATOM   163  C CD1 . TYR A 1 24  ? 4.825   8.282   -7.281  1.00 17.42 ? 24  TYR A CD1 1 
ATOM   164  C CD2 . TYR A 1 24  ? 5.961   7.136   -5.543  1.00 15.90 ? 24  TYR A CD2 1 
ATOM   165  C CE1 . TYR A 1 24  ? 4.928   9.468   -6.573  1.00 19.13 ? 24  TYR A CE1 1 
ATOM   166  C CE2 . TYR A 1 24  ? 6.054   8.308   -4.802  1.00 18.19 ? 24  TYR A CE2 1 
ATOM   167  C CZ  . TYR A 1 24  ? 5.534   9.465   -5.339  1.00 18.88 ? 24  TYR A CZ  1 
ATOM   168  O OH  . TYR A 1 24  ? 5.630   10.637  -4.606  1.00 21.91 ? 24  TYR A OH  1 
ATOM   169  N N   . CYS A 1 25  ? 7.196   3.445   -8.315  1.00 10.59 ? 25  CYS A N   1 
ATOM   170  C CA  . CYS A 1 25  ? 7.392   2.009   -8.525  1.00 10.62 ? 25  CYS A CA  1 
ATOM   171  C C   . CYS A 1 25  ? 6.702   1.250   -7.387  1.00 9.70  ? 25  CYS A C   1 
ATOM   172  O O   . CYS A 1 25  ? 6.703   1.704   -6.245  1.00 11.06 ? 25  CYS A O   1 
ATOM   173  C CB  . CYS A 1 25  ? 8.867   1.628   -8.572  1.00 10.72 ? 25  CYS A CB  1 
ATOM   174  S SG  . CYS A 1 25  ? 9.861   2.515   -9.790  1.00 14.58 ? 25  CYS A SG  1 
ATOM   175  N N   . TYR A 1 26  ? 6.083   0.127   -7.750  1.00 9.24  ? 26  TYR A N   1 
ATOM   176  C CA  . TYR A 1 26  ? 5.285   -0.662  -6.815  1.00 9.10  ? 26  TYR A CA  1 
ATOM   177  C C   . TYR A 1 26  ? 5.619   -2.147  -6.852  1.00 8.85  ? 26  TYR A C   1 
ATOM   178  O O   . TYR A 1 26  ? 5.956   -2.647  -7.937  1.00 10.34 ? 26  TYR A O   1 
ATOM   179  C CB  . TYR A 1 26  ? 3.806   -0.524  -7.230  1.00 9.20  ? 26  TYR A CB  1 
ATOM   180  C CG  . TYR A 1 26  ? 3.162   0.835   -7.218  1.00 8.35  ? 26  TYR A CG  1 
ATOM   181  C CD1 . TYR A 1 26  ? 3.476   1.788   -8.198  1.00 9.32  ? 26  TYR A CD1 1 
ATOM   182  C CD2 . TYR A 1 26  ? 2.200   1.196   -6.276  1.00 9.04  ? 26  TYR A CD2 1 
ATOM   183  C CE1 . TYR A 1 26  ? 2.902   3.040   -8.220  1.00 9.22  ? 26  TYR A CE1 1 
ATOM   184  C CE2 . TYR A 1 26  ? 1.613   2.451   -6.298  1.00 9.37  ? 26  TYR A CE2 1 
ATOM   185  C CZ  . TYR A 1 26  ? 1.960   3.360   -7.267  1.00 8.66  ? 26  TYR A CZ  1 
ATOM   186  O OH  . TYR A 1 26  ? 1.396   4.622   -7.335  1.00 11.29 ? 26  TYR A OH  1 
ATOM   187  N N   . TYR A 1 27  ? 5.440   -2.865  -5.748  1.00 9.12  ? 27  TYR A N   1 
ATOM   188  C CA  . TYR A 1 27  ? 5.605   -4.319  -5.786  1.00 9.13  ? 27  TYR A CA  1 
ATOM   189  C C   . TYR A 1 27  ? 4.817   -4.976  -4.660  1.00 9.24  ? 27  TYR A C   1 
ATOM   190  O O   . TYR A 1 27  ? 4.612   -4.409  -3.589  1.00 9.67  ? 27  TYR A O   1 
ATOM   191  C CB  . TYR A 1 27  ? 7.057   -4.793  -5.716  1.00 10.55 ? 27  TYR A CB  1 
ATOM   192  C CG  . TYR A 1 27  ? 7.843   -4.333  -4.517  1.00 10.50 ? 27  TYR A CG  1 
ATOM   193  C CD1 . TYR A 1 27  ? 7.941   -5.111  -3.380  1.00 12.30 ? 27  TYR A CD1 1 
ATOM   194  C CD2 . TYR A 1 27  ? 8.480   -3.098  -4.503  1.00 11.84 ? 27  TYR A CD2 1 
ATOM   195  C CE1 . TYR A 1 27  ? 8.649   -4.687  -2.264  1.00 12.40 ? 27  TYR A CE1 1 
ATOM   196  C CE2 . TYR A 1 27  ? 9.202   -2.664  -3.412  1.00 12.09 ? 27  TYR A CE2 1 
ATOM   197  C CZ  . TYR A 1 27  ? 9.290   -3.467  -2.301  1.00 12.45 ? 27  TYR A CZ  1 
ATOM   198  O OH  . TYR A 1 27  ? 10.011  -3.036  -1.201  1.00 14.17 ? 27  TYR A OH  1 
ATOM   199  N N   . PHE A 1 28  ? 4.363   -6.203  -4.906  1.00 8.72  ? 28  PHE A N   1 
ATOM   200  C CA  . PHE A 1 28  ? 3.653   -7.050  -3.963  1.00 9.00  ? 28  PHE A CA  1 
ATOM   201  C C   . PHE A 1 28  ? 4.643   -8.036  -3.335  1.00 9.02  ? 28  PHE A C   1 
ATOM   202  O O   . PHE A 1 28  ? 5.423   -8.685  -4.065  1.00 11.93 ? 28  PHE A O   1 
ATOM   203  C CB  . PHE A 1 28  ? 2.524   -7.813  -4.665  1.00 9.93  ? 28  PHE A CB  1 
ATOM   204  C CG  . PHE A 1 28  ? 1.846   -8.865  -3.824  1.00 10.13 ? 28  PHE A CG  1 
ATOM   205  C CD1 . PHE A 1 28  ? 1.995   -10.208 -4.145  1.00 11.34 ? 28  PHE A CD1 1 
ATOM   206  C CD2 . PHE A 1 28  ? 1.075   -8.540  -2.725  1.00 10.78 ? 28  PHE A CD2 1 
ATOM   207  C CE1 . PHE A 1 28  ? 1.385   -11.198 -3.392  1.00 12.35 ? 28  PHE A CE1 1 
ATOM   208  C CE2 . PHE A 1 28  ? 0.467   -9.517  -1.972  1.00 10.47 ? 28  PHE A CE2 1 
ATOM   209  C CZ  . PHE A 1 28  ? 0.617   -10.851 -2.298  1.00 11.10 ? 28  PHE A CZ  1 
ATOM   210  N N   . ASN A 1 29  ? 4.733   -8.129  -2.032  1.00 8.16  ? 29  ASN A N   1 
ATOM   211  C CA  . ASN A 1 29  ? 5.603   -9.048  -1.294  1.00 8.29  ? 29  ASN A CA  1 
ATOM   212  C C   . ASN A 1 29  ? 4.728   -10.052 -0.547  1.00 8.64  ? 29  ASN A C   1 
ATOM   213  O O   . ASN A 1 29  ? 3.921   -9.658  0.307   1.00 9.29  ? 29  ASN A O   1 
ATOM   214  C CB  . ASN A 1 29  ? 6.488   -8.250  -0.334  1.00 9.27  ? 29  ASN A CB  1 
ATOM   215  C CG  . ASN A 1 29  ? 7.617   -9.015  0.308   1.00 11.33 ? 29  ASN A CG  1 
ATOM   216  O OD1 . ASN A 1 29  ? 8.644   -8.465  0.776   1.00 14.37 ? 29  ASN A OD1 1 
ATOM   217  N ND2 . ASN A 1 29  ? 7.489   -10.318 0.400   1.00 10.45 ? 29  ASN A ND2 1 
ATOM   218  N N   . GLU A 1 30  ? 4.862   -11.347 -0.834  1.00 9.33  ? 30  GLU A N   1 
ATOM   219  C CA  . GLU A 1 30  ? 4.059   -12.398 -0.214  1.00 11.62 ? 30  GLU A CA  1 
ATOM   220  C C   . GLU A 1 30  ? 4.509   -12.819 1.164   1.00 12.71 ? 30  GLU A C   1 
ATOM   221  O O   . GLU A 1 30  ? 3.881   -13.704 1.799   1.00 16.02 ? 30  GLU A O   1 
ATOM   222  C CB  . GLU A 1 30  ? 3.900   -13.594 -1.176  1.00 13.26 ? 30  GLU A CB  1 
ATOM   223  C CG  . GLU A 1 30  ? 2.569   -14.332 -1.005  1.00 16.10 ? 30  GLU A CG  1 
ATOM   224  C CD  . GLU A 1 30  ? 2.363   -15.399 -2.059  1.00 17.34 ? 30  GLU A CD  1 
ATOM   225  O OE1 . GLU A 1 30  ? 3.183   -16.337 -2.114  1.00 18.48 ? 30  GLU A OE1 1 
ATOM   226  O OE2 . GLU A 1 30  ? 1.387   -15.307 -2.831  1.00 18.79 ? 30  GLU A OE2 1 
ATOM   227  N N   . ASP A 1 31  ? 5.483   -12.190 1.776   1.00 12.85 ? 31  ASP A N   1 
ATOM   228  C CA  . ASP A 1 31  ? 5.899   -12.415 3.151   1.00 13.62 ? 31  ASP A CA  1 
ATOM   229  C C   . ASP A 1 31  ? 4.833   -11.941 4.133   1.00 14.69 ? 31  ASP A C   1 
ATOM   230  O O   . ASP A 1 31  ? 4.348   -10.804 3.977   1.00 16.82 ? 31  ASP A O   1 
ATOM   231  C CB  . ASP A 1 31  ? 7.160   -11.591 3.383   1.00 14.00 ? 31  ASP A CB  1 
ATOM   232  C CG  . ASP A 1 31  ? 7.806   -11.800 4.736   1.00 15.99 ? 31  ASP A CG  1 
ATOM   233  O OD1 . ASP A 1 31  ? 7.532   -12.811 5.403   1.00 18.27 ? 31  ASP A OD1 1 
ATOM   234  O OD2 . ASP A 1 31  ? 8.610   -10.913 5.096   1.00 16.84 ? 31  ASP A OD2 1 
ATOM   235  N N   . ARG A 1 32  ? 4.535   -12.721 5.152   1.00 13.03 ? 32  ARG A N   1 
ATOM   236  C CA  . ARG A 1 32  ? 3.524   -12.380 6.152   1.00 13.81 ? 32  ARG A CA  1 
ATOM   237  C C   . ARG A 1 32  ? 4.163   -11.728 7.356   1.00 12.93 ? 32  ARG A C   1 
ATOM   238  O O   . ARG A 1 32  ? 4.973   -12.314 8.079   1.00 14.05 ? 32  ARG A O   1 
ATOM   239  C CB  . ARG A 1 32  ? 2.743   -13.644 6.534   1.00 17.96 ? 32  ARG A CB  1 
ATOM   240  C CG  . ARG A 1 32  ? 1.948   -14.233 5.378   1.00 20.92 ? 32  ARG A CG  1 
ATOM   241  C CD  . ARG A 1 32  ? 2.759   -15.232 4.557   1.00 24.19 ? 32  ARG A CD  1 
ATOM   242  N NE  . ARG A 1 32  ? 1.873   -16.083 3.773   1.00 26.72 ? 32  ARG A NE  1 
ATOM   243  C CZ  . ARG A 1 32  ? 1.208   -15.741 2.677   1.00 27.58 ? 32  ARG A CZ  1 
ATOM   244  N NH1 . ARG A 1 32  ? 1.334   -14.526 2.173   1.00 28.18 ? 32  ARG A NH1 1 
ATOM   245  N NH2 . ARG A 1 32  ? 0.419   -16.640 2.097   1.00 28.77 ? 32  ARG A NH2 1 
ATOM   246  N N   . GLU A 1 33  ? 3.919   -10.432 7.529   1.00 10.74 ? 33  GLU A N   1 
ATOM   247  C CA  . GLU A 1 33  ? 4.498   -9.592  8.556   1.00 10.32 ? 33  GLU A CA  1 
ATOM   248  C C   . GLU A 1 33  ? 3.418   -8.732  9.222   1.00 10.12 ? 33  GLU A C   1 
ATOM   249  O O   . GLU A 1 33  ? 2.370   -8.500  8.606   1.00 10.36 ? 33  GLU A O   1 
ATOM   250  C CB  . GLU A 1 33  ? 5.566   -8.667  7.969   1.00 11.95 ? 33  GLU A CB  1 
ATOM   251  C CG  . GLU A 1 33  ? 6.735   -9.316  7.262   1.00 13.53 ? 33  GLU A CG  1 
ATOM   252  C CD  . GLU A 1 33  ? 7.792   -9.931  8.153   1.00 15.32 ? 33  GLU A CD  1 
ATOM   253  O OE1 . GLU A 1 33  ? 7.812   -9.740  9.385   1.00 16.96 ? 33  GLU A OE1 1 
ATOM   254  O OE2 . GLU A 1 33  ? 8.686   -10.628 7.610   1.00 18.26 ? 33  GLU A OE2 1 
ATOM   255  N N   . THR A 1 34  ? 3.682   -8.267  10.434  1.00 9.73  ? 34  THR A N   1 
ATOM   256  C CA  . THR A 1 34  ? 2.790   -7.299  11.065  1.00 10.27 ? 34  THR A CA  1 
ATOM   257  C C   . THR A 1 34  ? 2.777   -5.990  10.269  1.00 9.99  ? 34  THR A C   1 
ATOM   258  O O   . THR A 1 34  ? 3.694   -5.737  9.480   1.00 9.86  ? 34  THR A O   1 
ATOM   259  C CB  . THR A 1 34  ? 3.187   -7.008  12.526  1.00 10.47 ? 34  THR A CB  1 
ATOM   260  O OG1 . THR A 1 34  ? 4.467   -6.369  12.487  1.00 12.35 ? 34  THR A OG1 1 
ATOM   261  C CG2 . THR A 1 34  ? 3.238   -8.258  13.384  1.00 12.30 ? 34  THR A CG2 1 
ATOM   262  N N   . TRP A 1 35  ? 1.792   -5.122  10.503  1.00 9.35  ? 35  TRP A N   1 
ATOM   263  C CA  . TRP A 1 35  ? 1.716   -3.867  9.758   1.00 9.71  ? 35  TRP A CA  1 
ATOM   264  C C   . TRP A 1 35  ? 2.973   -3.023  9.914   1.00 9.54  ? 35  TRP A C   1 
ATOM   265  O O   . TRP A 1 35  ? 3.541   -2.534  8.929   1.00 9.24  ? 35  TRP A O   1 
ATOM   266  C CB  . TRP A 1 35  ? 0.463   -3.093  10.171  1.00 8.70  ? 35  TRP A CB  1 
ATOM   267  C CG  . TRP A 1 35  ? 0.209   -1.838  9.390   1.00 8.62  ? 35  TRP A CG  1 
ATOM   268  C CD1 . TRP A 1 35  ? -0.604  -1.684  8.304   1.00 9.00  ? 35  TRP A CD1 1 
ATOM   269  C CD2 . TRP A 1 35  ? 0.718   -0.527  9.664   1.00 8.88  ? 35  TRP A CD2 1 
ATOM   270  N NE1 . TRP A 1 35  ? -0.615  -0.380  7.863   1.00 9.50  ? 35  TRP A NE1 1 
ATOM   271  C CE2 . TRP A 1 35  ? 0.201   0.347   8.696   1.00 9.09  ? 35  TRP A CE2 1 
ATOM   272  C CE3 . TRP A 1 35  ? 1.575   -0.011  10.649  1.00 9.49  ? 35  TRP A CE3 1 
ATOM   273  C CZ2 . TRP A 1 35  ? 0.539   1.699   8.646   1.00 9.91  ? 35  TRP A CZ2 1 
ATOM   274  C CZ3 . TRP A 1 35  ? 1.904   1.341   10.608  1.00 11.50 ? 35  TRP A CZ3 1 
ATOM   275  C CH2 . TRP A 1 35  ? 1.386   2.166   9.606   1.00 11.11 ? 35  TRP A CH2 1 
ATOM   276  N N   . VAL A 1 36  ? 3.464   -2.874  11.155  1.00 9.84  ? 36  VAL A N   1 
ATOM   277  C CA  . VAL A 1 36  ? 4.677   -2.086  11.400  1.00 11.56 ? 36  VAL A CA  1 
ATOM   278  C C   . VAL A 1 36  ? 5.902   -2.671  10.715  1.00 10.89 ? 36  VAL A C   1 
ATOM   279  O O   . VAL A 1 36  ? 6.720   -1.961  10.128  1.00 11.63 ? 36  VAL A O   1 
ATOM   280  C CB  . VAL A 1 36  ? 4.939   -1.934  12.914  1.00 14.10 ? 36  VAL A CB  1 
ATOM   281  C CG1 . VAL A 1 36  ? 6.316   -1.354  13.219  1.00 17.72 ? 36  VAL A CG1 1 
ATOM   282  C CG2 . VAL A 1 36  ? 3.869   -1.056  13.553  1.00 15.92 ? 36  VAL A CG2 1 
ATOM   283  N N   . ASP A 1 37  ? 6.079   -3.986  10.792  1.00 10.27 ? 37  ASP A N   1 
ATOM   284  C CA  . ASP A 1 37  ? 7.217   -4.667  10.188  1.00 10.98 ? 37  ASP A CA  1 
ATOM   285  C C   . ASP A 1 37  ? 7.167   -4.615  8.663   1.00 10.27 ? 37  ASP A C   1 
ATOM   286  O O   . ASP A 1 37  ? 8.215   -4.485  8.018   1.00 11.05 ? 37  ASP A O   1 
ATOM   287  C CB  . ASP A 1 37  ? 7.353   -6.098  10.707  1.00 12.17 ? 37  ASP A CB  1 
ATOM   288  C CG  . ASP A 1 37  ? 7.810   -6.166  12.158  1.00 15.62 ? 37  ASP A CG  1 
ATOM   289  O OD1 . ASP A 1 37  ? 8.261   -5.144  12.705  1.00 16.68 ? 37  ASP A OD1 1 
ATOM   290  O OD2 . ASP A 1 37  ? 7.716   -7.263  12.755  1.00 16.39 ? 37  ASP A OD2 1 
ATOM   291  N N   . ALA A 1 38  ? 5.978   -4.640  8.067   1.00 10.11 ? 38  ALA A N   1 
ATOM   292  C CA  . ALA A 1 38  ? 5.802   -4.487  6.624   1.00 9.70  ? 38  ALA A CA  1 
ATOM   293  C C   . ALA A 1 38  ? 6.202   -3.074  6.204   1.00 9.02  ? 38  ALA A C   1 
ATOM   294  O O   . ALA A 1 38  ? 6.949   -2.916  5.229   1.00 9.75  ? 38  ALA A O   1 
ATOM   295  C CB  . ALA A 1 38  ? 4.373   -4.800  6.230   1.00 9.34  ? 38  ALA A CB  1 
ATOM   296  N N   . ASP A 1 39  ? 5.752   -2.049  6.928   1.00 9.12  ? 39  ASP A N   1 
ATOM   297  C CA  . ASP A 1 39  ? 6.142   -0.682  6.578   1.00 9.37  ? 39  ASP A CA  1 
ATOM   298  C C   . ASP A 1 39  ? 7.652   -0.480  6.705   1.00 9.91  ? 39  ASP A C   1 
ATOM   299  O O   . ASP A 1 39  ? 8.244   0.189   5.849   1.00 10.25 ? 39  ASP A O   1 
ATOM   300  C CB  . ASP A 1 39  ? 5.367   0.330   7.415   1.00 10.59 ? 39  ASP A CB  1 
ATOM   301  C CG  . ASP A 1 39  ? 5.468   1.738   6.873   1.00 11.93 ? 39  ASP A CG  1 
ATOM   302  O OD1 . ASP A 1 39  ? 4.983   2.026   5.762   1.00 12.86 ? 39  ASP A OD1 1 
ATOM   303  O OD2 . ASP A 1 39  ? 6.053   2.608   7.563   1.00 15.34 ? 39  ASP A OD2 1 
ATOM   304  N N   . LEU A 1 40  ? 8.286   -1.078  7.700   1.00 10.35 ? 40  LEU A N   1 
ATOM   305  C CA  . LEU A 1 40  ? 9.746   -1.001  7.835   1.00 11.34 ? 40  LEU A CA  1 
ATOM   306  C C   . LEU A 1 40  ? 10.452  -1.665  6.674   1.00 11.14 ? 40  LEU A C   1 
ATOM   307  O O   . LEU A 1 40  ? 11.454  -1.132  6.167   1.00 12.15 ? 40  LEU A O   1 
ATOM   308  C CB  . LEU A 1 40  ? 10.181  -1.600  9.179   1.00 14.95 ? 40  LEU A CB  1 
ATOM   309  C CG  . LEU A 1 40  ? 9.867   -0.765  10.421  1.00 18.14 ? 40  LEU A CG  1 
ATOM   310  C CD1 . LEU A 1 40  ? 10.163  -1.551  11.693  1.00 19.44 ? 40  LEU A CD1 1 
ATOM   311  C CD2 . LEU A 1 40  ? 10.627  0.554   10.431  1.00 19.85 ? 40  LEU A CD2 1 
ATOM   312  N N   . TYR A 1 41  ? 9.968   -2.799  6.155   1.00 10.75 ? 41  TYR A N   1 
ATOM   313  C CA  . TYR A 1 41  ? 10.557  -3.433  4.987   1.00 10.72 ? 41  TYR A CA  1 
ATOM   314  C C   . TYR A 1 41  ? 10.510  -2.459  3.818   1.00 9.98  ? 41  TYR A C   1 
ATOM   315  O O   . TYR A 1 41  ? 11.489  -2.238  3.084   1.00 10.67 ? 41  TYR A O   1 
ATOM   316  C CB  . TYR A 1 41  ? 9.851   -4.759  4.631   1.00 10.94 ? 41  TYR A CB  1 
ATOM   317  C CG  . TYR A 1 41  ? 10.435  -5.436  3.410   1.00 11.75 ? 41  TYR A CG  1 
ATOM   318  C CD1 . TYR A 1 41  ? 11.350  -6.485  3.536   1.00 12.94 ? 41  TYR A CD1 1 
ATOM   319  C CD2 . TYR A 1 41  ? 10.110  -5.054  2.118   1.00 11.76 ? 41  TYR A CD2 1 
ATOM   320  C CE1 . TYR A 1 41  ? 11.903  -7.099  2.420   1.00 12.59 ? 41  TYR A CE1 1 
ATOM   321  C CE2 . TYR A 1 41  ? 10.666  -5.643  1.009   1.00 12.34 ? 41  TYR A CE2 1 
ATOM   322  C CZ  . TYR A 1 41  ? 11.559  -6.676  1.161   1.00 12.22 ? 41  TYR A CZ  1 
ATOM   323  O OH  . TYR A 1 41  ? 12.111  -7.269  0.036   1.00 15.18 ? 41  TYR A OH  1 
ATOM   324  N N   . CYS A 1 42  ? 9.337   -1.838  3.595   1.00 8.97  ? 42  CYS A N   1 
ATOM   325  C CA  . CYS A 1 42  ? 9.206   -0.893  2.498   1.00 9.45  ? 42  CYS A CA  1 
ATOM   326  C C   . CYS A 1 42  ? 10.155  0.294   2.625   1.00 10.06 ? 42  CYS A C   1 
ATOM   327  O O   . CYS A 1 42  ? 10.675  0.781   1.608   1.00 11.32 ? 42  CYS A O   1 
ATOM   328  C CB  . CYS A 1 42  ? 7.778   -0.391  2.361   1.00 9.47  ? 42  CYS A CB  1 
ATOM   329  S SG  . CYS A 1 42  ? 6.461   -1.582  2.086   1.00 9.37  ? 42  CYS A SG  1 
ATOM   330  N N   . GLN A 1 43  ? 10.386  0.780   3.839   1.00 10.73 ? 43  GLN A N   1 
ATOM   331  C CA  . GLN A 1 43  ? 11.297  1.898   4.074   1.00 12.25 ? 43  GLN A CA  1 
ATOM   332  C C   . GLN A 1 43  ? 12.731  1.496   3.757   1.00 13.89 ? 43  GLN A C   1 
ATOM   333  O O   . GLN A 1 43  ? 13.524  2.296   3.247   1.00 15.22 ? 43  GLN A O   1 
ATOM   334  C CB  . GLN A 1 43  ? 11.196  2.357   5.533   1.00 13.11 ? 43  GLN A CB  1 
ATOM   335  C CG  . GLN A 1 43  ? 9.908   3.050   5.908   1.00 15.15 ? 43  GLN A CG  1 
ATOM   336  C CD  . GLN A 1 43  ? 9.809   3.560   7.327   1.00 18.46 ? 43  GLN A CD  1 
ATOM   337  O OE1 . GLN A 1 43  ? 8.800   3.343   8.006   1.00 20.48 ? 43  GLN A OE1 1 
ATOM   338  N NE2 . GLN A 1 43  ? 10.840  4.258   7.783   1.00 20.02 ? 43  GLN A NE2 1 
ATOM   339  N N   . ASN A 1 44  ? 13.103  0.270   4.110   1.00 14.50 ? 44  ASN A N   1 
ATOM   340  C CA  . ASN A 1 44  ? 14.472  -0.210  3.920   1.00 16.59 ? 44  ASN A CA  1 
ATOM   341  C C   . ASN A 1 44  ? 14.833  -0.392  2.462   1.00 17.34 ? 44  ASN A C   1 
ATOM   342  O O   . ASN A 1 44  ? 16.030  -0.294  2.120   1.00 17.73 ? 44  ASN A O   1 
ATOM   343  C CB  . ASN A 1 44  ? 14.688  -1.497  4.712   1.00 17.70 ? 44  ASN A CB  1 
ATOM   344  C CG  . ASN A 1 44  ? 14.747  -1.331  6.212   1.00 19.34 ? 44  ASN A CG  1 
ATOM   345  O OD1 . ASN A 1 44  ? 15.009  -0.250  6.733   1.00 20.78 ? 44  ASN A OD1 1 
ATOM   346  N ND2 . ASN A 1 44  ? 14.485  -2.415  6.934   1.00 21.05 ? 44  ASN A ND2 1 
ATOM   347  N N   . MET A 1 45  ? 13.897  -0.657  1.552   1.00 18.39 ? 45  MET A N   1 
ATOM   348  C CA  . MET A 1 45  ? 14.191  -0.824  0.137   1.00 19.14 ? 45  MET A CA  1 
ATOM   349  C C   . MET A 1 45  ? 13.808  0.386   -0.691  1.00 19.42 ? 45  MET A C   1 
ATOM   350  O O   . MET A 1 45  ? 12.677  0.607   -1.137  1.00 20.24 ? 45  MET A O   1 
ATOM   351  C CB  . MET A 1 45  ? 13.488  -2.080  -0.402  1.00 20.69 ? 45  MET A CB  1 
ATOM   352  C CG  . MET A 1 45  ? 13.567  -3.308  0.479   1.00 21.35 ? 45  MET A CG  1 
ATOM   353  S SD  . MET A 1 45  ? 15.216  -3.718  1.061   1.00 24.24 ? 45  MET A SD  1 
ATOM   354  C CE  . MET A 1 45  ? 14.987  -5.342  1.759   1.00 24.30 ? 45  MET A CE  1 
ATOM   355  N N   . ASN A 1 46  ? 14.808  1.200   -1.049  1.00 20.08 ? 46  ASN A N   1 
ATOM   356  C CA  . ASN A 1 46  ? 14.657  2.378   -1.878  1.00 21.00 ? 46  ASN A CA  1 
ATOM   357  C C   . ASN A 1 46  ? 13.748  3.415   -1.228  1.00 19.32 ? 46  ASN A C   1 
ATOM   358  O O   . ASN A 1 46  ? 13.029  4.140   -1.904  1.00 20.03 ? 46  ASN A O   1 
ATOM   359  C CB  . ASN A 1 46  ? 14.155  2.002   -3.277  1.00 22.84 ? 46  ASN A CB  1 
ATOM   360  C CG  . ASN A 1 46  ? 14.995  0.934   -3.952  1.00 25.08 ? 46  ASN A CG  1 
ATOM   361  O OD1 . ASN A 1 46  ? 14.537  -0.182  -4.222  1.00 27.41 ? 46  ASN A OD1 1 
ATOM   362  N ND2 . ASN A 1 46  ? 16.255  1.261   -4.186  1.00 25.31 ? 46  ASN A ND2 1 
ATOM   363  N N   . SER A 1 47  ? 13.788  3.493   0.098   1.00 19.19 ? 47  SER A N   1 
ATOM   364  C CA  . SER A 1 47  ? 13.101  4.498   0.883   1.00 18.69 ? 47  SER A CA  1 
ATOM   365  C C   . SER A 1 47  ? 11.661  4.721   0.472   1.00 17.27 ? 47  SER A C   1 
ATOM   366  O O   . SER A 1 47  ? 11.188  5.831   0.215   1.00 19.00 ? 47  SER A O   1 
ATOM   367  C CB  . SER A 1 47  ? 13.956  5.779   0.813   1.00 20.73 ? 47  SER A CB  1 
ATOM   368  O OG  . SER A 1 47  ? 15.275  5.442   1.256   1.00 24.20 ? 47  SER A OG  1 
ATOM   369  N N   . GLY A 1 48  ? 10.884  3.634   0.533   1.00 15.06 ? 48  GLY A N   1 
ATOM   370  C CA  . GLY A 1 48  ? 9.448   3.680   0.267   1.00 14.05 ? 48  GLY A CA  1 
ATOM   371  C C   . GLY A 1 48  ? 8.644   3.590   1.548   1.00 11.97 ? 48  GLY A C   1 
ATOM   372  O O   . GLY A 1 48  ? 9.094   3.875   2.656   1.00 12.16 ? 48  GLY A O   1 
ATOM   373  N N   . ASN A 1 49  ? 7.369   3.220   1.430   1.00 10.68 ? 49  ASN A N   1 
ATOM   374  C CA  . ASN A 1 49  ? 6.421   3.027   2.507   1.00 9.78  ? 49  ASN A CA  1 
ATOM   375  C C   . ASN A 1 49  ? 5.365   2.022   2.014   1.00 8.33  ? 49  ASN A C   1 
ATOM   376  O O   . ASN A 1 49  ? 5.288   1.774   0.812   1.00 8.66  ? 49  ASN A O   1 
ATOM   377  C CB  A ASN A 1 49  ? 5.624   4.314   2.793   0.47 11.79 ? 49  ASN A CB  1 
ATOM   378  C CB  B ASN A 1 49  ? 5.650   4.261   2.981   0.53 10.27 ? 49  ASN A CB  1 
ATOM   379  C CG  A ASN A 1 49  ? 6.430   5.494   3.282   0.47 13.77 ? 49  ASN A CG  1 
ATOM   380  C CG  B ASN A 1 49  ? 6.415   5.123   3.957   0.53 10.86 ? 49  ASN A CG  1 
ATOM   381  O OD1 A ASN A 1 49  ? 6.663   5.631   4.486   0.47 14.65 ? 49  ASN A OD1 1 
ATOM   382  O OD1 B ASN A 1 49  ? 6.861   6.213   3.557   0.53 10.24 ? 49  ASN A OD1 1 
ATOM   383  N ND2 A ASN A 1 49  ? 6.882   6.331   2.358   0.47 13.60 ? 49  ASN A ND2 1 
ATOM   384  N ND2 B ASN A 1 49  ? 6.597   4.720   5.202   0.53 10.20 ? 49  ASN A ND2 1 
ATOM   385  N N   . LEU A 1 50  ? 4.570   1.483   2.919   1.00 8.83  ? 50  LEU A N   1 
ATOM   386  C CA  . LEU A 1 50  ? 3.412   0.713   2.500   1.00 8.00  ? 50  LEU A CA  1 
ATOM   387  C C   . LEU A 1 50  ? 2.626   1.627   1.554   1.00 8.29  ? 50  LEU A C   1 
ATOM   388  O O   . LEU A 1 50  ? 2.586   2.863   1.725   1.00 9.51  ? 50  LEU A O   1 
ATOM   389  C CB  . LEU A 1 50  ? 2.513   0.352   3.683   1.00 8.92  ? 50  LEU A CB  1 
ATOM   390  C CG  . LEU A 1 50  ? 2.923   -0.859  4.524   1.00 8.75  ? 50  LEU A CG  1 
ATOM   391  C CD1 . LEU A 1 50  ? 2.093   -0.978  5.790   1.00 10.75 ? 50  LEU A CD1 1 
ATOM   392  C CD2 . LEU A 1 50  ? 2.827   -2.144  3.694   1.00 9.91  ? 50  LEU A CD2 1 
ATOM   393  N N   . VAL A 1 51  ? 1.956   1.061   0.569   1.00 7.01  ? 51  VAL A N   1 
ATOM   394  C CA  . VAL A 1 51  ? 1.284   1.855   -0.450  1.00 8.04  ? 51  VAL A CA  1 
ATOM   395  C C   . VAL A 1 51  ? 0.245   2.797   0.132   1.00 7.83  ? 51  VAL A C   1 
ATOM   396  O O   . VAL A 1 51  ? -0.552  2.429   0.992   1.00 8.75  ? 51  VAL A O   1 
ATOM   397  C CB  . VAL A 1 51  ? 0.702   0.925   -1.539  1.00 9.08  ? 51  VAL A CB  1 
ATOM   398  C CG1 . VAL A 1 51  ? -0.395  0.006   -1.041  1.00 9.78  ? 51  VAL A CG1 1 
ATOM   399  C CG2 . VAL A 1 51  ? 0.214   1.697   -2.755  1.00 10.36 ? 51  VAL A CG2 1 
ATOM   400  N N   . SER A 1 52  ? 0.200   4.010   -0.423  1.00 8.10  ? 52  SER A N   1 
ATOM   401  C CA  . SER A 1 52  ? -0.840  4.998   -0.185  1.00 8.39  ? 52  SER A CA  1 
ATOM   402  C C   . SER A 1 52  ? -1.707  5.055   -1.448  1.00 9.15  ? 52  SER A C   1 
ATOM   403  O O   . SER A 1 52  ? -1.152  5.161   -2.547  1.00 11.95 ? 52  SER A O   1 
ATOM   404  C CB  . SER A 1 52  ? -0.324  6.403   0.084   0.53 7.21  ? 52  SER A CB  1 
ATOM   405  O OG  A SER A 1 52  ? 0.703   6.748   -0.827  0.47 10.41 ? 52  SER A OG  1 
ATOM   406  O OG  B SER A 1 52  ? 0.516   6.483   1.201   0.53 12.09 ? 52  SER A OG  1 
ATOM   407  N N   . VAL A 1 53  ? -3.003  4.887   -1.330  1.00 8.82  ? 53  VAL A N   1 
ATOM   408  C CA  . VAL A 1 53  ? -3.943  4.849   -2.463  1.00 9.11  ? 53  VAL A CA  1 
ATOM   409  C C   . VAL A 1 53  ? -4.685  6.184   -2.491  1.00 8.53  ? 53  VAL A C   1 
ATOM   410  O O   . VAL A 1 53  ? -5.553  6.414   -1.647  1.00 9.14  ? 53  VAL A O   1 
ATOM   411  C CB  . VAL A 1 53  ? -4.904  3.660   -2.347  1.00 9.31  ? 53  VAL A CB  1 
ATOM   412  C CG1 . VAL A 1 53  ? -5.807  3.553   -3.564  1.00 11.44 ? 53  VAL A CG1 1 
ATOM   413  C CG2 . VAL A 1 53  ? -4.153  2.343   -2.131  1.00 11.37 ? 53  VAL A CG2 1 
ATOM   414  N N   . LEU A 1 54  ? -4.279  7.041   -3.423  1.00 8.86  ? 54  LEU A N   1 
ATOM   415  C CA  . LEU A 1 54  ? -4.759  8.418   -3.424  1.00 8.36  ? 54  LEU A CA  1 
ATOM   416  C C   . LEU A 1 54  ? -5.787  8.763   -4.454  1.00 9.10  ? 54  LEU A C   1 
ATOM   417  O O   . LEU A 1 54  ? -6.367  9.865   -4.375  1.00 9.68  ? 54  LEU A O   1 
ATOM   418  C CB  . LEU A 1 54  ? -3.516  9.332   -3.548  1.00 9.92  ? 54  LEU A CB  1 
ATOM   419  C CG  . LEU A 1 54  ? -2.414  9.009   -2.523  1.00 11.17 ? 54  LEU A CG  1 
ATOM   420  C CD1 . LEU A 1 54  ? -1.183  9.879   -2.711  1.00 13.09 ? 54  LEU A CD1 1 
ATOM   421  C CD2 . LEU A 1 54  ? -2.932  9.154   -1.100  1.00 12.41 ? 54  LEU A CD2 1 
ATOM   422  N N   . THR A 1 55  ? -6.087  7.897   -5.401  1.00 8.75  ? 55  THR A N   1 
ATOM   423  C CA  . THR A 1 55  ? -7.103  8.103   -6.426  1.00 9.38  ? 55  THR A CA  1 
ATOM   424  C C   . THR A 1 55  ? -7.757  6.752   -6.732  1.00 8.99  ? 55  THR A C   1 
ATOM   425  O O   . THR A 1 55  ? -7.135  5.693   -6.461  1.00 9.40  ? 55  THR A O   1 
ATOM   426  C CB  . THR A 1 55  ? -6.560  8.663   -7.756  1.00 9.63  ? 55  THR A CB  1 
ATOM   427  O OG1 . THR A 1 55  ? -5.657  7.687   -8.315  1.00 10.44 ? 55  THR A OG1 1 
ATOM   428  C CG2 . THR A 1 55  ? -5.860  10.006  -7.642  1.00 10.72 ? 55  THR A CG2 1 
ATOM   429  N N   . GLN A 1 56  ? -8.908  6.754   -7.369  1.00 8.54  ? 56  GLN A N   1 
ATOM   430  C CA  . GLN A 1 56  ? -9.563  5.523   -7.802  1.00 9.93  ? 56  GLN A CA  1 
ATOM   431  C C   . GLN A 1 56  ? -8.682  4.785   -8.798  1.00 9.64  ? 56  GLN A C   1 
ATOM   432  O O   . GLN A 1 56  ? -8.572  3.541   -8.733  1.00 10.21 ? 56  GLN A O   1 
ATOM   433  C CB  . GLN A 1 56  ? -10.919 5.848   -8.420  1.00 12.25 ? 56  GLN A CB  1 
ATOM   434  C CG  . GLN A 1 56  ? -11.831 4.639   -8.636  1.00 16.45 ? 56  GLN A CG  1 
ATOM   435  C CD  . GLN A 1 56  ? -13.166 5.120   -9.196  1.00 19.53 ? 56  GLN A CD  1 
ATOM   436  O OE1 . GLN A 1 56  ? -13.595 4.726   -10.271 1.00 22.41 ? 56  GLN A OE1 1 
ATOM   437  N NE2 . GLN A 1 56  ? -13.792 6.074   -8.517  1.00 22.44 ? 56  GLN A NE2 1 
ATOM   438  N N   . ALA A 1 57  ? -8.042  5.482   -9.723  1.00 9.32  ? 57  ALA A N   1 
ATOM   439  C CA  . ALA A 1 57  ? -7.172  4.856   -10.714 1.00 9.74  ? 57  ALA A CA  1 
ATOM   440  C C   . ALA A 1 57  ? -5.956  4.183   -10.092 1.00 8.85  ? 57  ALA A C   1 
ATOM   441  O O   . ALA A 1 57  ? -5.571  3.078   -10.531 1.00 9.73  ? 57  ALA A O   1 
ATOM   442  C CB  . ALA A 1 57  ? -6.764  5.878   -11.777 1.00 10.76 ? 57  ALA A CB  1 
ATOM   443  N N   . GLU A 1 58  ? -5.380  4.750   -9.047  1.00 8.23  ? 58  GLU A N   1 
ATOM   444  C CA  . GLU A 1 58  ? -4.283  4.109   -8.319  1.00 8.16  ? 58  GLU A CA  1 
ATOM   445  C C   . GLU A 1 58  ? -4.785  2.851   -7.616  1.00 8.02  ? 58  GLU A C   1 
ATOM   446  O O   . GLU A 1 58  ? -4.092  1.805   -7.652  1.00 8.98  ? 58  GLU A O   1 
ATOM   447  C CB  . GLU A 1 58  ? -3.639  5.083   -7.330  1.00 8.41  ? 58  GLU A CB  1 
ATOM   448  C CG  . GLU A 1 58  ? -2.373  4.541   -6.682  1.00 8.88  ? 58  GLU A CG  1 
ATOM   449  C CD  . GLU A 1 58  ? -1.617  5.564   -5.875  1.00 8.77  ? 58  GLU A CD  1 
ATOM   450  O OE1 . GLU A 1 58  ? -2.242  6.541   -5.390  1.00 9.80  ? 58  GLU A OE1 1 
ATOM   451  O OE2 . GLU A 1 58  ? -0.396  5.392   -5.677  1.00 9.71  ? 58  GLU A OE2 1 
ATOM   452  N N   . GLY A 1 59  ? -5.974  2.869   -7.034  1.00 8.86  ? 59  GLY A N   1 
ATOM   453  C CA  . GLY A 1 59  ? -6.564  1.682   -6.425  1.00 9.49  ? 59  GLY A CA  1 
ATOM   454  C C   . GLY A 1 59  ? -6.750  0.569   -7.440  1.00 9.79  ? 59  GLY A C   1 
ATOM   455  O O   . GLY A 1 59  ? -6.497  -0.614  -7.140  1.00 9.82  ? 59  GLY A O   1 
ATOM   456  N N   . ALA A 1 60  ? -7.184  0.881   -8.652  1.00 9.53  ? 60  ALA A N   1 
ATOM   457  C CA  . ALA A 1 60  ? -7.375  -0.098  -9.716  1.00 9.85  ? 60  ALA A CA  1 
ATOM   458  C C   . ALA A 1 60  ? -6.042  -0.682  -10.142 1.00 9.60  ? 60  ALA A C   1 
ATOM   459  O O   . ALA A 1 60  ? -5.943  -1.907  -10.379 1.00 10.72 ? 60  ALA A O   1 
ATOM   460  C CB  . ALA A 1 60  ? -8.108  0.538   -10.887 1.00 10.90 ? 60  ALA A CB  1 
ATOM   461  N N   . PHE A 1 61  ? -4.993  0.101   -10.256 1.00 9.42  ? 61  PHE A N   1 
ATOM   462  C CA  . PHE A 1 61  ? -3.658  -0.369  -10.577 1.00 9.98  ? 61  PHE A CA  1 
ATOM   463  C C   . PHE A 1 61  ? -3.168  -1.351  -9.520  1.00 9.36  ? 61  PHE A C   1 
ATOM   464  O O   . PHE A 1 61  ? -2.657  -2.442  -9.846  1.00 9.80  ? 61  PHE A O   1 
ATOM   465  C CB  . PHE A 1 61  ? -2.693  0.816   -10.746 1.00 10.75 ? 61  PHE A CB  1 
ATOM   466  C CG  . PHE A 1 61  ? -1.269  0.362   -10.937 1.00 12.71 ? 61  PHE A CG  1 
ATOM   467  C CD1 . PHE A 1 61  ? -0.824  -0.092  -12.162 1.00 14.51 ? 61  PHE A CD1 1 
ATOM   468  C CD2 . PHE A 1 61  ? -0.394  0.344   -9.865  1.00 13.50 ? 61  PHE A CD2 1 
ATOM   469  C CE1 . PHE A 1 61  ? 0.474   -0.540  -12.324 1.00 16.02 ? 61  PHE A CE1 1 
ATOM   470  C CE2 . PHE A 1 61  ? 0.906   -0.106  -10.015 1.00 14.99 ? 61  PHE A CE2 1 
ATOM   471  C CZ  . PHE A 1 61  ? 1.331   -0.552  -11.243 1.00 15.14 ? 61  PHE A CZ  1 
ATOM   472  N N   . VAL A 1 62  ? -3.267  -0.993  -8.246  1.00 7.93  ? 62  VAL A N   1 
ATOM   473  C CA  . VAL A 1 62  ? -2.815  -1.858  -7.151  1.00 8.35  ? 62  VAL A CA  1 
ATOM   474  C C   . VAL A 1 62  ? -3.584  -3.172  -7.118  1.00 8.58  ? 62  VAL A C   1 
ATOM   475  O O   . VAL A 1 62  ? -2.982  -4.268  -6.982  1.00 9.06  ? 62  VAL A O   1 
ATOM   476  C CB  . VAL A 1 62  ? -2.878  -1.099  -5.816  1.00 8.52  ? 62  VAL A CB  1 
ATOM   477  C CG1 . VAL A 1 62  ? -2.643  -2.049  -4.646  1.00 10.27 ? 62  VAL A CG1 1 
ATOM   478  C CG2 . VAL A 1 62  ? -1.880  0.056   -5.770  1.00 10.51 ? 62  VAL A CG2 1 
ATOM   479  N N   . ALA A 1 63  ? -4.889  -3.157  -7.322  1.00 8.37  ? 63  ALA A N   1 
ATOM   480  C CA  . ALA A 1 63  ? -5.691  -4.383  -7.377  1.00 8.54  ? 63  ALA A CA  1 
ATOM   481  C C   . ALA A 1 63  ? -5.217  -5.290  -8.504  1.00 10.01 ? 63  ALA A C   1 
ATOM   482  O O   . ALA A 1 63  ? -5.095  -6.524  -8.333  1.00 10.34 ? 63  ALA A O   1 
ATOM   483  C CB  . ALA A 1 63  ? -7.171  -4.044  -7.500  1.00 10.26 ? 63  ALA A CB  1 
ATOM   484  N N   . SER A 1 64  ? -4.932  -4.741  -9.673  1.00 9.80  ? 64  SER A N   1 
ATOM   485  C CA  . SER A 1 64  ? -4.470  -5.503  -10.828 1.00 11.65 ? 64  SER A CA  1 
ATOM   486  C C   . SER A 1 64  ? -3.114  -6.128  -10.564 1.00 11.35 ? 64  SER A C   1 
ATOM   487  O O   . SER A 1 64  ? -2.855  -7.295  -10.927 1.00 12.21 ? 64  SER A O   1 
ATOM   488  C CB  . SER A 1 64  ? -4.424  -4.614  -12.069 1.00 14.00 ? 64  SER A CB  1 
ATOM   489  O OG  . SER A 1 64  ? -3.240  -3.863  -12.186 1.00 20.53 ? 64  SER A OG  1 
ATOM   490  N N   . LEU A 1 65  ? -2.203  -5.414  -9.923  1.00 9.87  ? 65  LEU A N   1 
ATOM   491  C CA  . LEU A 1 65  ? -0.887  -5.891  -9.555  1.00 10.56 ? 65  LEU A CA  1 
ATOM   492  C C   . LEU A 1 65  ? -0.965  -7.097  -8.642  1.00 9.80  ? 65  LEU A C   1 
ATOM   493  O O   . LEU A 1 65  ? -0.254  -8.103  -8.814  1.00 10.74 ? 65  LEU A O   1 
ATOM   494  C CB  . LEU A 1 65  ? -0.114  -4.750  -8.884  1.00 13.35 ? 65  LEU A CB  1 
ATOM   495  C CG  . LEU A 1 65  ? 1.354   -5.030  -8.559  1.00 15.39 ? 65  LEU A CG  1 
ATOM   496  C CD1 . LEU A 1 65  ? 2.158   -5.212  -9.837  1.00 18.59 ? 65  LEU A CD1 1 
ATOM   497  C CD2 . LEU A 1 65  ? 1.964   -3.898  -7.747  1.00 18.25 ? 65  LEU A CD2 1 
ATOM   498  N N   . ILE A 1 66  ? -1.835  -7.065  -7.647  1.00 8.69  ? 66  ILE A N   1 
ATOM   499  C CA  . ILE A 1 66  ? -2.024  -8.187  -6.724  1.00 9.13  ? 66  ILE A CA  1 
ATOM   500  C C   . ILE A 1 66  ? -2.600  -9.372  -7.485  1.00 9.59  ? 66  ILE A C   1 
ATOM   501  O O   . ILE A 1 66  ? -2.121  -10.516 -7.339  1.00 10.02 ? 66  ILE A O   1 
ATOM   502  C CB  . ILE A 1 66  ? -2.880  -7.793  -5.514  1.00 8.13  ? 66  ILE A CB  1 
ATOM   503  C CG1 . ILE A 1 66  ? -2.193  -6.711  -4.680  1.00 9.04  ? 66  ILE A CG1 1 
ATOM   504  C CG2 . ILE A 1 66  ? -3.154  -9.038  -4.673  1.00 9.58  ? 66  ILE A CG2 1 
ATOM   505  C CD1 . ILE A 1 66  ? -3.123  -5.984  -3.728  1.00 10.12 ? 66  ILE A CD1 1 
ATOM   506  N N   . LYS A 1 67  ? -3.637  -9.187  -8.285  1.00 10.80 ? 67  LYS A N   1 
ATOM   507  C CA  . LYS A 1 67  ? -4.249  -10.271 -9.054  1.00 12.95 ? 67  LYS A CA  1 
ATOM   508  C C   . LYS A 1 67  ? -3.251  -10.915 -10.001 1.00 13.22 ? 67  LYS A C   1 
ATOM   509  O O   . LYS A 1 67  ? -3.194  -12.159 -10.094 1.00 14.19 ? 67  LYS A O   1 
ATOM   510  C CB  . LYS A 1 67  ? -5.468  -9.744  -9.809  1.00 14.81 ? 67  LYS A CB  1 
ATOM   511  C CG  . LYS A 1 67  ? -6.720  -9.558  -8.971  1.00 19.82 ? 67  LYS A CG  1 
ATOM   512  C CD  . LYS A 1 67  ? -7.973  -9.603  -9.843  1.00 23.56 ? 67  LYS A CD  1 
ATOM   513  C CE  . LYS A 1 67  ? -8.658  -10.954 -9.725  1.00 25.89 ? 67  LYS A CE  1 
ATOM   514  N NZ  . LYS A 1 67  ? -9.144  -11.454 -11.038 1.00 28.03 ? 67  LYS A NZ  1 
ATOM   515  N N   . GLU A 1 68  ? -2.416  -10.154 -10.678 1.00 12.64 ? 68  GLU A N   1 
ATOM   516  C CA  . GLU A 1 68  ? -1.425  -10.659 -11.615 1.00 14.30 ? 68  GLU A CA  1 
ATOM   517  C C   . GLU A 1 68  ? -0.337  -11.501 -10.981 1.00 12.06 ? 68  GLU A C   1 
ATOM   518  O O   . GLU A 1 68  ? 0.299   -12.339 -11.653 1.00 13.47 ? 68  GLU A O   1 
ATOM   519  C CB  . GLU A 1 68  ? -0.833  -9.483  -12.418 1.00 18.40 ? 68  GLU A CB  1 
ATOM   520  C CG  . GLU A 1 68  ? -1.822  -8.958  -13.452 1.00 24.12 ? 68  GLU A CG  1 
ATOM   521  C CD  . GLU A 1 68  ? -1.344  -7.743  -14.217 1.00 26.99 ? 68  GLU A CD  1 
ATOM   522  O OE1 . GLU A 1 68  ? -0.158  -7.373  -14.109 1.00 29.19 ? 68  GLU A OE1 1 
ATOM   523  O OE2 . GLU A 1 68  ? -2.165  -7.151  -14.955 1.00 29.76 ? 68  GLU A OE2 1 
ATOM   524  N N   . SER A 1 69  ? -0.113  -11.389 -9.676  1.00 9.79  ? 69  SER A N   1 
ATOM   525  C CA  . SER A 1 69  ? 0.841   -12.206 -8.958  1.00 9.56  ? 69  SER A CA  1 
ATOM   526  C C   . SER A 1 69  ? 0.394   -13.661 -8.857  1.00 9.77  ? 69  SER A C   1 
ATOM   527  O O   . SER A 1 69  ? 1.250   -14.514 -8.568  1.00 10.62 ? 69  SER A O   1 
ATOM   528  C CB  . SER A 1 69  ? 1.083   -11.688 -7.531  1.00 9.50  ? 69  SER A CB  1 
ATOM   529  O OG  . SER A 1 69  ? 0.013   -12.034 -6.668  1.00 9.11  ? 69  SER A OG  1 
ATOM   530  N N   . GLY A 1 70  ? -0.893  -13.956 -8.970  1.00 9.76  ? 70  GLY A N   1 
ATOM   531  C CA  . GLY A 1 70  ? -1.393  -15.302 -8.765  1.00 10.65 ? 70  GLY A CA  1 
ATOM   532  C C   . GLY A 1 70  ? -1.589  -15.675 -7.319  1.00 11.29 ? 70  GLY A C   1 
ATOM   533  O O   . GLY A 1 70  ? -1.910  -16.844 -7.049  1.00 12.33 ? 70  GLY A O   1 
ATOM   534  N N   . THR A 1 71  ? -1.438  -14.771 -6.350  1.00 9.32  ? 71  THR A N   1 
ATOM   535  C CA  . THR A 1 71  ? -1.594  -15.096 -4.941  1.00 8.65  ? 71  THR A CA  1 
ATOM   536  C C   . THR A 1 71  ? -2.961  -15.684 -4.595  1.00 8.96  ? 71  THR A C   1 
ATOM   537  O O   . THR A 1 71  ? -3.972  -15.283 -5.164  1.00 10.50 ? 71  THR A O   1 
ATOM   538  C CB  . THR A 1 71  ? -1.296  -13.860 -4.054  1.00 9.66  ? 71  THR A CB  1 
ATOM   539  O OG1 . THR A 1 71  ? -1.204  -14.279 -2.684  1.00 10.39 ? 71  THR A OG1 1 
ATOM   540  C CG2 . THR A 1 71  ? -2.320  -12.743 -4.144  1.00 10.17 ? 71  THR A CG2 1 
ATOM   541  N N   . ASP A 1 72  ? -2.975  -16.563 -3.596  1.00 9.17  ? 72  ASP A N   1 
ATOM   542  C CA  . ASP A 1 72  ? -4.180  -17.079 -2.974  1.00 10.14 ? 72  ASP A CA  1 
ATOM   543  C C   . ASP A 1 72  ? -4.510  -16.368 -1.662  1.00 10.49 ? 72  ASP A C   1 
ATOM   544  O O   . ASP A 1 72  ? -5.463  -16.741 -0.961  1.00 11.49 ? 72  ASP A O   1 
ATOM   545  C CB  . ASP A 1 72  ? -4.069  -18.594 -2.718  1.00 12.30 ? 72  ASP A CB  1 
ATOM   546  C CG  . ASP A 1 72  ? -4.025  -19.396 -4.014  1.00 13.55 ? 72  ASP A CG  1 
ATOM   547  O OD1 . ASP A 1 72  ? -3.041  -20.156 -4.187  1.00 15.70 ? 72  ASP A OD1 1 
ATOM   548  O OD2 . ASP A 1 72  ? -4.928  -19.183 -4.852  1.00 13.59 ? 72  ASP A OD2 1 
ATOM   549  N N   . ASP A 1 73  ? -3.792  -15.298 -1.320  1.00 9.21  ? 73  ASP A N   1 
ATOM   550  C CA  . ASP A 1 73  ? -4.030  -14.561 -0.084  1.00 9.43  ? 73  ASP A CA  1 
ATOM   551  C C   . ASP A 1 73  ? -5.388  -13.871 -0.010  1.00 9.21  ? 73  ASP A C   1 
ATOM   552  O O   . ASP A 1 73  ? -5.924  -13.442 -1.021  1.00 11.09 ? 73  ASP A O   1 
ATOM   553  C CB  . ASP A 1 73  ? -2.911  -13.527 0.123   1.00 11.45 ? 73  ASP A CB  1 
ATOM   554  C CG  . ASP A 1 73  ? -1.592  -14.120 0.548   1.00 13.22 ? 73  ASP A CG  1 
ATOM   555  O OD1 . ASP A 1 73  ? -0.642  -13.331 0.798   1.00 15.23 ? 73  ASP A OD1 1 
ATOM   556  O OD2 . ASP A 1 73  ? -1.436  -15.354 0.656   1.00 14.32 ? 73  ASP A OD2 1 
ATOM   557  N N   . PHE A 1 74  ? -5.927  -13.766 1.201   1.00 9.89  ? 74  PHE A N   1 
ATOM   558  C CA  . PHE A 1 74  ? -7.213  -13.120 1.432   1.00 9.40  ? 74  PHE A CA  1 
ATOM   559  C C   . PHE A 1 74  ? -7.086  -11.648 1.817   1.00 8.83  ? 74  PHE A C   1 
ATOM   560  O O   . PHE A 1 74  ? -8.046  -10.911 1.583   1.00 10.11 ? 74  PHE A O   1 
ATOM   561  C CB  . PHE A 1 74  ? -7.979  -13.871 2.542   1.00 11.47 ? 74  PHE A CB  1 
ATOM   562  C CG  . PHE A 1 74  ? -8.292  -15.304 2.191   1.00 13.99 ? 74  PHE A CG  1 
ATOM   563  C CD1 . PHE A 1 74  ? -7.600  -16.343 2.777   1.00 16.57 ? 74  PHE A CD1 1 
ATOM   564  C CD2 . PHE A 1 74  ? -9.314  -15.580 1.304   1.00 15.71 ? 74  PHE A CD2 1 
ATOM   565  C CE1 . PHE A 1 74  ? -7.900  -17.662 2.453   1.00 17.87 ? 74  PHE A CE1 1 
ATOM   566  C CE2 . PHE A 1 74  ? -9.611  -16.895 0.963   1.00 17.00 ? 74  PHE A CE2 1 
ATOM   567  C CZ  . PHE A 1 74  ? -8.893  -17.916 1.542   1.00 17.36 ? 74  PHE A CZ  1 
ATOM   568  N N   . ASN A 1 75  ? -6.019  -11.269 2.492   1.00 9.00  ? 75  ASN A N   1 
ATOM   569  C CA  . ASN A 1 75  ? -5.820  -9.920  3.021   1.00 9.04  ? 75  ASN A CA  1 
ATOM   570  C C   . ASN A 1 75  ? -4.426  -9.407  2.702   1.00 8.56  ? 75  ASN A C   1 
ATOM   571  O O   . ASN A 1 75  ? -3.453  -10.148 2.821   1.00 10.20 ? 75  ASN A O   1 
ATOM   572  C CB  . ASN A 1 75  ? -5.956  -9.872  4.548   1.00 11.61 ? 75  ASN A CB  1 
ATOM   573  C CG  . ASN A 1 75  ? -7.384  -10.025 5.016   1.00 13.63 ? 75  ASN A CG  1 
ATOM   574  O OD1 . ASN A 1 75  ? -8.175  -9.096  4.959   1.00 16.65 ? 75  ASN A OD1 1 
ATOM   575  N ND2 . ASN A 1 75  ? -7.720  -11.255 5.393   1.00 15.51 ? 75  ASN A ND2 1 
ATOM   576  N N   . VAL A 1 76  ? -4.318  -8.167  2.225   1.00 7.31  ? 76  VAL A N   1 
ATOM   577  C CA  . VAL A 1 76  ? -3.045  -7.550  1.855   1.00 7.66  ? 76  VAL A CA  1 
ATOM   578  C C   . VAL A 1 76  ? -2.929  -6.178  2.522   1.00 6.97  ? 76  VAL A C   1 
ATOM   579  O O   . VAL A 1 76  ? -3.837  -5.347  2.347   1.00 7.71  ? 76  VAL A O   1 
ATOM   580  C CB  . VAL A 1 76  ? -2.887  -7.411  0.328   1.00 7.34  ? 76  VAL A CB  1 
ATOM   581  C CG1 . VAL A 1 76  ? -1.565  -6.757  -0.051  1.00 8.95  ? 76  VAL A CG1 1 
ATOM   582  C CG2 . VAL A 1 76  ? -3.004  -8.772  -0.363  1.00 9.19  ? 76  VAL A CG2 1 
ATOM   583  N N   . TRP A 1 77  ? -1.858  -5.887  3.229   1.00 6.71  ? 77  TRP A N   1 
ATOM   584  C CA  . TRP A 1 77  ? -1.725  -4.578  3.886   1.00 6.68  ? 77  TRP A CA  1 
ATOM   585  C C   . TRP A 1 77  ? -1.513  -3.396  2.932   1.00 7.02  ? 77  TRP A C   1 
ATOM   586  O O   . TRP A 1 77  ? -0.797  -3.479  1.932   1.00 8.18  ? 77  TRP A O   1 
ATOM   587  C CB  . TRP A 1 77  ? -0.499  -4.585  4.805   1.00 8.20  ? 77  TRP A CB  1 
ATOM   588  C CG  . TRP A 1 77  ? -0.458  -5.339  6.086   1.00 8.71  ? 77  TRP A CG  1 
ATOM   589  C CD1 . TRP A 1 77  ? 0.521   -6.208  6.484   1.00 8.99  ? 77  TRP A CD1 1 
ATOM   590  C CD2 . TRP A 1 77  ? -1.395  -5.280  7.168   1.00 8.52  ? 77  TRP A CD2 1 
ATOM   591  N NE1 . TRP A 1 77  ? 0.246   -6.688  7.739   1.00 9.47  ? 77  TRP A NE1 1 
ATOM   592  C CE2 . TRP A 1 77  ? -0.928  -6.140  8.183   1.00 9.02  ? 77  TRP A CE2 1 
ATOM   593  C CE3 . TRP A 1 77  ? -2.597  -4.590  7.367   1.00 9.01  ? 77  TRP A CE3 1 
ATOM   594  C CZ2 . TRP A 1 77  ? -1.617  -6.313  9.385   1.00 10.61 ? 77  TRP A CZ2 1 
ATOM   595  C CZ3 . TRP A 1 77  ? -3.263  -4.756  8.571   1.00 9.34  ? 77  TRP A CZ3 1 
ATOM   596  C CH2 . TRP A 1 77  ? -2.777  -5.623  9.558   1.00 10.40 ? 77  TRP A CH2 1 
ATOM   597  N N   . ILE A 1 78  ? -2.135  -2.278  3.314   1.00 7.18  ? 78  ILE A N   1 
ATOM   598  C CA  . ILE A 1 78  ? -1.906  -0.958  2.726   1.00 7.13  ? 78  ILE A CA  1 
ATOM   599  C C   . ILE A 1 78  ? -1.493  -0.035  3.883   1.00 7.10  ? 78  ILE A C   1 
ATOM   600  O O   . ILE A 1 78  ? -1.588  -0.400  5.051   1.00 7.75  ? 78  ILE A O   1 
ATOM   601  C CB  . ILE A 1 78  ? -3.035  -0.405  1.875   1.00 8.37  ? 78  ILE A CB  1 
ATOM   602  C CG1 . ILE A 1 78  ? -4.314  -0.173  2.689   1.00 9.26  ? 78  ILE A CG1 1 
ATOM   603  C CG2 . ILE A 1 78  ? -3.312  -1.332  0.691   1.00 10.58 ? 78  ILE A CG2 1 
ATOM   604  C CD1 . ILE A 1 78  ? -5.422  0.532   1.924   1.00 11.04 ? 78  ILE A CD1 1 
ATOM   605  N N   . GLY A 1 79  ? -1.022  1.177   3.567   1.00 7.27  ? 79  GLY A N   1 
ATOM   606  C CA  . GLY A 1 79  ? -0.476  2.077   4.566   1.00 7.48  ? 79  GLY A CA  1 
ATOM   607  C C   . GLY A 1 79  ? -1.372  2.883   5.472   1.00 7.05  ? 79  GLY A C   1 
ATOM   608  O O   . GLY A 1 79  ? -0.858  3.844   6.088   1.00 8.52  ? 79  GLY A O   1 
ATOM   609  N N   . LEU A 1 80  ? -2.651  2.604   5.563   1.00 6.99  ? 80  LEU A N   1 
ATOM   610  C CA  . LEU A 1 80  ? -3.591  3.397   6.351   1.00 7.03  ? 80  LEU A CA  1 
ATOM   611  C C   . LEU A 1 80  ? -3.731  2.845   7.754   1.00 7.49  ? 80  LEU A C   1 
ATOM   612  O O   . LEU A 1 80  ? -3.847  1.618   7.935   1.00 8.66  ? 80  LEU A O   1 
ATOM   613  C CB  . LEU A 1 80  ? -4.945  3.488   5.645   1.00 8.34  ? 80  LEU A CB  1 
ATOM   614  C CG  . LEU A 1 80  ? -5.869  4.643   6.058   1.00 9.72  ? 80  LEU A CG  1 
ATOM   615  C CD1 . LEU A 1 80  ? -5.393  5.980   5.519   1.00 10.93 ? 80  LEU A CD1 1 
ATOM   616  C CD2 . LEU A 1 80  ? -7.297  4.405   5.569   1.00 11.31 ? 80  LEU A CD2 1 
ATOM   617  N N   . HIS A 1 81  ? -3.699  3.707   8.769   1.00 8.13  ? 81  HIS A N   1 
ATOM   618  C CA  . HIS A 1 81  ? -3.826  3.276   10.162  1.00 7.97  ? 81  HIS A CA  1 
ATOM   619  C C   . HIS A 1 81  ? -4.420  4.392   11.006  1.00 9.16  ? 81  HIS A C   1 
ATOM   620  O O   . HIS A 1 81  ? -4.501  5.548   10.566  1.00 9.42  ? 81  HIS A O   1 
ATOM   621  C CB  . HIS A 1 81  ? -2.503  2.763   10.721  1.00 9.68  ? 81  HIS A CB  1 
ATOM   622  C CG  . HIS A 1 81  ? -1.441  3.793   10.941  1.00 11.44 ? 81  HIS A CG  1 
ATOM   623  N ND1 . HIS A 1 81  ? -0.697  3.831   12.108  1.00 13.22 ? 81  HIS A ND1 1 
ATOM   624  C CD2 . HIS A 1 81  ? -0.960  4.785   10.161  1.00 12.82 ? 81  HIS A CD2 1 
ATOM   625  C CE1 . HIS A 1 81  ? 0.172   4.821   12.029  1.00 14.70 ? 81  HIS A CE1 1 
ATOM   626  N NE2 . HIS A 1 81  ? 0.036   5.435   10.875  1.00 14.05 ? 81  HIS A NE2 1 
ATOM   627  N N   . ASP A 1 82  ? -4.862  4.063   12.204  1.00 9.34  ? 82  ASP A N   1 
ATOM   628  C CA  . ASP A 1 82  ? -5.503  4.967   13.176  1.00 10.38 ? 82  ASP A CA  1 
ATOM   629  C C   . ASP A 1 82  ? -4.586  5.021   14.389  1.00 12.14 ? 82  ASP A C   1 
ATOM   630  O O   . ASP A 1 82  ? -4.777  4.260   15.349  1.00 12.16 ? 82  ASP A O   1 
ATOM   631  C CB  . ASP A 1 82  ? -6.884  4.401   13.511  1.00 11.54 ? 82  ASP A CB  1 
ATOM   632  C CG  . ASP A 1 82  ? -7.693  5.156   14.549  1.00 12.51 ? 82  ASP A CG  1 
ATOM   633  O OD1 . ASP A 1 82  ? -7.248  6.269   14.922  1.00 13.92 ? 82  ASP A OD1 1 
ATOM   634  O OD2 . ASP A 1 82  ? -8.742  4.630   14.995  1.00 12.97 ? 82  ASP A OD2 1 
ATOM   635  N N   . PRO A 1 83  ? -3.557  5.865   14.365  1.00 12.74 ? 83  PRO A N   1 
ATOM   636  C CA  . PRO A 1 83  ? -2.543  5.867   15.398  1.00 14.83 ? 83  PRO A CA  1 
ATOM   637  C C   . PRO A 1 83  ? -2.967  6.259   16.798  1.00 15.70 ? 83  PRO A C   1 
ATOM   638  O O   . PRO A 1 83  ? -2.346  5.724   17.737  1.00 17.90 ? 83  PRO A O   1 
ATOM   639  C CB  . PRO A 1 83  ? -1.456  6.794   14.865  1.00 15.65 ? 83  PRO A CB  1 
ATOM   640  C CG  . PRO A 1 83  ? -2.138  7.673   13.879  1.00 15.42 ? 83  PRO A CG  1 
ATOM   641  C CD  . PRO A 1 83  ? -3.248  6.840   13.282  1.00 13.59 ? 83  PRO A CD  1 
ATOM   642  N N   . LYS A 1 84  ? -3.987  7.085   16.950  1.00 14.44 ? 84  LYS A N   1 
ATOM   643  C CA  . LYS A 1 84  ? -4.430  7.512   18.282  1.00 15.06 ? 84  LYS A CA  1 
ATOM   644  C C   . LYS A 1 84  ? -5.664  6.769   18.741  1.00 16.52 ? 84  LYS A C   1 
ATOM   645  O O   . LYS A 1 84  ? -6.278  7.094   19.768  1.00 17.67 ? 84  LYS A O   1 
ATOM   646  C CB  . LYS A 1 84  ? -4.632  9.036   18.275  1.00 14.87 ? 84  LYS A CB  1 
ATOM   647  C CG  . LYS A 1 84  ? -3.386  9.804   17.867  1.00 14.83 ? 84  LYS A CG  1 
ATOM   648  C CD  . LYS A 1 84  ? -3.618  11.310  17.856  1.00 14.71 ? 84  LYS A CD  1 
ATOM   649  C CE  . LYS A 1 84  ? -2.471  12.055  17.204  1.00 15.39 ? 84  LYS A CE  1 
ATOM   650  N NZ  . LYS A 1 84  ? -2.750  13.517  17.047  1.00 14.54 ? 84  LYS A NZ  1 
ATOM   651  N N   . LYS A 1 85  ? -6.104  5.767   17.991  1.00 16.25 ? 85  LYS A N   1 
ATOM   652  C CA  . LYS A 1 85  ? -7.264  4.941   18.280  1.00 17.05 ? 85  LYS A CA  1 
ATOM   653  C C   . LYS A 1 85  ? -8.551  5.726   18.463  1.00 17.27 ? 85  LYS A C   1 
ATOM   654  O O   . LYS A 1 85  ? -9.455  5.366   19.228  1.00 18.63 ? 85  LYS A O   1 
ATOM   655  C CB  . LYS A 1 85  ? -6.997  4.030   19.493  1.00 18.45 ? 85  LYS A CB  1 
ATOM   656  C CG  . LYS A 1 85  ? -5.777  3.150   19.288  1.00 20.49 ? 85  LYS A CG  1 
ATOM   657  C CD  . LYS A 1 85  ? -5.551  2.183   20.438  1.00 22.87 ? 85  LYS A CD  1 
ATOM   658  C CE  . LYS A 1 85  ? -4.732  0.990   19.970  1.00 25.06 ? 85  LYS A CE  1 
ATOM   659  N NZ  . LYS A 1 85  ? -3.276  1.282   20.018  1.00 26.88 ? 85  LYS A NZ  1 
ATOM   660  N N   . ASN A 1 86  ? -8.694  6.803   17.697  1.00 16.15 ? 86  ASN A N   1 
ATOM   661  C CA  . ASN A 1 86  ? -9.839  7.694   17.776  1.00 16.05 ? 86  ASN A CA  1 
ATOM   662  C C   . ASN A 1 86  ? -10.561 7.865   16.455  1.00 15.68 ? 86  ASN A C   1 
ATOM   663  O O   . ASN A 1 86  ? -11.305 8.795   16.159  1.00 17.64 ? 86  ASN A O   1 
ATOM   664  C CB  . ASN A 1 86  ? -9.426  9.061   18.320  1.00 15.67 ? 86  ASN A CB  1 
ATOM   665  C CG  . ASN A 1 86  ? -8.446  9.809   17.454  1.00 15.80 ? 86  ASN A CG  1 
ATOM   666  O OD1 . ASN A 1 86  ? -7.861  9.289   16.499  1.00 15.10 ? 86  ASN A OD1 1 
ATOM   667  N ND2 . ASN A 1 86  ? -8.215  11.080  17.759  1.00 16.40 ? 86  ASN A ND2 1 
ATOM   668  N N   . ARG A 1 87  ? -10.277 6.921   15.545  1.00 15.68 ? 87  ARG A N   1 
ATOM   669  C CA  . ARG A 1 87  ? -10.889 6.882   14.231  1.00 17.18 ? 87  ARG A CA  1 
ATOM   670  C C   . ARG A 1 87  ? -10.541 8.080   13.372  1.00 16.54 ? 87  ARG A C   1 
ATOM   671  O O   . ARG A 1 87  ? -11.319 8.612   12.586  1.00 18.55 ? 87  ARG A O   1 
ATOM   672  C CB  . ARG A 1 87  ? -12.394 6.622   14.381  1.00 19.35 ? 87  ARG A CB  1 
ATOM   673  C CG  . ARG A 1 87  ? -12.720 5.165   14.276  1.00 21.22 ? 87  ARG A CG  1 
ATOM   674  C CD  . ARG A 1 87  ? -12.227 4.272   15.428  1.00 19.91 ? 87  ARG A CD  1 
ATOM   675  N NE  . ARG A 1 87  ? -12.579 3.012   14.745  1.00 17.85 ? 87  ARG A NE  1 
ATOM   676  C CZ  . ARG A 1 87  ? -11.740 2.219   14.114  1.00 16.17 ? 87  ARG A CZ  1 
ATOM   677  N NH1 . ARG A 1 87  ? -10.431 2.395   14.201  1.00 15.87 ? 87  ARG A NH1 1 
ATOM   678  N NH2 . ARG A 1 87  ? -12.185 1.131   13.484  1.00 16.67 ? 87  ARG A NH2 1 
ATOM   679  N N   . ALA A 1 88  ? -9.278  8.502   13.450  1.00 14.51 ? 88  ALA A N   1 
ATOM   680  C CA  . ALA A 1 88  ? -8.689  9.525   12.603  1.00 13.74 ? 88  ALA A CA  1 
ATOM   681  C C   . ALA A 1 88  ? -7.555  8.878   11.788  1.00 12.48 ? 88  ALA A C   1 
ATOM   682  O O   . ALA A 1 88  ? -6.511  8.527   12.343  1.00 13.74 ? 88  ALA A O   1 
ATOM   683  C CB  . ALA A 1 88  ? -8.166  10.704  13.401  1.00 14.72 ? 88  ALA A CB  1 
ATOM   684  N N   . TRP A 1 89  ? -7.794  8.657   10.499  1.00 11.08 ? 89  TRP A N   1 
ATOM   685  C CA  . TRP A 1 89  ? -6.930  7.834   9.664   1.00 10.00 ? 89  TRP A CA  1 
ATOM   686  C C   . TRP A 1 89  ? -5.811  8.594   9.001   1.00 9.46  ? 89  TRP A C   1 
ATOM   687  O O   . TRP A 1 89  ? -5.964  9.741   8.552   1.00 11.48 ? 89  TRP A O   1 
ATOM   688  C CB  . TRP A 1 89  ? -7.777  7.108   8.594   1.00 10.90 ? 89  TRP A CB  1 
ATOM   689  C CG  . TRP A 1 89  ? -8.863  6.269   9.190   1.00 10.48 ? 89  TRP A CG  1 
ATOM   690  C CD1 . TRP A 1 89  ? -10.147 6.649   9.443   1.00 12.29 ? 89  TRP A CD1 1 
ATOM   691  C CD2 . TRP A 1 89  ? -8.740  4.930   9.681   1.00 10.85 ? 89  TRP A CD2 1 
ATOM   692  N NE1 . TRP A 1 89  ? -10.830 5.632   10.059  1.00 12.35 ? 89  TRP A NE1 1 
ATOM   693  C CE2 . TRP A 1 89  ? -9.989  4.564   10.234  1.00 11.75 ? 89  TRP A CE2 1 
ATOM   694  C CE3 . TRP A 1 89  ? -7.703  4.009   9.742   1.00 10.21 ? 89  TRP A CE3 1 
ATOM   695  C CZ2 . TRP A 1 89  ? -10.217 3.312   10.797  1.00 12.64 ? 89  TRP A CZ2 1 
ATOM   696  C CZ3 . TRP A 1 89  ? -7.924  2.758   10.300  1.00 11.30 ? 89  TRP A CZ3 1 
ATOM   697  C CH2 . TRP A 1 89  ? -9.177  2.430   10.827  1.00 12.00 ? 89  TRP A CH2 1 
ATOM   698  N N   . HIS A 1 90  ? -4.616  8.011   8.938   1.00 9.19  ? 90  HIS A N   1 
ATOM   699  C CA  . HIS A 1 90  ? -3.462  8.604   8.305   1.00 9.66  ? 90  HIS A CA  1 
ATOM   700  C C   . HIS A 1 90  ? -2.690  7.592   7.460   1.00 8.76  ? 90  HIS A C   1 
ATOM   701  O O   . HIS A 1 90  ? -2.634  6.399   7.790   1.00 9.59  ? 90  HIS A O   1 
ATOM   702  C CB  . HIS A 1 90  ? -2.431  9.111   9.339   1.00 12.60 ? 90  HIS A CB  1 
ATOM   703  C CG  . HIS A 1 90  ? -2.921  10.259  10.173  1.00 14.60 ? 90  HIS A CG  1 
ATOM   704  N ND1 . HIS A 1 90  ? -2.697  11.573  9.845   1.00 17.40 ? 90  HIS A ND1 1 
ATOM   705  C CD2 . HIS A 1 90  ? -3.641  10.255  11.320  1.00 15.95 ? 90  HIS A CD2 1 
ATOM   706  C CE1 . HIS A 1 90  ? -3.268  12.347  10.770  1.00 17.75 ? 90  HIS A CE1 1 
ATOM   707  N NE2 . HIS A 1 90  ? -3.842  11.574  11.664  1.00 18.33 ? 90  HIS A NE2 1 
ATOM   708  N N   . TRP A 1 91  ? -2.059  8.040   6.393   1.00 8.48  ? 91  TRP A N   1 
ATOM   709  C CA  . TRP A 1 91  ? -1.174  7.226   5.564   1.00 8.06  ? 91  TRP A CA  1 
ATOM   710  C C   . TRP A 1 91  ? 0.212   7.264   6.197   1.00 8.84  ? 91  TRP A C   1 
ATOM   711  O O   . TRP A 1 91  ? 0.695   8.338   6.610   1.00 10.25 ? 91  TRP A O   1 
ATOM   712  C CB  . TRP A 1 91  ? -1.058  7.743   4.121   1.00 8.72  ? 91  TRP A CB  1 
ATOM   713  C CG  . TRP A 1 91  ? -2.288  7.543   3.298   1.00 8.50  ? 91  TRP A CG  1 
ATOM   714  C CD1 . TRP A 1 91  ? -3.146  8.524   2.869   1.00 9.45  ? 91  TRP A CD1 1 
ATOM   715  C CD2 . TRP A 1 91  ? -2.859  6.314   2.838   1.00 8.08  ? 91  TRP A CD2 1 
ATOM   716  N NE1 . TRP A 1 91  ? -4.198  7.978   2.168   1.00 9.02  ? 91  TRP A NE1 1 
ATOM   717  C CE2 . TRP A 1 91  ? -4.036  6.607   2.129   1.00 8.49  ? 91  TRP A CE2 1 
ATOM   718  C CE3 . TRP A 1 91  ? -2.460  4.974   2.930   1.00 8.09  ? 91  TRP A CE3 1 
ATOM   719  C CZ2 . TRP A 1 91  ? -4.853  5.627   1.585   1.00 8.48  ? 91  TRP A CZ2 1 
ATOM   720  C CZ3 . TRP A 1 91  ? -3.269  3.990   2.387   1.00 8.50  ? 91  TRP A CZ3 1 
ATOM   721  C CH2 . TRP A 1 91  ? -4.447  4.326   1.716   1.00 8.39  ? 91  TRP A CH2 1 
ATOM   722  N N   . SER A 1 92  ? 0.934   6.151   6.257   1.00 9.19  ? 92  SER A N   1 
ATOM   723  C CA  . SER A 1 92  ? 2.283   6.102   6.820   1.00 9.68  ? 92  SER A CA  1 
ATOM   724  C C   . SER A 1 92  ? 3.230   7.006   6.055   1.00 10.27 ? 92  SER A C   1 
ATOM   725  O O   . SER A 1 92  ? 4.207   7.505   6.661   1.00 12.71 ? 92  SER A O   1 
ATOM   726  C CB  . SER A 1 92  ? 2.800   4.668   6.889   1.00 10.48 ? 92  SER A CB  1 
ATOM   727  O OG  . SER A 1 92  ? 2.983   4.098   5.617   1.00 11.93 ? 92  SER A OG  1 
ATOM   728  N N   . SER A 1 93  ? 3.035   7.265   4.776   1.00 10.16 ? 93  SER A N   1 
ATOM   729  C CA  . SER A 1 93  ? 3.882   8.161   4.006   1.00 11.74 ? 93  SER A CA  1 
ATOM   730  C C   . SER A 1 93  ? 3.655   9.634   4.322   1.00 12.37 ? 93  SER A C   1 
ATOM   731  O O   . SER A 1 93  ? 4.455   10.469  3.858   1.00 14.53 ? 93  SER A O   1 
ATOM   732  C CB  . SER A 1 93  ? 3.634   7.987   2.507   1.00 12.66 ? 93  SER A CB  1 
ATOM   733  O OG  . SER A 1 93  ? 2.334   8.424   2.171   1.00 14.03 ? 93  SER A OG  1 
ATOM   734  N N   . GLY A 1 94  ? 2.572   10.001  4.990   1.00 11.55 ? 94  GLY A N   1 
ATOM   735  C CA  . GLY A 1 94  ? 2.289   11.403  5.282   1.00 12.30 ? 94  GLY A CA  1 
ATOM   736  C C   . GLY A 1 94  ? 1.360   12.059  4.284   1.00 12.84 ? 94  GLY A C   1 
ATOM   737  O O   . GLY A 1 94  ? 0.993   13.234  4.458   1.00 14.69 ? 94  GLY A O   1 
ATOM   738  N N   . SER A 1 95  ? 0.998   11.412  3.190   1.00 12.34 ? 95  SER A N   1 
ATOM   739  C CA  . SER A 1 95  ? 0.084   11.961  2.201   1.00 12.03 ? 95  SER A CA  1 
ATOM   740  C C   . SER A 1 95  ? -1.311  12.181  2.774   1.00 12.28 ? 95  SER A C   1 
ATOM   741  O O   . SER A 1 95  ? -1.734  11.489  3.688   1.00 13.17 ? 95  SER A O   1 
ATOM   742  C CB  A SER A 1 95  ? 0.014   10.980  1.023   0.47 12.86 ? 95  SER A CB  1 
ATOM   743  C CB  B SER A 1 95  ? 0.009   11.021  0.996   0.53 13.74 ? 95  SER A CB  1 
ATOM   744  O OG  A SER A 1 95  ? -0.428  9.693   1.417   0.47 13.79 ? 95  SER A OG  1 
ATOM   745  O OG  B SER A 1 95  ? 1.273   10.902  0.376   0.53 16.20 ? 95  SER A OG  1 
ATOM   746  N N   . LEU A 1 96  ? -2.040  13.118  2.187   1.00 12.43 ? 96  LEU A N   1 
ATOM   747  C CA  . LEU A 1 96  ? -3.413  13.412  2.603   1.00 12.62 ? 96  LEU A CA  1 
ATOM   748  C C   . LEU A 1 96  ? -4.367  12.289  2.238   1.00 11.83 ? 96  LEU A C   1 
ATOM   749  O O   . LEU A 1 96  ? -4.120  11.540  1.268   1.00 13.18 ? 96  LEU A O   1 
ATOM   750  C CB  . LEU A 1 96  ? -3.846  14.716  1.915   1.00 16.00 ? 96  LEU A CB  1 
ATOM   751  C CG  . LEU A 1 96  ? -3.105  15.985  2.350   1.00 18.66 ? 96  LEU A CG  1 
ATOM   752  C CD1 . LEU A 1 96  ? -3.605  17.162  1.521   1.00 20.09 ? 96  LEU A CD1 1 
ATOM   753  C CD2 . LEU A 1 96  ? -3.277  16.238  3.836   1.00 19.58 ? 96  LEU A CD2 1 
ATOM   754  N N   . VAL A 1 97  ? -5.493  12.140  2.912   1.00 11.72 ? 97  VAL A N   1 
ATOM   755  C CA  . VAL A 1 97  ? -6.498  11.131  2.577   1.00 11.84 ? 97  VAL A CA  1 
ATOM   756  C C   . VAL A 1 97  ? -7.452  11.732  1.553   1.00 11.04 ? 97  VAL A C   1 
ATOM   757  O O   . VAL A 1 97  ? -8.504  12.318  1.841   1.00 12.88 ? 97  VAL A O   1 
ATOM   758  C CB  . VAL A 1 97  ? -7.243  10.630  3.820   1.00 12.58 ? 97  VAL A CB  1 
ATOM   759  C CG1 . VAL A 1 97  ? -8.221  9.510   3.471   1.00 12.75 ? 97  VAL A CG1 1 
ATOM   760  C CG2 . VAL A 1 97  ? -6.266  10.143  4.873   1.00 14.36 ? 97  VAL A CG2 1 
ATOM   761  N N   . SER A 1 98  ? -7.112  11.561  0.280   1.00 9.82  ? 98  SER A N   1 
ATOM   762  C CA  . SER A 1 98  ? -7.845  12.124  -0.846  1.00 10.03 ? 98  SER A CA  1 
ATOM   763  C C   . SER A 1 98  ? -8.806  11.160  -1.516  1.00 9.86  ? 98  SER A C   1 
ATOM   764  O O   . SER A 1 98  ? -9.516  11.470  -2.479  1.00 10.33 ? 98  SER A O   1 
ATOM   765  C CB  . SER A 1 98  ? -6.862  12.666  -1.893  1.00 10.84 ? 98  SER A CB  1 
ATOM   766  O OG  . SER A 1 98  ? -5.870  11.710  -2.223  1.00 11.25 ? 98  SER A OG  1 
ATOM   767  N N   . TYR A 1 99  ? -8.789  9.903   -1.070  1.00 9.91  ? 99  TYR A N   1 
ATOM   768  C CA  . TYR A 1 99  ? -9.598  8.803   -1.574  1.00 9.63  ? 99  TYR A CA  1 
ATOM   769  C C   . TYR A 1 99  ? -9.947  7.797   -0.471  1.00 9.86  ? 99  TYR A C   1 
ATOM   770  O O   . TYR A 1 99  ? -9.110  7.539   0.408   1.00 10.41 ? 99  TYR A O   1 
ATOM   771  C CB  . TYR A 1 99  ? -8.845  8.077   -2.696  1.00 10.16 ? 99  TYR A CB  1 
ATOM   772  C CG  . TYR A 1 99  ? -9.523  6.867   -3.293  1.00 10.38 ? 99  TYR A CG  1 
ATOM   773  C CD1 . TYR A 1 99  ? -9.070  5.577   -3.047  1.00 11.06 ? 99  TYR A CD1 1 
ATOM   774  C CD2 . TYR A 1 99  ? -10.636 7.006   -4.115  1.00 11.16 ? 99  TYR A CD2 1 
ATOM   775  C CE1 . TYR A 1 99  ? -9.702  4.473   -3.580  1.00 12.04 ? 99  TYR A CE1 1 
ATOM   776  C CE2 . TYR A 1 99  ? -11.301 5.914   -4.620  1.00 12.27 ? 99  TYR A CE2 1 
ATOM   777  C CZ  . TYR A 1 99  ? -10.813 4.644   -4.368  1.00 11.58 ? 99  TYR A CZ  1 
ATOM   778  O OH  . TYR A 1 99  ? -11.460 3.555   -4.913  1.00 14.68 ? 99  TYR A OH  1 
ATOM   779  N N   . LYS A 1 100 ? -11.148 7.238   -0.493  1.00 9.55  ? 100 LYS A N   1 
ATOM   780  C CA  . LYS A 1 100 ? -11.517 6.178   0.455   1.00 10.60 ? 100 LYS A CA  1 
ATOM   781  C C   . LYS A 1 100 ? -12.292 5.092   -0.287  1.00 10.24 ? 100 LYS A C   1 
ATOM   782  O O   . LYS A 1 100 ? -12.997 5.338   -1.263  1.00 11.21 ? 100 LYS A O   1 
ATOM   783  C CB  . LYS A 1 100 ? -12.303 6.709   1.639   1.00 12.41 ? 100 LYS A CB  1 
ATOM   784  C CG  . LYS A 1 100 ? -13.682 7.262   1.325   1.00 14.32 ? 100 LYS A CG  1 
ATOM   785  C CD  . LYS A 1 100 ? -14.353 7.774   2.598   1.00 16.46 ? 100 LYS A CD  1 
ATOM   786  C CE  . LYS A 1 100 ? -15.733 8.331   2.304   1.00 17.96 ? 100 LYS A CE  1 
ATOM   787  N NZ  . LYS A 1 100 ? -15.650 9.597   1.521   1.00 18.98 ? 100 LYS A NZ  1 
ATOM   788  N N   . SER A 1 101 ? -12.167 3.856   0.209   1.00 9.27  ? 101 SER A N   1 
ATOM   789  C CA  . SER A 1 101 ? -12.860 2.722   -0.407  1.00 9.89  ? 101 SER A CA  1 
ATOM   790  C C   . SER A 1 101 ? -13.240 1.653   0.606   1.00 9.49  ? 101 SER A C   1 
ATOM   791  O O   . SER A 1 101 ? -12.868 0.483   0.459   1.00 10.12 ? 101 SER A O   1 
ATOM   792  C CB  . SER A 1 101 ? -11.955 2.154   -1.508  1.00 10.67 ? 101 SER A CB  1 
ATOM   793  O OG  . SER A 1 101 ? -12.706 1.303   -2.361  1.00 13.20 ? 101 SER A OG  1 
ATOM   794  N N   . TRP A 1 102 ? -13.948 2.027   1.655   1.00 9.97  ? 102 TRP A N   1 
ATOM   795  C CA  . TRP A 1 102 ? -14.351 1.098   2.706   1.00 9.59  ? 102 TRP A CA  1 
ATOM   796  C C   . TRP A 1 102 ? -15.330 0.051   2.199   1.00 10.44 ? 102 TRP A C   1 
ATOM   797  O O   . TRP A 1 102 ? -16.288 0.359   1.484   1.00 12.18 ? 102 TRP A O   1 
ATOM   798  C CB  . TRP A 1 102 ? -14.941 1.881   3.875   1.00 9.91  ? 102 TRP A CB  1 
ATOM   799  C CG  . TRP A 1 102 ? -13.976 2.786   4.569   1.00 10.50 ? 102 TRP A CG  1 
ATOM   800  C CD1 . TRP A 1 102 ? -14.005 4.159   4.570   1.00 11.29 ? 102 TRP A CD1 1 
ATOM   801  C CD2 . TRP A 1 102 ? -12.866 2.410   5.381   1.00 10.52 ? 102 TRP A CD2 1 
ATOM   802  N NE1 . TRP A 1 102 ? -12.984 4.641   5.341   1.00 12.52 ? 102 TRP A NE1 1 
ATOM   803  C CE2 . TRP A 1 102 ? -12.266 3.600   5.857   1.00 11.26 ? 102 TRP A CE2 1 
ATOM   804  C CE3 . TRP A 1 102 ? -12.322 1.181   5.795   1.00 10.06 ? 102 TRP A CE3 1 
ATOM   805  C CZ2 . TRP A 1 102 ? -11.155 3.587   6.689   1.00 11.61 ? 102 TRP A CZ2 1 
ATOM   806  C CZ3 . TRP A 1 102 ? -11.225 1.189   6.635   1.00 11.07 ? 102 TRP A CZ3 1 
ATOM   807  C CH2 . TRP A 1 102 ? -10.643 2.391   7.079   1.00 11.75 ? 102 TRP A CH2 1 
ATOM   808  N N   . GLY A 1 103 ? -15.141 -1.195  2.630   1.00 10.78 ? 103 GLY A N   1 
ATOM   809  C CA  . GLY A 1 103 ? -16.115 -2.264  2.353   1.00 12.24 ? 103 GLY A CA  1 
ATOM   810  C C   . GLY A 1 103 ? -17.314 -2.181  3.296   1.00 13.66 ? 103 GLY A C   1 
ATOM   811  O O   . GLY A 1 103 ? -17.374 -1.358  4.195   1.00 14.25 ? 103 GLY A O   1 
ATOM   812  N N   . ILE A 1 104 ? -18.285 -3.068  3.050   1.00 15.63 ? 104 ILE A N   1 
ATOM   813  C CA  . ILE A 1 104 ? -19.518 -3.129  3.833   1.00 18.71 ? 104 ILE A CA  1 
ATOM   814  C C   . ILE A 1 104 ? -19.226 -3.286  5.318   1.00 18.17 ? 104 ILE A C   1 
ATOM   815  O O   . ILE A 1 104 ? -18.457 -4.166  5.703   1.00 19.63 ? 104 ILE A O   1 
ATOM   816  C CB  . ILE A 1 104 ? -20.394 -4.304  3.326   1.00 20.16 ? 104 ILE A CB  1 
ATOM   817  C CG1 . ILE A 1 104 ? -20.857 -4.058  1.894   1.00 21.65 ? 104 ILE A CG1 1 
ATOM   818  C CG2 . ILE A 1 104 ? -21.576 -4.540  4.260   1.00 21.62 ? 104 ILE A CG2 1 
ATOM   819  C CD1 . ILE A 1 104 ? -21.417 -5.260  1.162   1.00 22.71 ? 104 ILE A CD1 1 
ATOM   820  N N   . GLY A 1 105 ? -19.755 -2.399  6.157   1.00 18.82 ? 105 GLY A N   1 
ATOM   821  C CA  . GLY A 1 105 ? -19.593 -2.478  7.596   1.00 19.35 ? 105 GLY A CA  1 
ATOM   822  C C   . GLY A 1 105 ? -18.283 -1.951  8.147   1.00 19.26 ? 105 GLY A C   1 
ATOM   823  O O   . GLY A 1 105 ? -17.982 -2.096  9.339   1.00 20.95 ? 105 GLY A O   1 
ATOM   824  N N   . ALA A 1 106 ? -17.458 -1.348  7.285   1.00 17.75 ? 106 ALA A N   1 
ATOM   825  C CA  . ALA A 1 106 ? -16.171 -0.804  7.681   1.00 15.57 ? 106 ALA A CA  1 
ATOM   826  C C   . ALA A 1 106 ? -16.094 0.692   7.672   1.00 15.09 ? 106 ALA A C   1 
ATOM   827  O O   . ALA A 1 106 ? -16.731 1.129   6.753   1.00 16.41 ? 106 ALA A O   1 
ATOM   828  C CB  . ALA A 1 106 ? -15.036 -1.419  6.851   1.00 15.00 ? 106 ALA A CB  1 
ATOM   829  N N   . PRO A 1 107 ? -15.288 1.307   8.507   1.00 15.20 ? 107 PRO A N   1 
ATOM   830  C CA  . PRO A 1 107 ? -14.632 0.876   9.692   1.00 16.84 ? 107 PRO A CA  1 
ATOM   831  C C   . PRO A 1 107 ? -15.586 0.491   10.825  1.00 18.29 ? 107 PRO A C   1 
ATOM   832  O O   . PRO A 1 107 ? -16.618 1.146   10.968  1.00 19.83 ? 107 PRO A O   1 
ATOM   833  C CB  . PRO A 1 107 ? -13.625 1.933   10.092  1.00 17.59 ? 107 PRO A CB  1 
ATOM   834  C CG  . PRO A 1 107 ? -14.116 3.186   9.477   1.00 17.47 ? 107 PRO A CG  1 
ATOM   835  C CD  . PRO A 1 107 ? -15.125 2.759   8.479   1.00 16.43 ? 107 PRO A CD  1 
ATOM   836  N N   . SER A 1 108 ? -15.278 -0.571  11.560  1.00 18.62 ? 108 SER A N   1 
ATOM   837  C CA  . SER A 1 108 ? -16.152 -1.049  12.630  1.00 21.09 ? 108 SER A CA  1 
ATOM   838  C C   . SER A 1 108 ? -16.045 -0.213  13.896  1.00 21.79 ? 108 SER A C   1 
ATOM   839  O O   . SER A 1 108 ? -14.958 0.243   14.260  1.00 21.67 ? 108 SER A O   1 
ATOM   840  C CB  . SER A 1 108 ? -15.821 -2.516  12.953  1.00 21.36 ? 108 SER A CB  1 
ATOM   841  O OG  . SER A 1 108 ? -16.751 -3.033  13.905  1.00 23.91 ? 108 SER A OG  1 
ATOM   842  N N   . SER A 1 109 ? -17.159 -0.053  14.606  1.00 24.29 ? 109 SER A N   1 
ATOM   843  C CA  . SER A 1 109 ? -17.168 0.655   15.879  1.00 26.63 ? 109 SER A CA  1 
ATOM   844  C C   . SER A 1 109 ? -17.321 -0.330  17.041  1.00 27.38 ? 109 SER A C   1 
ATOM   845  O O   . SER A 1 109 ? -16.973 -0.010  18.171  1.00 28.52 ? 109 SER A O   1 
ATOM   846  C CB  . SER A 1 109 ? -18.303 1.683   15.917  1.00 27.41 ? 109 SER A CB  1 
ATOM   847  O OG  . SER A 1 109 ? -19.560 1.040   15.820  1.00 29.56 ? 109 SER A OG  1 
ATOM   848  N N   . VAL A 1 110 ? -17.793 -1.531  16.755  1.00 28.68 ? 110 VAL A N   1 
ATOM   849  C CA  . VAL A 1 110 ? -18.097 -2.568  17.727  1.00 30.10 ? 110 VAL A CA  1 
ATOM   850  C C   . VAL A 1 110 ? -16.971 -3.522  18.058  1.00 30.36 ? 110 VAL A C   1 
ATOM   851  O O   . VAL A 1 110 ? -16.943 -4.219  19.085  1.00 30.97 ? 110 VAL A O   1 
ATOM   852  C CB  . VAL A 1 110 ? -19.366 -3.313  17.281  1.00 30.74 ? 110 VAL A CB  1 
ATOM   853  C CG1 . VAL A 1 110 ? -19.514 -4.745  17.711  1.00 31.71 ? 110 VAL A CG1 1 
ATOM   854  C CG2 . VAL A 1 110 ? -20.599 -2.493  17.598  1.00 31.37 ? 110 VAL A CG2 1 
ATOM   855  N N   . ASN A 1 111 ? -15.982 -3.604  17.187  1.00 28.97 ? 111 ASN A N   1 
ATOM   856  C CA  . ASN A 1 111 ? -14.791 -4.435  17.341  1.00 28.57 ? 111 ASN A CA  1 
ATOM   857  C C   . ASN A 1 111 ? -13.783 -3.779  16.401  1.00 25.78 ? 111 ASN A C   1 
ATOM   858  O O   . ASN A 1 111 ? -13.493 -4.300  15.327  1.00 25.69 ? 111 ASN A O   1 
ATOM   859  C CB  . ASN A 1 111 ? -15.080 -5.872  16.904  1.00 31.01 ? 111 ASN A CB  1 
ATOM   860  C CG  . ASN A 1 111 ? -14.282 -6.794  17.811  1.00 32.59 ? 111 ASN A CG  1 
ATOM   861  O OD1 . ASN A 1 111 ? -13.053 -6.783  17.748  1.00 34.23 ? 111 ASN A OD1 1 
ATOM   862  N ND2 . ASN A 1 111 ? -14.977 -7.531  18.662  1.00 33.89 ? 111 ASN A ND2 1 
ATOM   863  N N   . PRO A 1 112 ? -13.323 -2.603  16.802  1.00 23.02 ? 112 PRO A N   1 
ATOM   864  C CA  . PRO A 1 112 ? -12.430 -1.836  15.959  1.00 20.63 ? 112 PRO A CA  1 
ATOM   865  C C   . PRO A 1 112 ? -11.030 -2.339  15.705  1.00 18.28 ? 112 PRO A C   1 
ATOM   866  O O   . PRO A 1 112 ? -10.275 -2.710  16.588  1.00 18.55 ? 112 PRO A O   1 
ATOM   867  C CB  . PRO A 1 112 ? -12.348 -0.468  16.654  1.00 20.93 ? 112 PRO A CB  1 
ATOM   868  C CG  . PRO A 1 112 ? -12.607 -0.785  18.089  1.00 22.62 ? 112 PRO A CG  1 
ATOM   869  C CD  . PRO A 1 112 ? -13.640 -1.880  18.054  1.00 22.95 ? 112 PRO A CD  1 
ATOM   870  N N   . GLY A 1 113 ? -10.672 -2.290  14.415  1.00 15.41 ? 113 GLY A N   1 
ATOM   871  C CA  . GLY A 1 113 ? -9.306  -2.576  13.971  1.00 13.54 ? 113 GLY A CA  1 
ATOM   872  C C   . GLY A 1 113 ? -8.615  -1.223  13.736  1.00 12.13 ? 113 GLY A C   1 
ATOM   873  O O   . GLY A 1 113 ? -9.301  -0.252  13.416  1.00 13.04 ? 113 GLY A O   1 
ATOM   874  N N   . TYR A 1 114 ? -7.303  -1.179  13.880  1.00 11.56 ? 114 TYR A N   1 
ATOM   875  C CA  . TYR A 1 114 ? -6.546  0.071   13.767  1.00 11.09 ? 114 TYR A CA  1 
ATOM   876  C C   . TYR A 1 114 ? -5.611  0.125   12.571  1.00 10.19 ? 114 TYR A C   1 
ATOM   877  O O   . TYR A 1 114 ? -4.909  1.137   12.373  1.00 10.67 ? 114 TYR A O   1 
ATOM   878  C CB  . TYR A 1 114 ? -5.843  0.396   15.104  1.00 12.76 ? 114 TYR A CB  1 
ATOM   879  C CG  . TYR A 1 114 ? -6.831  0.489   16.262  1.00 14.58 ? 114 TYR A CG  1 
ATOM   880  C CD1 . TYR A 1 114 ? -6.843  -0.470  17.271  1.00 17.04 ? 114 TYR A CD1 1 
ATOM   881  C CD2 . TYR A 1 114 ? -7.773  1.505   16.321  1.00 14.87 ? 114 TYR A CD2 1 
ATOM   882  C CE1 . TYR A 1 114 ? -7.749  -0.397  18.314  1.00 18.55 ? 114 TYR A CE1 1 
ATOM   883  C CE2 . TYR A 1 114 ? -8.692  1.579   17.360  1.00 16.73 ? 114 TYR A CE2 1 
ATOM   884  C CZ  . TYR A 1 114 ? -8.672  0.621   18.346  1.00 18.24 ? 114 TYR A CZ  1 
ATOM   885  O OH  . TYR A 1 114 ? -9.590  0.706   19.376  1.00 21.29 ? 114 TYR A OH  1 
ATOM   886  N N   . CYS A 1 115 ? -5.530  -0.904  11.740  1.00 9.71  ? 115 CYS A N   1 
ATOM   887  C CA  . CYS A 1 115 ? -4.713  -0.983  10.533  1.00 9.11  ? 115 CYS A CA  1 
ATOM   888  C C   . CYS A 1 115 ? -5.619  -1.472  9.414   1.00 8.55  ? 115 CYS A C   1 
ATOM   889  O O   . CYS A 1 115 ? -6.687  -2.052  9.692   1.00 11.38 ? 115 CYS A O   1 
ATOM   890  C CB  . CYS A 1 115 ? -3.503  -1.892  10.707  1.00 9.16  ? 115 CYS A CB  1 
ATOM   891  S SG  . CYS A 1 115 ? -2.194  -1.166  11.739  1.00 10.10 ? 115 CYS A SG  1 
ATOM   892  N N   . VAL A 1 116 ? -5.308  -1.210  8.150   1.00 8.13  ? 116 VAL A N   1 
ATOM   893  C CA  . VAL A 1 116 ? -6.183  -1.503  7.027   1.00 8.29  ? 116 VAL A CA  1 
ATOM   894  C C   . VAL A 1 116 ? -5.609  -2.456  5.986   1.00 7.66  ? 116 VAL A C   1 
ATOM   895  O O   . VAL A 1 116 ? -4.445  -2.344  5.572   1.00 8.30  ? 116 VAL A O   1 
ATOM   896  C CB  . VAL A 1 116 ? -6.579  -0.170  6.343   1.00 8.65  ? 116 VAL A CB  1 
ATOM   897  C CG1 . VAL A 1 116 ? -7.536  -0.396  5.174   1.00 10.22 ? 116 VAL A CG1 1 
ATOM   898  C CG2 . VAL A 1 116 ? -7.220  0.774   7.351   1.00 10.26 ? 116 VAL A CG2 1 
ATOM   899  N N   . SER A 1 117 ? -6.458  -3.410  5.570   1.00 7.93  ? 117 SER A N   1 
ATOM   900  C CA  . SER A 1 117 ? -6.099  -4.345  4.505   1.00 8.63  ? 117 SER A CA  1 
ATOM   901  C C   . SER A 1 117 ? -7.077  -4.282  3.341   1.00 7.85  ? 117 SER A C   1 
ATOM   902  O O   . SER A 1 117 ? -8.261  -3.934  3.492   1.00 9.89  ? 117 SER A O   1 
ATOM   903  C CB  . SER A 1 117 ? -6.066  -5.770  5.057   1.00 10.65 ? 117 SER A CB  1 
ATOM   904  O OG  . SER A 1 117 ? -7.337  -6.199  5.495   1.00 13.44 ? 117 SER A OG  1 
ATOM   905  N N   . LEU A 1 118 ? -6.620  -4.708  2.166   1.00 7.54  ? 118 LEU A N   1 
ATOM   906  C CA  . LEU A 1 118 ? -7.434  -4.970  0.985   1.00 7.89  ? 118 LEU A CA  1 
ATOM   907  C C   . LEU A 1 118 ? -7.963  -6.415  1.026   1.00 7.77  ? 118 LEU A C   1 
ATOM   908  O O   . LEU A 1 118 ? -7.212  -7.318  1.421   1.00 9.34  ? 118 LEU A O   1 
ATOM   909  C CB  . LEU A 1 118 ? -6.616  -4.821  -0.289  1.00 8.20  ? 118 LEU A CB  1 
ATOM   910  C CG  . LEU A 1 118 ? -5.963  -3.461  -0.542  1.00 9.27  ? 118 LEU A CG  1 
ATOM   911  C CD1 . LEU A 1 118 ? -4.964  -3.544  -1.694  1.00 10.62 ? 118 LEU A CD1 1 
ATOM   912  C CD2 . LEU A 1 118 ? -7.000  -2.387  -0.808  1.00 11.56 ? 118 LEU A CD2 1 
ATOM   913  N N   . THR A 1 119 ? -9.189  -6.638  0.602   1.00 8.60  ? 119 THR A N   1 
ATOM   914  C CA  . THR A 1 119 ? -9.799  -7.965  0.714   1.00 9.99  ? 119 THR A CA  1 
ATOM   915  C C   . THR A 1 119 ? -9.952  -8.644  -0.644  1.00 8.78  ? 119 THR A C   1 
ATOM   916  O O   . THR A 1 119 ? -10.401 -8.064  -1.636  1.00 9.83  ? 119 THR A O   1 
ATOM   917  C CB  . THR A 1 119 ? -11.160 -7.875  1.441   1.00 10.73 ? 119 THR A CB  1 
ATOM   918  O OG1 . THR A 1 119 ? -12.039 -7.036  0.696   1.00 12.65 ? 119 THR A OG1 1 
ATOM   919  C CG2 . THR A 1 119 ? -11.020 -7.321  2.852   1.00 12.69 ? 119 THR A CG2 1 
ATOM   920  N N   . SER A 1 120 ? -9.615  -9.942  -0.678  1.00 9.29  ? 120 SER A N   1 
ATOM   921  C CA  . SER A 1 120 ? -9.785  -10.730 -1.898  1.00 10.51 ? 120 SER A CA  1 
ATOM   922  C C   . SER A 1 120 ? -11.230 -10.910 -2.345  1.00 11.33 ? 120 SER A C   1 
ATOM   923  O O   . SER A 1 120 ? -11.483 -10.961 -3.553  1.00 12.72 ? 120 SER A O   1 
ATOM   924  C CB  . SER A 1 120 ? -9.137  -12.108 -1.764  1.00 11.77 ? 120 SER A CB  1 
ATOM   925  O OG  . SER A 1 120 ? -9.795  -12.938 -0.838  1.00 14.13 ? 120 SER A OG  1 
ATOM   926  N N   . SER A 1 121 ? -12.184 -10.883 -1.419  1.00 11.73 ? 121 SER A N   1 
ATOM   927  C CA  . SER A 1 121 ? -13.597 -11.056 -1.762  1.00 13.47 ? 121 SER A CA  1 
ATOM   928  C C   . SER A 1 121 ? -14.133 -9.906  -2.604  1.00 14.44 ? 121 SER A C   1 
ATOM   929  O O   . SER A 1 121 ? -15.179 -10.017 -3.249  1.00 17.61 ? 121 SER A O   1 
ATOM   930  C CB  A SER A 1 121 ? -14.470 -11.311 -0.541  0.47 14.65 ? 121 SER A CB  1 
ATOM   931  C CB  B SER A 1 121 ? -14.460 -11.099 -0.492  0.53 14.03 ? 121 SER A CB  1 
ATOM   932  O OG  A SER A 1 121 ? -14.358 -10.308 0.441   0.47 16.06 ? 121 SER A OG  1 
ATOM   933  O OG  B SER A 1 121 ? -14.066 -12.151 0.363   0.53 14.15 ? 121 SER A OG  1 
ATOM   934  N N   . THR A 1 122 ? -13.497 -8.743  -2.546  1.00 12.86 ? 122 THR A N   1 
ATOM   935  C CA  . THR A 1 122 ? -13.863 -7.565  -3.306  1.00 13.21 ? 122 THR A CA  1 
ATOM   936  C C   . THR A 1 122 ? -12.925 -7.306  -4.473  1.00 12.72 ? 122 THR A C   1 
ATOM   937  O O   . THR A 1 122 ? -12.883 -6.192  -5.024  1.00 14.59 ? 122 THR A O   1 
ATOM   938  C CB  . THR A 1 122 ? -13.918 -6.301  -2.418  1.00 12.35 ? 122 THR A CB  1 
ATOM   939  O OG1 . THR A 1 122 ? -12.593 -5.961  -1.975  1.00 12.35 ? 122 THR A OG1 1 
ATOM   940  C CG2 . THR A 1 122 ? -14.849 -6.523  -1.237  1.00 13.73 ? 122 THR A CG2 1 
ATOM   941  N N   . GLY A 1 123 ? -12.116 -8.290  -4.867  1.00 12.02 ? 123 GLY A N   1 
ATOM   942  C CA  . GLY A 1 123 ? -11.150 -8.131  -5.943  1.00 12.57 ? 123 GLY A CA  1 
ATOM   943  C C   . GLY A 1 123 ? -10.014 -7.198  -5.553  1.00 10.69 ? 123 GLY A C   1 
ATOM   944  O O   . GLY A 1 123 ? -9.381  -6.586  -6.421  1.00 11.78 ? 123 GLY A O   1 
ATOM   945  N N   . PHE A 1 124 ? -9.725  -7.046  -4.262  1.00 9.64  ? 124 PHE A N   1 
ATOM   946  C CA  . PHE A 1 124 ? -8.688  -6.179  -3.719  1.00 9.14  ? 124 PHE A CA  1 
ATOM   947  C C   . PHE A 1 124 ? -9.012  -4.708  -3.991  1.00 9.82  ? 124 PHE A C   1 
ATOM   948  O O   . PHE A 1 124 ? -8.073  -3.885  -4.002  1.00 11.15 ? 124 PHE A O   1 
ATOM   949  C CB  . PHE A 1 124 ? -7.284  -6.575  -4.170  1.00 9.75  ? 124 PHE A CB  1 
ATOM   950  C CG  . PHE A 1 124 ? -6.917  -7.994  -3.819  1.00 10.18 ? 124 PHE A CG  1 
ATOM   951  C CD1 . PHE A 1 124 ? -6.878  -8.965  -4.809  1.00 10.59 ? 124 PHE A CD1 1 
ATOM   952  C CD2 . PHE A 1 124 ? -6.614  -8.376  -2.530  1.00 10.45 ? 124 PHE A CD2 1 
ATOM   953  C CE1 . PHE A 1 124 ? -6.561  -10.279 -4.513  1.00 12.28 ? 124 PHE A CE1 1 
ATOM   954  C CE2 . PHE A 1 124 ? -6.303  -9.695  -2.229  1.00 11.28 ? 124 PHE A CE2 1 
ATOM   955  C CZ  . PHE A 1 124 ? -6.266  -10.645 -3.229  1.00 11.91 ? 124 PHE A CZ  1 
ATOM   956  N N   . GLN A 1 125 ? -10.271 -4.333  -4.100  1.00 10.32 ? 125 GLN A N   1 
ATOM   957  C CA  . GLN A 1 125 ? -10.663 -2.956  -4.326  1.00 11.18 ? 125 GLN A CA  1 
ATOM   958  C C   . GLN A 1 125 ? -11.239 -2.283  -3.090  1.00 10.90 ? 125 GLN A C   1 
ATOM   959  O O   . GLN A 1 125 ? -11.302 -1.039  -3.106  1.00 12.53 ? 125 GLN A O   1 
ATOM   960  C CB  . GLN A 1 125 ? -11.714 -2.886  -5.447  1.00 14.66 ? 125 GLN A CB  1 
ATOM   961  C CG  . GLN A 1 125 ? -11.165 -3.243  -6.819  1.00 19.79 ? 125 GLN A CG  1 
ATOM   962  C CD  . GLN A 1 125 ? -12.205 -3.008  -7.899  1.00 22.57 ? 125 GLN A CD  1 
ATOM   963  O OE1 . GLN A 1 125 ? -12.874 -1.972  -7.916  1.00 24.90 ? 125 GLN A OE1 1 
ATOM   964  N NE2 . GLN A 1 125 ? -12.374 -3.983  -8.784  1.00 24.44 ? 125 GLN A NE2 1 
ATOM   965  N N   . LYS A 1 126 ? -11.685 -3.021  -2.090  1.00 10.05 ? 126 LYS A N   1 
ATOM   966  C CA  . LYS A 1 126 ? -12.275 -2.443  -0.887  1.00 10.31 ? 126 LYS A CA  1 
ATOM   967  C C   . LYS A 1 126 ? -11.452 -2.767  0.355   1.00 8.91  ? 126 LYS A C   1 
ATOM   968  O O   . LYS A 1 126 ? -10.647 -3.694  0.372   1.00 10.82 ? 126 LYS A O   1 
ATOM   969  C CB  . LYS A 1 126 ? -13.720 -2.880  -0.684  1.00 12.90 ? 126 LYS A CB  1 
ATOM   970  C CG  . LYS A 1 126 ? -14.693 -2.623  -1.819  1.00 17.81 ? 126 LYS A CG  1 
ATOM   971  C CD  . LYS A 1 126 ? -15.199 -1.200  -1.837  1.00 20.45 ? 126 LYS A CD  1 
ATOM   972  C CE  . LYS A 1 126 ? -16.264 -0.968  -2.900  1.00 22.87 ? 126 LYS A CE  1 
ATOM   973  N NZ  . LYS A 1 126 ? -16.462 0.493   -3.123  1.00 24.97 ? 126 LYS A NZ  1 
ATOM   974  N N   . TRP A 1 127 ? -11.614 -1.959  1.387   1.00 8.29  ? 127 TRP A N   1 
ATOM   975  C CA  . TRP A 1 127 ? -10.821 -1.924  2.589   1.00 8.64  ? 127 TRP A CA  1 
ATOM   976  C C   . TRP A 1 127 ? -11.538 -2.449  3.828   1.00 8.54  ? 127 TRP A C   1 
ATOM   977  O O   . TRP A 1 127 ? -12.740 -2.229  3.996   1.00 9.75  ? 127 TRP A O   1 
ATOM   978  C CB  . TRP A 1 127 ? -10.441 -0.467  2.876   1.00 9.00  ? 127 TRP A CB  1 
ATOM   979  C CG  . TRP A 1 127 ? -9.725  0.296   1.806   1.00 8.87  ? 127 TRP A CG  1 
ATOM   980  C CD1 . TRP A 1 127 ? -9.212  -0.159  0.636   1.00 9.19  ? 127 TRP A CD1 1 
ATOM   981  C CD2 . TRP A 1 127 ? -9.433  1.710   1.824   1.00 9.61  ? 127 TRP A CD2 1 
ATOM   982  N NE1 . TRP A 1 127 ? -8.617  0.855   -0.092  1.00 9.94  ? 127 TRP A NE1 1 
ATOM   983  C CE2 . TRP A 1 127 ? -8.748  2.007   0.631   1.00 10.22 ? 127 TRP A CE2 1 
ATOM   984  C CE3 . TRP A 1 127 ? -9.696  2.723   2.745   1.00 11.15 ? 127 TRP A CE3 1 
ATOM   985  C CZ2 . TRP A 1 127 ? -8.315  3.310   0.347   1.00 11.36 ? 127 TRP A CZ2 1 
ATOM   986  C CZ3 . TRP A 1 127 ? -9.267  4.011   2.451   1.00 12.30 ? 127 TRP A CZ3 1 
ATOM   987  C CH2 . TRP A 1 127 ? -8.588  4.277   1.262   1.00 12.05 ? 127 TRP A CH2 1 
ATOM   988  N N   . LYS A 1 128 ? -10.789 -3.072  4.726   1.00 8.39  ? 128 LYS A N   1 
ATOM   989  C CA  . LYS A 1 128 ? -11.303 -3.529  6.017   1.00 9.87  ? 128 LYS A CA  1 
ATOM   990  C C   . LYS A 1 128 ? -10.318 -3.157  7.113   1.00 9.27  ? 128 LYS A C   1 
ATOM   991  O O   . LYS A 1 128 ? -9.114  -3.291  6.942   1.00 10.13 ? 128 LYS A O   1 
ATOM   992  C CB  . LYS A 1 128 ? -11.475 -5.045  5.961   1.00 13.57 ? 128 LYS A CB  1 
ATOM   993  C CG  . LYS A 1 128 ? -11.907 -5.800  7.195   1.00 15.98 ? 128 LYS A CG  1 
ATOM   994  C CD  . LYS A 1 128 ? -12.250 -7.219  6.776   1.00 19.10 ? 128 LYS A CD  1 
ATOM   995  C CE  . LYS A 1 128 ? -11.082 -8.183  6.804   1.00 20.93 ? 128 LYS A CE  1 
ATOM   996  N NZ  . LYS A 1 128 ? -11.634 -9.580  6.794   1.00 22.82 ? 128 LYS A NZ  1 
ATOM   997  N N   . ASP A 1 129 ? -10.828 -2.713  8.262   1.00 9.31  ? 129 ASP A N   1 
ATOM   998  C CA  . ASP A 1 129 ? -10.037 -2.462  9.458   1.00 9.80  ? 129 ASP A CA  1 
ATOM   999  C C   . ASP A 1 129 ? -9.800  -3.752  10.236  1.00 10.41 ? 129 ASP A C   1 
ATOM   1000 O O   . ASP A 1 129 ? -10.775 -4.479  10.480  1.00 12.14 ? 129 ASP A O   1 
ATOM   1001 C CB  . ASP A 1 129 ? -10.694 -1.423  10.376  1.00 11.59 ? 129 ASP A CB  1 
ATOM   1002 C CG  . ASP A 1 129 ? -12.106 -1.727  10.824  1.00 12.72 ? 129 ASP A CG  1 
ATOM   1003 O OD1 . ASP A 1 129 ? -12.941 -2.025  9.956   1.00 13.46 ? 129 ASP A OD1 1 
ATOM   1004 O OD2 . ASP A 1 129 ? -12.395 -1.660  12.046  1.00 15.49 ? 129 ASP A OD2 1 
ATOM   1005 N N   . VAL A 1 130 ? -8.588  -4.056  10.614  1.00 9.45  ? 130 VAL A N   1 
ATOM   1006 C CA  . VAL A 1 130 ? -8.195  -5.290  11.296  1.00 10.99 ? 130 VAL A CA  1 
ATOM   1007 C C   . VAL A 1 130 ? -7.129  -5.000  12.342  1.00 11.58 ? 130 VAL A C   1 
ATOM   1008 O O   . VAL A 1 130 ? -6.519  -3.922  12.327  1.00 11.86 ? 130 VAL A O   1 
ATOM   1009 C CB  . VAL A 1 130 ? -7.616  -6.307  10.282  1.00 12.51 ? 130 VAL A CB  1 
ATOM   1010 C CG1 . VAL A 1 130 ? -8.648  -6.912  9.350   1.00 15.75 ? 130 VAL A CG1 1 
ATOM   1011 C CG2 . VAL A 1 130 ? -6.510  -5.658  9.453   1.00 14.76 ? 130 VAL A CG2 1 
ATOM   1012 N N   . PRO A 1 131 ? -6.834  -5.927  13.247  1.00 11.63 ? 131 PRO A N   1 
ATOM   1013 C CA  . PRO A 1 131 ? -5.792  -5.735  14.238  1.00 12.01 ? 131 PRO A CA  1 
ATOM   1014 C C   . PRO A 1 131 ? -4.436  -5.573  13.570  1.00 10.81 ? 131 PRO A C   1 
ATOM   1015 O O   . PRO A 1 131 ? -4.038  -6.341  12.676  1.00 11.48 ? 131 PRO A O   1 
ATOM   1016 C CB  . PRO A 1 131 ? -5.841  -7.018  15.069  1.00 13.35 ? 131 PRO A CB  1 
ATOM   1017 C CG  . PRO A 1 131 ? -7.225  -7.537  14.885  1.00 14.82 ? 131 PRO A CG  1 
ATOM   1018 C CD  . PRO A 1 131 ? -7.584  -7.199  13.452  1.00 13.62 ? 131 PRO A CD  1 
ATOM   1019 N N   . CYS A 1 132 ? -3.625  -4.629  14.024  1.00 10.40 ? 132 CYS A N   1 
ATOM   1020 C CA  . CYS A 1 132 ? -2.310  -4.344  13.471  1.00 10.96 ? 132 CYS A CA  1 
ATOM   1021 C C   . CYS A 1 132 ? -1.297  -5.461  13.671  1.00 11.63 ? 132 CYS A C   1 
ATOM   1022 O O   . CYS A 1 132 ? -0.274  -5.509  12.971  1.00 12.01 ? 132 CYS A O   1 
ATOM   1023 C CB  . CYS A 1 132 ? -1.758  -3.042  14.073  1.00 11.65 ? 132 CYS A CB  1 
ATOM   1024 S SG  . CYS A 1 132 ? -2.711  -1.558  13.661  1.00 11.50 ? 132 CYS A SG  1 
ATOM   1025 N N   . GLU A 1 133 ? -1.538  -6.364  14.612  1.00 12.96 ? 133 GLU A N   1 
ATOM   1026 C CA  . GLU A 1 133 ? -0.678  -7.488  14.916  1.00 14.85 ? 133 GLU A CA  1 
ATOM   1027 C C   . GLU A 1 133 ? -0.922  -8.698  14.027  1.00 14.00 ? 133 GLU A C   1 
ATOM   1028 O O   . GLU A 1 133 ? -0.170  -9.680  14.122  1.00 15.25 ? 133 GLU A O   1 
ATOM   1029 C CB  . GLU A 1 133 ? -0.818  -7.879  16.398  1.00 18.24 ? 133 GLU A CB  1 
ATOM   1030 C CG  . GLU A 1 133 ? -0.496  -6.756  17.364  1.00 22.99 ? 133 GLU A CG  1 
ATOM   1031 C CD  . GLU A 1 133 ? -1.683  -5.886  17.719  1.00 25.01 ? 133 GLU A CD  1 
ATOM   1032 O OE1 . GLU A 1 133 ? -2.817  -6.042  17.217  1.00 25.41 ? 133 GLU A OE1 1 
ATOM   1033 O OE2 . GLU A 1 133 ? -1.467  -4.957  18.534  1.00 28.41 ? 133 GLU A OE2 1 
ATOM   1034 N N   . ASP A 1 134 ? -1.932  -8.664  13.160  1.00 13.61 ? 134 ASP A N   1 
ATOM   1035 C CA  . ASP A 1 134 ? -2.116  -9.727  12.175  1.00 13.85 ? 134 ASP A CA  1 
ATOM   1036 C C   . ASP A 1 134 ? -0.916  -9.784  11.229  1.00 12.88 ? 134 ASP A C   1 
ATOM   1037 O O   . ASP A 1 134 ? -0.211  -8.780  11.054  1.00 13.60 ? 134 ASP A O   1 
ATOM   1038 C CB  . ASP A 1 134 ? -3.392  -9.535  11.362  1.00 14.93 ? 134 ASP A CB  1 
ATOM   1039 C CG  . ASP A 1 134 ? -4.677  -9.894  12.077  1.00 17.08 ? 134 ASP A CG  1 
ATOM   1040 O OD1 . ASP A 1 134 ? -4.631  -10.361 13.228  1.00 19.04 ? 134 ASP A OD1 1 
ATOM   1041 O OD2 . ASP A 1 134 ? -5.728  -9.692  11.426  1.00 18.81 ? 134 ASP A OD2 1 
ATOM   1042 N N   . LYS A 1 135 ? -0.639  -10.946 10.655  1.00 12.49 ? 135 LYS A N   1 
ATOM   1043 C CA  . LYS A 1 135 ? 0.497   -11.150 9.756   1.00 12.17 ? 135 LYS A CA  1 
ATOM   1044 C C   . LYS A 1 135 ? 0.035   -11.421 8.339   1.00 11.19 ? 135 LYS A C   1 
ATOM   1045 O O   . LYS A 1 135 ? -0.528  -12.485 8.025   1.00 12.16 ? 135 LYS A O   1 
ATOM   1046 C CB  . LYS A 1 135 ? 1.414   -12.268 10.292  1.00 14.85 ? 135 LYS A CB  1 
ATOM   1047 C CG  . LYS A 1 135 ? 2.049   -11.894 11.626  1.00 18.62 ? 135 LYS A CG  1 
ATOM   1048 C CD  . LYS A 1 135 ? 2.687   -13.052 12.366  1.00 21.69 ? 135 LYS A CD  1 
ATOM   1049 C CE  . LYS A 1 135 ? 3.032   -12.637 13.794  1.00 23.37 ? 135 LYS A CE  1 
ATOM   1050 N NZ  . LYS A 1 135 ? 3.806   -13.682 14.510  1.00 25.68 ? 135 LYS A NZ  1 
ATOM   1051 N N   . PHE A 1 136 ? 0.164   -10.420 7.470   1.00 9.89  ? 136 PHE A N   1 
ATOM   1052 C CA  . PHE A 1 136 ? -0.293  -10.444 6.095   1.00 9.28  ? 136 PHE A CA  1 
ATOM   1053 C C   . PHE A 1 136 ? 0.806   -10.042 5.109   1.00 7.87  ? 136 PHE A C   1 
ATOM   1054 O O   . PHE A 1 136 ? 1.820   -9.428  5.455   1.00 9.06  ? 136 PHE A O   1 
ATOM   1055 C CB  . PHE A 1 136 ? -1.455  -9.437  5.915   1.00 9.82  ? 136 PHE A CB  1 
ATOM   1056 C CG  . PHE A 1 136 ? -2.722  -9.683  6.674   1.00 10.36 ? 136 PHE A CG  1 
ATOM   1057 C CD1 . PHE A 1 136 ? -3.200  -10.957 6.946   1.00 11.45 ? 136 PHE A CD1 1 
ATOM   1058 C CD2 . PHE A 1 136 ? -3.497  -8.609  7.098   1.00 11.64 ? 136 PHE A CD2 1 
ATOM   1059 C CE1 . PHE A 1 136 ? -4.373  -11.159 7.643   1.00 13.14 ? 136 PHE A CE1 1 
ATOM   1060 C CE2 . PHE A 1 136 ? -4.686  -8.814  7.780   1.00 12.99 ? 136 PHE A CE2 1 
ATOM   1061 C CZ  . PHE A 1 136 ? -5.130  -10.089 8.054   1.00 13.53 ? 136 PHE A CZ  1 
ATOM   1062 N N   . SER A 1 137 ? 0.578   -10.384 3.831   1.00 7.94  ? 137 SER A N   1 
ATOM   1063 C CA  . SER A 1 137 ? 1.399   -9.909  2.719   1.00 7.83  ? 137 SER A CA  1 
ATOM   1064 C C   . SER A 1 137 ? 1.120   -8.413  2.513   1.00 7.08  ? 137 SER A C   1 
ATOM   1065 O O   . SER A 1 137 ? 0.233   -7.836  3.175   1.00 8.11  ? 137 SER A O   1 
ATOM   1066 C CB  . SER A 1 137 ? 1.067   -10.702 1.468   1.00 7.76  ? 137 SER A CB  1 
ATOM   1067 O OG  . SER A 1 137 ? -0.330  -10.631 1.221   1.00 9.91  ? 137 SER A OG  1 
ATOM   1068 N N   . PHE A 1 138 ? 1.856   -7.740  1.640   1.00 6.90  ? 138 PHE A N   1 
ATOM   1069 C CA  . PHE A 1 138 ? 1.797   -6.274  1.557   1.00 7.26  ? 138 PHE A CA  1 
ATOM   1070 C C   . PHE A 1 138 ? 2.286   -5.719  0.243   1.00 7.98  ? 138 PHE A C   1 
ATOM   1071 O O   . PHE A 1 138 ? 2.991   -6.391  -0.532  1.00 8.71  ? 138 PHE A O   1 
ATOM   1072 C CB  . PHE A 1 138 ? 2.625   -5.671  2.720   1.00 8.28  ? 138 PHE A CB  1 
ATOM   1073 C CG  . PHE A 1 138 ? 4.051   -6.111  2.852   1.00 9.13  ? 138 PHE A CG  1 
ATOM   1074 C CD1 . PHE A 1 138 ? 5.091   -5.353  2.338   1.00 9.89  ? 138 PHE A CD1 1 
ATOM   1075 C CD2 . PHE A 1 138 ? 4.375   -7.266  3.558   1.00 9.64  ? 138 PHE A CD2 1 
ATOM   1076 C CE1 . PHE A 1 138 ? 6.406   -5.724  2.526   1.00 10.60 ? 138 PHE A CE1 1 
ATOM   1077 C CE2 . PHE A 1 138 ? 5.690   -7.628  3.741   1.00 10.32 ? 138 PHE A CE2 1 
ATOM   1078 C CZ  . PHE A 1 138 ? 6.714   -6.870  3.230   1.00 11.01 ? 138 PHE A CZ  1 
ATOM   1079 N N   . VAL A 1 139 ? 1.922   -4.477  -0.059  1.00 7.27  ? 139 VAL A N   1 
ATOM   1080 C CA  . VAL A 1 139 ? 2.367   -3.764  -1.250  1.00 7.32  ? 139 VAL A CA  1 
ATOM   1081 C C   . VAL A 1 139 ? 3.175   -2.530  -0.817  1.00 6.94  ? 139 VAL A C   1 
ATOM   1082 O O   . VAL A 1 139 ? 2.717   -1.759  0.029   1.00 8.53  ? 139 VAL A O   1 
ATOM   1083 C CB  . VAL A 1 139 ? 1.211   -3.304  -2.156  1.00 8.12  ? 139 VAL A CB  1 
ATOM   1084 C CG1 . VAL A 1 139 ? 1.679   -2.469  -3.346  1.00 9.56  ? 139 VAL A CG1 1 
ATOM   1085 C CG2 . VAL A 1 139 ? 0.395   -4.486  -2.674  1.00 10.29 ? 139 VAL A CG2 1 
ATOM   1086 N N   . CYS A 1 140 ? 4.344   -2.323  -1.415  1.00 7.24  ? 140 CYS A N   1 
ATOM   1087 C CA  . CYS A 1 140 ? 5.185   -1.150  -1.209  1.00 8.17  ? 140 CYS A CA  1 
ATOM   1088 C C   . CYS A 1 140 ? 5.145   -0.200  -2.414  1.00 8.20  ? 140 CYS A C   1 
ATOM   1089 O O   . CYS A 1 140 ? 4.917   -0.611  -3.541  1.00 9.79  ? 140 CYS A O   1 
ATOM   1090 C CB  . CYS A 1 140 ? 6.653   -1.519  -0.952  1.00 9.33  ? 140 CYS A CB  1 
ATOM   1091 S SG  . CYS A 1 140 ? 7.036   -2.620  0.423   1.00 9.77  ? 140 CYS A SG  1 
ATOM   1092 N N   . LYS A 1 141 ? 5.382   1.081   -2.146  1.00 8.15  ? 141 LYS A N   1 
ATOM   1093 C CA  . LYS A 1 141 ? 5.427   2.159   -3.132  1.00 8.66  ? 141 LYS A CA  1 
ATOM   1094 C C   . LYS A 1 141 ? 6.661   3.026   -2.875  1.00 9.59  ? 141 LYS A C   1 
ATOM   1095 O O   . LYS A 1 141 ? 6.888   3.414   -1.726  1.00 10.51 ? 141 LYS A O   1 
ATOM   1096 C CB  . LYS A 1 141 ? 4.142   2.999   -3.038  1.00 9.60  ? 141 LYS A CB  1 
ATOM   1097 C CG  . LYS A 1 141 ? 4.043   4.265   -3.885  1.00 10.70 ? 141 LYS A CG  1 
ATOM   1098 C CD  . LYS A 1 141 ? 2.728   4.990   -3.638  1.00 11.25 ? 141 LYS A CD  1 
ATOM   1099 C CE  . LYS A 1 141 ? 2.592   6.312   -4.367  1.00 11.81 ? 141 LYS A CE  1 
ATOM   1100 N NZ  . LYS A 1 141 ? 1.252   6.926   -4.067  1.00 12.34 ? 141 LYS A NZ  1 
ATOM   1101 N N   . PHE A 1 142 ? 7.451   3.324   -3.902  1.00 9.49  ? 142 PHE A N   1 
ATOM   1102 C CA  . PHE A 1 142 ? 8.637   4.169   -3.725  1.00 11.11 ? 142 PHE A CA  1 
ATOM   1103 C C   . PHE A 1 142 ? 8.840   5.038   -4.965  1.00 11.97 ? 142 PHE A C   1 
ATOM   1104 O O   . PHE A 1 142 ? 8.493   4.689   -6.082  1.00 11.61 ? 142 PHE A O   1 
ATOM   1105 C CB  . PHE A 1 142 ? 9.881   3.361   -3.394  1.00 11.36 ? 142 PHE A CB  1 
ATOM   1106 C CG  . PHE A 1 142 ? 10.434  2.443   -4.437  1.00 12.33 ? 142 PHE A CG  1 
ATOM   1107 C CD1 . PHE A 1 142 ? 11.387  2.877   -5.352  1.00 12.82 ? 142 PHE A CD1 1 
ATOM   1108 C CD2 . PHE A 1 142 ? 10.028  1.123   -4.505  1.00 13.63 ? 142 PHE A CD2 1 
ATOM   1109 C CE1 . PHE A 1 142 ? 11.902  2.019   -6.302  1.00 13.69 ? 142 PHE A CE1 1 
ATOM   1110 C CE2 . PHE A 1 142 ? 10.539  0.263   -5.454  1.00 14.39 ? 142 PHE A CE2 1 
ATOM   1111 C CZ  . PHE A 1 142 ? 11.477  0.704   -6.360  1.00 13.85 ? 142 PHE A CZ  1 
ATOM   1112 N N   . LYS A 1 143 ? 9.420   6.226   -4.708  1.00 14.09 ? 143 LYS A N   1 
ATOM   1113 C CA  . LYS A 1 143 ? 9.620   7.190   -5.783  1.00 17.27 ? 143 LYS A CA  1 
ATOM   1114 C C   . LYS A 1 143 ? 10.820  6.764   -6.627  1.00 20.03 ? 143 LYS A C   1 
ATOM   1115 O O   . LYS A 1 143 ? 11.908  6.475   -6.164  1.00 19.94 ? 143 LYS A O   1 
ATOM   1116 C CB  . LYS A 1 143 ? 9.803   8.647   -5.368  1.00 18.37 ? 143 LYS A CB  1 
ATOM   1117 C CG  A LYS A 1 143 ? 10.154  9.634   -6.466  0.47 19.58 ? 143 LYS A CG  1 
ATOM   1118 C CG  B LYS A 1 143 ? 9.943   9.659   -6.495  0.53 19.97 ? 143 LYS A CG  1 
ATOM   1119 C CD  A LYS A 1 143 ? 8.894   10.066  -7.204  0.47 20.34 ? 143 LYS A CD  1 
ATOM   1120 C CD  B LYS A 1 143 ? 8.734   9.921   -7.365  0.53 20.90 ? 143 LYS A CD  1 
ATOM   1121 C CE  A LYS A 1 143 ? 9.238   11.029  -8.332  0.47 21.05 ? 143 LYS A CE  1 
ATOM   1122 C CE  B LYS A 1 143 ? 9.130   10.635  -8.659  0.53 21.53 ? 143 LYS A CE  1 
ATOM   1123 N NZ  A LYS A 1 143 ? 8.042   11.362  -9.153  0.47 21.60 ? 143 LYS A NZ  1 
ATOM   1124 N NZ  B LYS A 1 143 ? 9.897   9.739   -9.562  0.53 22.25 ? 143 LYS A NZ  1 
ATOM   1125 N N   . ASN A 1 144 ? 10.472  6.685   -7.892  1.00 24.04 ? 144 ASN A N   1 
ATOM   1126 C CA  . ASN A 1 144 ? 11.305  6.620   -9.031  1.00 27.56 ? 144 ASN A CA  1 
ATOM   1127 C C   . ASN A 1 144 ? 10.761  6.155   -10.332 1.00 28.10 ? 144 ASN A C   1 
ATOM   1128 O O   . ASN A 1 144 ? 10.179  5.134   -10.647 1.00 31.70 ? 144 ASN A O   1 
ATOM   1129 C CB  . ASN A 1 144 ? 12.782  6.258   -8.782  1.00 28.58 ? 144 ASN A CB  1 
ATOM   1130 C CG  . ASN A 1 144 ? 13.330  7.627   -9.266  1.00 28.55 ? 144 ASN A CG  1 
ATOM   1131 O OD1 . ASN A 1 144 ? 12.626  8.644   -9.166  1.00 28.29 ? 144 ASN A OD1 1 
ATOM   1132 N ND2 . ASN A 1 144 ? 14.510  7.580   -9.827  1.00 29.67 ? 144 ASN A ND2 1 
HETATM 1133 C C1  . NDG B 2 .   ? 23.094  14.026  -16.954 1.00 19.50 ? 1   NDG B C1  1 
HETATM 1134 C C2  . NDG B 2 .   ? 22.927  13.747  -15.470 1.00 21.61 ? 1   NDG B C2  1 
HETATM 1135 C C3  . NDG B 2 .   ? 24.237  14.200  -14.883 1.00 21.89 ? 1   NDG B C3  1 
HETATM 1136 C C4  . NDG B 2 .   ? 25.141  13.182  -15.566 1.00 21.98 ? 1   NDG B C4  1 
HETATM 1137 C C5  . NDG B 2 .   ? 25.479  13.967  -16.870 1.00 18.84 ? 1   NDG B C5  1 
HETATM 1138 C C6  . NDG B 2 .   ? 26.667  13.379  -17.505 1.00 17.88 ? 1   NDG B C6  1 
HETATM 1139 C C7  . NDG B 2 .   ? 20.741  13.945  -14.322 1.00 23.83 ? 1   NDG B C7  1 
HETATM 1140 C C8  . NDG B 2 .   ? 19.701  14.889  -13.851 1.00 24.23 ? 1   NDG B C8  1 
HETATM 1141 O O5  . NDG B 2 .   ? 24.312  13.569  -17.578 1.00 18.07 ? 1   NDG B O5  1 
HETATM 1142 O O3  . NDG B 2 .   ? 24.192  14.022  -13.472 1.00 24.69 ? 1   NDG B O3  1 
HETATM 1143 O O4  . NDG B 2 .   ? 26.221  12.570  -14.948 1.00 25.98 ? 1   NDG B O4  1 
HETATM 1144 O O6  . NDG B 2 .   ? 26.733  13.729  -18.901 1.00 17.49 ? 1   NDG B O6  1 
HETATM 1145 O O7  . NDG B 2 .   ? 20.704  12.811  -14.169 1.00 25.04 ? 1   NDG B O7  1 
HETATM 1146 N N2  . NDG B 2 .   ? 21.792  14.525  -14.964 1.00 22.21 ? 1   NDG B N2  1 
HETATM 1147 C C1  . GAL B 2 .   ? 24.250  14.744  -12.218 1.00 30.33 ? 2   GAL B C1  1 
HETATM 1148 C C2  . GAL B 2 .   ? 23.773  14.251  -10.879 1.00 31.91 ? 2   GAL B C2  1 
HETATM 1149 C C3  . GAL B 2 .   ? 23.393  15.360  -10.179 1.00 32.59 ? 2   GAL B C3  1 
HETATM 1150 C C4  . GAL B 2 .   ? 24.650  16.290  -9.921  1.00 32.77 ? 2   GAL B C4  1 
HETATM 1151 C C5  . GAL B 2 .   ? 25.113  16.780  -11.289 1.00 32.69 ? 2   GAL B C5  1 
HETATM 1152 C C6  . GAL B 2 .   ? 26.557  17.242  -11.125 1.00 33.34 ? 2   GAL B C6  1 
HETATM 1153 O O2  . GAL B 2 .   ? 22.607  13.459  -11.104 1.00 32.37 ? 2   GAL B O2  1 
HETATM 1154 O O3  . GAL B 2 .   ? 22.848  15.085  -8.810  1.00 34.10 ? 2   GAL B O3  1 
HETATM 1155 O O4  . GAL B 2 .   ? 25.711  15.484  -9.362  1.00 33.12 ? 2   GAL B O4  1 
HETATM 1156 O O5  . GAL B 2 .   ? 25.254  15.710  -12.223 1.00 31.61 ? 2   GAL B O5  1 
HETATM 1157 O O6  . GAL B 2 .   ? 26.736  18.505  -11.757 1.00 35.31 ? 2   GAL B O6  1 
HETATM 1158 C C1  . SIA B 2 .   ? 28.948  13.318  -19.600 1.00 19.66 ? 3   SIA B C1  1 
HETATM 1159 C C2  . SIA B 2 .   ? 27.577  13.304  -20.243 1.00 18.32 ? 3   SIA B C2  1 
HETATM 1160 C C3  . SIA B 2 .   ? 27.078  14.404  -21.180 1.00 16.88 ? 3   SIA B C3  1 
HETATM 1161 C C4  . SIA B 2 .   ? 27.402  13.726  -22.533 1.00 16.84 ? 3   SIA B C4  1 
HETATM 1162 C C5  . SIA B 2 .   ? 26.855  12.306  -22.605 1.00 16.04 ? 3   SIA B C5  1 
HETATM 1163 C C6  . SIA B 2 .   ? 27.214  11.417  -21.405 1.00 16.46 ? 3   SIA B C6  1 
HETATM 1164 C C7  . SIA B 2 .   ? 26.535  10.064  -21.389 1.00 17.05 ? 3   SIA B C7  1 
HETATM 1165 C C8  . SIA B 2 .   ? 26.814  9.175   -20.166 1.00 18.25 ? 3   SIA B C8  1 
HETATM 1166 C C9  . SIA B 2 .   ? 26.147  7.808   -20.228 1.00 19.44 ? 3   SIA B C9  1 
HETATM 1167 C C10 . SIA B 2 .   ? 26.477  11.012  -24.664 1.00 13.92 ? 3   SIA B C10 1 
HETATM 1168 C C11 . SIA B 2 .   ? 27.002  10.606  -26.002 1.00 14.87 ? 3   SIA B C11 1 
HETATM 1169 N N5  . SIA B 2 .   ? 27.301  11.712  -23.872 1.00 14.91 ? 3   SIA B N5  1 
HETATM 1170 O O1A . SIA B 2 .   ? 29.315  12.178  -19.109 1.00 20.63 ? 3   SIA B O1A 1 
HETATM 1171 O O1B . SIA B 2 .   ? 29.664  14.270  -19.672 1.00 22.22 ? 3   SIA B O1B 1 
HETATM 1172 O O4  . SIA B 2 .   ? 26.789  14.514  -23.568 1.00 21.87 ? 3   SIA B O4  1 
HETATM 1173 O O6  . SIA B 2 .   ? 26.827  12.118  -20.162 1.00 16.58 ? 3   SIA B O6  1 
HETATM 1174 O O7  . SIA B 2 .   ? 25.120  10.168  -21.566 1.00 16.86 ? 3   SIA B O7  1 
HETATM 1175 O O8  . SIA B 2 .   ? 28.246  9.052   -20.127 1.00 18.43 ? 3   SIA B O8  1 
HETATM 1176 O O9  . SIA B 2 .   ? 26.843  7.017   -21.185 1.00 22.57 ? 3   SIA B O9  1 
HETATM 1177 O O10 . SIA B 2 .   ? 25.303  10.778  -24.377 1.00 14.15 ? 3   SIA B O10 1 
HETATM 1178 O O   . HOH C 3 .   ? -6.436  8.359   0.266   1.00 10.24 ? 200 HOH A O   1 
HETATM 1179 O O   . HOH C 3 .   ? -7.934  0.675   -2.899  1.00 14.88 ? 201 HOH A O   1 
HETATM 1180 O O   . HOH C 3 .   ? 1.474   4.995   3.332   1.00 12.57 ? 202 HOH A O   1 
HETATM 1181 O O   . HOH C 3 .   ? -4.257  -13.642 3.544   1.00 17.38 ? 203 HOH A O   1 
HETATM 1182 O O   . HOH C 3 .   ? 2.909   -14.231 -5.396  1.00 15.10 ? 204 HOH A O   1 
HETATM 1183 O O   . HOH C 3 .   ? 4.566   -7.521  -7.696  1.00 18.98 ? 205 HOH A O   1 
HETATM 1184 O O   . HOH C 3 .   ? -2.208  11.037  6.228   1.00 17.42 ? 206 HOH A O   1 
HETATM 1185 O O   . HOH C 3 .   ? -6.634  -1.337  -4.369  1.00 13.46 ? 207 HOH A O   1 
HETATM 1186 O O   . HOH C 3 .   ? -9.004  11.116  -5.416  1.00 18.65 ? 208 HOH A O   1 
HETATM 1187 O O   . HOH C 3 .   ? 1.902   -3.669  13.618  1.00 15.78 ? 209 HOH A O   1 
HETATM 1188 O O   . HOH C 3 .   ? -2.064  -12.320 3.741   1.00 13.79 ? 210 HOH A O   1 
HETATM 1189 O O   . HOH C 3 .   ? 10.944  -5.431  8.520   1.00 24.26 ? 211 HOH A O   1 
HETATM 1190 O O   . HOH C 3 .   ? -5.508  8.790   15.040  1.00 12.83 ? 212 HOH A O   1 
HETATM 1191 O O   . HOH C 3 .   ? 3.075   5.290   0.000   1.00 18.24 ? 213 HOH A O   1 
HETATM 1192 O O   . HOH C 3 .   ? 6.368   -9.200  11.529  1.00 14.80 ? 214 HOH A O   1 
HETATM 1193 O O   . HOH C 3 .   ? 9.578   7.034   -1.886  1.00 25.18 ? 215 HOH A O   1 
HETATM 1194 O O   . HOH C 3 .   ? -0.732  -17.510 -1.976  1.00 28.76 ? 216 HOH A O   1 
HETATM 1195 O O   . HOH C 3 .   ? -15.778 4.408   1.276   1.00 20.08 ? 217 HOH A O   1 
HETATM 1196 O O   . HOH C 3 .   ? -6.336  -21.137 -6.323  1.00 16.44 ? 218 HOH A O   1 
HETATM 1197 O O   . HOH C 3 .   ? 1.750   7.206   -8.572  1.00 20.49 ? 219 HOH A O   1 
HETATM 1198 O O   . HOH C 3 .   ? 2.409   -8.845  -9.364  1.00 21.64 ? 220 HOH A O   1 
HETATM 1199 O O   . HOH C 3 .   ? -5.705  2.312   -13.231 1.00 30.67 ? 221 HOH A O   1 
HETATM 1200 O O   . HOH C 3 .   ? 7.810   5.209   -12.542 1.00 33.15 ? 222 HOH A O   1 
HETATM 1201 O O   . HOH C 3 .   ? -10.564 -10.738 3.790   1.00 28.82 ? 223 HOH A O   1 
HETATM 1202 O O   . HOH C 3 .   ? 7.954   -8.803  -7.812  1.00 32.62 ? 224 HOH A O   1 
HETATM 1203 O O   . HOH C 3 .   ? 7.089   -9.353  -10.482 1.00 26.03 ? 225 HOH A O   1 
HETATM 1204 O O   . HOH C 3 .   ? -10.175 1.015   -4.672  1.00 19.15 ? 226 HOH A O   1 
HETATM 1205 O O   . HOH C 3 .   ? 1.077   9.018   -6.262  1.00 26.82 ? 227 HOH A O   1 
HETATM 1206 O O   . HOH C 3 .   ? 17.469  8.996   0.662   1.00 29.68 ? 228 HOH A O   1 
HETATM 1207 O O   . HOH C 3 .   ? -1.095  2.175   14.413  1.00 30.73 ? 229 HOH A O   1 
HETATM 1208 O O   . HOH C 3 .   ? -16.774 1.976   -0.731  1.00 25.95 ? 230 HOH A O   1 
HETATM 1209 O O   . HOH C 3 .   ? 5.688   5.868   -0.729  1.00 22.21 ? 231 HOH A O   1 
HETATM 1210 O O   . HOH C 3 .   ? 5.953   6.347   -14.492 1.00 43.22 ? 233 HOH A O   1 
HETATM 1211 O O   . HOH C 3 .   ? -0.297  11.937  8.246   1.00 31.30 ? 234 HOH A O   1 
HETATM 1212 O O   . HOH C 3 .   ? -6.410  -14.327 -3.685  1.00 20.18 ? 235 HOH A O   1 
HETATM 1213 O O   . HOH C 3 .   ? -4.505  -3.105  16.382  1.00 27.00 ? 236 HOH A O   1 
HETATM 1214 O O   . HOH C 3 .   ? 3.703   -9.681  -11.798 1.00 35.71 ? 237 HOH A O   1 
HETATM 1215 O O   . HOH C 3 .   ? -11.231 -11.745 1.416   1.00 18.20 ? 238 HOH A O   1 
HETATM 1216 O O   . HOH C 3 .   ? 5.568   -16.780 -0.802  1.00 17.65 ? 239 HOH A O   1 
HETATM 1217 O O   . HOH C 3 .   ? 5.821   -5.848  -9.242  1.00 26.03 ? 240 HOH A O   1 
HETATM 1218 O O   . HOH C 3 .   ? 14.727  9.438   0.740   1.00 28.80 ? 241 HOH A O   1 
HETATM 1219 O O   . HOH C 3 .   ? 10.910  5.849   3.681   1.00 25.73 ? 242 HOH A O   1 
HETATM 1220 O O   . HOH C 3 .   ? -10.071 1.368   -7.502  1.00 27.39 ? 243 HOH A O   1 
HETATM 1221 O O   . HOH C 3 .   ? -13.388 -10.322 3.427   1.00 33.35 ? 244 HOH A O   1 
HETATM 1222 O O   . HOH C 3 .   ? -6.623  14.149  5.029   1.00 20.01 ? 245 HOH A O   1 
HETATM 1223 O O   . HOH C 3 .   ? -18.943 1.481   3.919   1.00 36.16 ? 246 HOH A O   1 
HETATM 1224 O O   . HOH C 3 .   ? 1.270   7.831   10.116  1.00 33.09 ? 247 HOH A O   1 
HETATM 1225 O O   . HOH C 3 .   ? -8.293  -3.297  -11.452 1.00 26.51 ? 248 HOH A O   1 
HETATM 1226 O O   . HOH C 3 .   ? -3.118  2.243   16.651  1.00 30.13 ? 249 HOH A O   1 
HETATM 1227 O O   . HOH C 3 .   ? 7.993   -11.517 -12.085 1.00 25.95 ? 250 HOH A O   1 
HETATM 1228 O O   . HOH C 3 .   ? -3.459  8.448   -9.747  1.00 27.02 ? 251 HOH A O   1 
HETATM 1229 O O   . HOH C 3 .   ? 12.724  -6.525  -7.083  1.00 24.80 ? 252 HOH A O   1 
HETATM 1230 O O   . HOH C 3 .   ? -10.554 4.336   -11.687 1.00 30.36 ? 253 HOH A O   1 
HETATM 1231 O O   . HOH C 3 .   ? -3.262  12.934  -1.307  1.00 26.95 ? 254 HOH A O   1 
HETATM 1232 O O   . HOH C 3 .   ? 5.682   -15.594 5.508   1.00 32.32 ? 257 HOH A O   1 
HETATM 1233 O O   . HOH C 3 .   ? -10.378 -6.188  -9.077  1.00 26.15 ? 258 HOH A O   1 
HETATM 1234 O O   . HOH C 3 .   ? -8.126  -10.614 12.528  1.00 34.88 ? 259 HOH A O   1 
HETATM 1235 O O   . HOH C 3 .   ? -15.482 3.204   13.300  1.00 28.37 ? 260 HOH A O   1 
HETATM 1236 O O   . HOH C 3 .   ? -8.312  -6.044  -11.065 1.00 35.19 ? 261 HOH A O   1 
HETATM 1237 O O   . HOH C 3 .   ? 5.260   -16.397 1.915   1.00 26.68 ? 262 HOH A O   1 
HETATM 1238 O O   . HOH C 3 .   ? 5.867   -9.710  -6.457  1.00 32.63 ? 263 HOH A O   1 
HETATM 1239 O O   . HOH C 3 .   ? -1.089  -20.729 -2.285  1.00 36.23 ? 264 HOH A O   1 
HETATM 1240 O O   . HOH C 3 .   ? 10.079  -0.188  -0.993  1.00 17.59 ? 265 HOH A O   1 
HETATM 1241 O O   . HOH C 3 .   ? -7.584  -18.951 -4.219  1.00 24.80 ? 266 HOH A O   1 
HETATM 1242 O O   . HOH C 3 .   ? -7.949  -17.105 -2.199  1.00 33.80 ? 268 HOH A O   1 
HETATM 1243 O O   . HOH C 3 .   ? -1.320  11.399  13.714  1.00 41.06 ? 270 HOH A O   1 
HETATM 1244 O O   . HOH C 3 .   ? 5.361   -5.864  15.080  1.00 32.03 ? 271 HOH A O   1 
HETATM 1245 O O   . HOH C 3 .   ? 6.987   -1.271  -15.200 1.00 29.38 ? 272 HOH A O   1 
HETATM 1246 O O   . HOH C 3 .   ? -4.680  -13.574 -7.378  1.00 27.80 ? 273 HOH A O   1 
HETATM 1247 O O   . HOH C 3 .   ? -19.393 -1.743  13.865  1.00 44.27 ? 276 HOH A O   1 
HETATM 1248 O O   . HOH C 3 .   ? -17.716 3.911   5.917   1.00 30.13 ? 277 HOH A O   1 
HETATM 1249 O O   . HOH C 3 .   ? -17.317 -5.119  1.042   1.00 24.94 ? 280 HOH A O   1 
HETATM 1250 O O   . HOH C 3 .   ? -2.952  -0.932  17.249  1.00 37.74 ? 281 HOH A O   1 
HETATM 1251 O O   . HOH C 3 .   ? 2.011   11.847  -6.402  1.00 34.94 ? 282 HOH A O   1 
HETATM 1252 O O   . HOH C 3 .   ? -11.068 3.095   19.308  1.00 32.55 ? 289 HOH A O   1 
HETATM 1253 O O   . HOH C 3 .   ? -6.653  12.365  8.482   1.00 27.18 ? 290 HOH A O   1 
HETATM 1254 O O   . HOH C 3 .   ? -11.643 -14.474 -2.270  1.00 36.13 ? 291 HOH A O   1 
HETATM 1255 O O   . HOH C 3 .   ? -10.176 -11.670 -6.036  1.00 35.54 ? 292 HOH A O   1 
HETATM 1256 O O   . HOH C 3 .   ? 13.245  4.728   -11.803 1.00 52.23 ? 297 HOH A O   1 
HETATM 1257 O O   . HOH C 3 .   ? -5.981  -21.069 -0.224  1.00 45.64 ? 301 HOH A O   1 
HETATM 1258 O O   . HOH C 3 .   ? 0.856   11.133  15.396  1.00 59.70 ? 303 HOH A O   1 
HETATM 1259 O O   . HOH C 3 .   ? -4.519  13.448  6.716   1.00 42.03 ? 304 HOH A O   1 
HETATM 1260 O O   . HOH C 3 .   ? -14.905 4.658   -3.308  1.00 38.80 ? 305 HOH A O   1 
HETATM 1261 O O   . HOH C 3 .   ? -9.942  -11.823 7.193   1.00 26.25 ? 306 HOH A O   1 
HETATM 1262 O O   . HOH C 3 .   ? 16.648  -4.681  -12.703 1.00 42.59 ? 307 HOH A O   1 
HETATM 1263 O O   . HOH C 3 .   ? -18.988 2.127   9.418   1.00 39.02 ? 312 HOH A O   1 
HETATM 1264 O O   . HOH C 3 .   ? 6.480   -14.587 8.120   1.00 38.00 ? 313 HOH A O   1 
HETATM 1265 O O   . HOH C 3 .   ? 1.757   10.055  8.625   1.00 44.82 ? 314 HOH A O   1 
HETATM 1266 O O   . HOH C 3 .   ? 7.555   8.341   0.481   1.00 64.21 ? 316 HOH A O   1 
HETATM 1267 O O   . HOH C 3 .   ? -14.139 -14.964 -0.871  1.00 34.42 ? 319 HOH A O   1 
HETATM 1268 O O   . HOH C 3 .   ? 13.097  6.294   -3.589  1.00 36.31 ? 321 HOH A O   1 
HETATM 1269 O O   . HOH C 3 .   ? 17.695  5.388   -0.067  1.00 50.01 ? 323 HOH A O   1 
HETATM 1270 O O   . HOH C 3 .   ? -21.689 -5.214  8.759   1.00 52.08 ? 324 HOH A O   1 
HETATM 1271 O O   . HOH C 3 .   ? -16.247 4.497   15.701  1.00 50.77 ? 325 HOH A O   1 
HETATM 1272 O O   . HOH C 3 .   ? -0.651  14.149  15.094  1.00 47.37 ? 326 HOH A O   1 
HETATM 1273 O O   . HOH C 3 .   ? 10.094  -3.177  -14.370 1.00 39.00 ? 327 HOH A O   1 
HETATM 1274 O O   . HOH C 3 .   ? 9.982   -4.079  14.668  1.00 45.05 ? 328 HOH A O   1 
HETATM 1275 O O   . HOH C 3 .   ? -17.357 6.059   7.717   1.00 53.49 ? 330 HOH A O   1 
HETATM 1276 O O   . HOH C 3 .   ? -0.222  12.868  -7.841  1.00 37.29 ? 331 HOH A O   1 
HETATM 1277 O O   . HOH C 3 .   ? 14.385  10.789  -9.126  1.00 53.29 ? 332 HOH A O   1 
HETATM 1278 O O   . HOH C 3 .   ? -4.815  -0.366  -13.978 1.00 59.37 ? 333 HOH A O   1 
HETATM 1279 O O   . HOH C 3 .   ? -6.500  -13.616 6.281   1.00 36.25 ? 334 HOH A O   1 
HETATM 1280 O O   . HOH C 3 .   ? 6.237   -11.497 -14.144 1.00 46.68 ? 336 HOH A O   1 
HETATM 1281 O O   . HOH C 3 .   ? 10.256  -9.850  2.749   1.00 16.18 ? 337 HOH A O   1 
HETATM 1282 O O   . HOH C 3 .   ? -9.988  10.299  9.337   1.00 18.33 ? 340 HOH A O   1 
HETATM 1283 O O   . HOH C 3 .   ? 9.810   -7.592  -1.635  1.00 59.59 ? 343 HOH A O   1 
HETATM 1284 O O   . HOH C 3 .   ? 3.329   -0.962  -15.046 1.00 36.50 ? 344 HOH A O   1 
HETATM 1285 O O   . HOH C 3 .   ? 7.035   10.941  -2.261  1.00 47.36 ? 346 HOH A O   1 
HETATM 1286 O O   . HOH C 3 .   ? -10.441 -3.602  19.383  1.00 39.19 ? 349 HOH A O   1 
HETATM 1287 O O   . HOH C 3 .   ? 1.661   -10.385 16.136  1.00 40.78 ? 350 HOH A O   1 
HETATM 1288 O O   . HOH C 3 .   ? -19.223 -6.322  7.678   1.00 56.98 ? 354 HOH A O   1 
HETATM 1289 O O   . HOH C 3 .   ? -6.262  -10.973 16.893  1.00 58.36 ? 355 HOH A O   1 
HETATM 1290 O O   . HOH C 3 .   ? 21.835  10.741  -18.433 1.00 41.89 ? 356 HOH A O   1 
HETATM 1291 O O   . HOH C 3 .   ? -16.019 -15.034 -2.623  1.00 51.11 ? 362 HOH A O   1 
HETATM 1292 O O   . HOH C 3 .   ? 1.697   2.173   -15.902 1.00 51.56 ? 367 HOH A O   1 
HETATM 1293 O O   . HOH C 3 .   ? -21.508 -0.289  5.419   1.00 46.79 ? 369 HOH A O   1 
HETATM 1294 O O   . HOH C 3 .   ? -18.177 -1.405  -7.110  1.00 57.35 ? 373 HOH A O   1 
HETATM 1295 O O   . HOH C 3 .   ? -13.531 6.630   10.552  1.00 24.93 ? 374 HOH A O   1 
HETATM 1296 O O   . HOH C 3 .   ? -4.774  -18.230 1.339   1.00 25.68 ? 375 HOH A O   1 
HETATM 1297 O O   . HOH C 3 .   ? 23.747  12.019  -19.928 1.00 25.68 ? 376 HOH A O   1 
HETATM 1298 O O   . HOH C 3 .   ? 28.352  16.933  -18.435 1.00 32.22 ? 378 HOH A O   1 
HETATM 1299 O O   . HOH C 3 .   ? 25.707  10.531  -12.962 1.00 31.06 ? 380 HOH A O   1 
HETATM 1300 O O   . HOH C 3 .   ? -14.546 6.438   -5.895  1.00 44.11 ? 381 HOH A O   1 
HETATM 1301 O O   . HOH C 3 .   ? -14.057 3.726   -5.763  1.00 35.00 ? 383 HOH A O   1 
HETATM 1302 O O   . HOH C 3 .   ? -12.488 9.464   10.105  1.00 38.94 ? 385 HOH A O   1 
HETATM 1303 O O   . HOH C 3 .   ? 24.006  21.517  -12.873 1.00 52.88 ? 386 HOH A O   1 
HETATM 1304 O O   . HOH C 3 .   ? -10.221 12.403  19.762  1.00 38.24 ? 389 HOH A O   1 
HETATM 1305 O O   . HOH C 3 .   ? -11.907 11.504  16.336  1.00 39.10 ? 391 HOH A O   1 
HETATM 1306 O O   . HOH C 3 .   ? -12.383 -9.532  9.586   1.00 55.75 ? 397 HOH A O   1 
HETATM 1307 O O   . HOH C 3 .   ? -15.495 -2.111  -6.623  1.00 49.76 ? 401 HOH A O   1 
HETATM 1308 O O   . HOH C 3 .   ? -17.716 -7.577  9.762   1.00 64.93 ? 402 HOH A O   1 
HETATM 1309 O O   . HOH C 3 .   ? -18.046 -4.741  12.039  1.00 61.68 ? 403 HOH A O   1 
HETATM 1310 O O   . HOH C 3 .   ? -10.569 1.907   21.856  1.00 67.88 ? 404 HOH A O   1 
HETATM 1311 O O   . HOH C 3 .   ? -14.311 1.282   21.150  1.00 47.76 ? 409 HOH A O   1 
HETATM 1312 O O   . HOH C 3 .   ? 14.628  4.970   -6.192  1.00 47.02 ? 410 HOH A O   1 
# 
